data_5YTO
#
_entry.id   5YTO
#
_cell.length_a   243.941
_cell.length_b   243.941
_cell.length_c   144.775
_cell.angle_alpha   90.00
_cell.angle_beta   90.00
_cell.angle_gamma   120.00
#
_symmetry.space_group_name_H-M   'P 63 2 2'
#
loop_
_entity.id
_entity.type
_entity.pdbx_description
1 polymer 'Superoxide dismutase [Cu-Zn]'
2 non-polymer 'ZINC ION'
3 non-polymer GLYCEROL
4 non-polymer 4-[(1~{R})-2-(naphthalen-2-ylmethylamino)-1-oxidanyl-ethyl]benzene-1,2-diol
5 non-polymer PENTASULFIDE-SULFUR
6 water water
#
_entity_poly.entity_id   1
_entity_poly.type   'polypeptide(L)'
_entity_poly.pdbx_seq_one_letter_code
;MKHHHHHHPMSDYDIPTTENLYFQGAMATKAVCVLKGDGPVQGIINFEQKESNGPVKVWGSIKGLTEGLHGFHVHEFGDN
TAGCTSAGPHFNPLSRKHGGPKDEERHVGDLGNVTADKDGVADVSIEDSVISLSGDHCIIGRTLVVHEKADDLGKGGNEE
STKTGNAGSRLACGVIGIAQ
;
_entity_poly.pdbx_strand_id   A,B,C,D,E,F,G,H,I,J
#
loop_
_chem_comp.id
_chem_comp.type
_chem_comp.name
_chem_comp.formula
946 non-polymer 4-[(1~{R})-2-(naphthalen-2-ylmethylamino)-1-oxidanyl-ethyl]benzene-1,2-diol 'C19 H19 N O3'
GOL non-polymer GLYCEROL 'C3 H8 O3'
PS5 non-polymer PENTASULFIDE-SULFUR 'S5 -2'
ZN non-polymer 'ZINC ION' 'Zn 2'
#
# COMPACT_ATOMS: atom_id res chain seq x y z
N ALA A 26 4.64 18.89 -19.51
CA ALA A 26 4.64 19.18 -20.96
C ALA A 26 5.15 18.00 -21.80
N MET A 27 5.32 16.84 -21.14
CA MET A 27 6.11 15.67 -21.61
C MET A 27 5.35 14.53 -22.36
N ALA A 28 4.13 14.19 -21.93
CA ALA A 28 3.38 13.16 -22.70
C ALA A 28 2.96 13.73 -24.06
N THR A 29 3.31 13.03 -25.12
CA THR A 29 2.80 13.40 -26.45
C THR A 29 1.79 12.38 -26.96
N LYS A 30 1.71 11.19 -26.33
CA LYS A 30 0.73 10.17 -26.81
C LYS A 30 0.01 9.56 -25.60
N ALA A 31 -1.25 9.22 -25.79
CA ALA A 31 -2.03 8.54 -24.78
C ALA A 31 -2.97 7.55 -25.49
N VAL A 32 -3.57 6.65 -24.71
CA VAL A 32 -4.43 5.58 -25.26
C VAL A 32 -5.51 5.22 -24.26
N CYS A 33 -6.67 4.77 -24.74
CA CYS A 33 -7.69 4.40 -23.80
C CYS A 33 -8.41 3.17 -24.35
N VAL A 34 -8.55 2.12 -23.54
CA VAL A 34 -9.28 0.90 -23.95
C VAL A 34 -10.65 1.03 -23.31
N LEU A 35 -11.67 1.14 -24.16
CA LEU A 35 -13.06 1.27 -23.65
C LEU A 35 -13.70 -0.10 -23.50
N LYS A 36 -14.33 -0.34 -22.35
CA LYS A 36 -15.08 -1.58 -22.12
C LYS A 36 -16.29 -1.27 -21.27
N GLY A 37 -17.30 -2.16 -21.29
CA GLY A 37 -18.48 -1.89 -20.47
C GLY A 37 -19.23 -3.20 -20.19
N ASP A 38 -20.47 -3.10 -19.73
CA ASP A 38 -21.26 -4.29 -19.40
C ASP A 38 -21.89 -4.96 -20.64
N GLY A 39 -22.08 -4.18 -21.71
CA GLY A 39 -22.64 -4.68 -22.99
C GLY A 39 -21.56 -4.97 -23.99
N PRO A 40 -21.88 -4.89 -25.30
CA PRO A 40 -20.95 -5.27 -26.38
C PRO A 40 -20.03 -4.11 -26.79
N VAL A 41 -20.17 -2.94 -26.20
CA VAL A 41 -19.44 -1.78 -26.73
C VAL A 41 -17.96 -1.85 -26.29
N GLN A 42 -17.07 -1.77 -27.25
CA GLN A 42 -15.64 -1.76 -26.92
C GLN A 42 -14.84 -1.05 -27.95
N GLY A 43 -13.74 -0.47 -27.54
CA GLY A 43 -12.93 0.22 -28.53
C GLY A 43 -11.58 0.60 -28.01
N ILE A 44 -10.76 1.09 -28.91
CA ILE A 44 -9.45 1.63 -28.56
C ILE A 44 -9.42 3.04 -29.13
N ILE A 45 -9.14 4.03 -28.27
CA ILE A 45 -9.00 5.42 -28.72
C ILE A 45 -7.55 5.90 -28.44
N ASN A 46 -6.93 6.50 -29.46
CA ASN A 46 -5.58 7.09 -29.38
C ASN A 46 -5.63 8.58 -29.28
N PHE A 47 -4.61 9.17 -28.62
CA PHE A 47 -4.57 10.61 -28.47
C PHE A 47 -3.16 10.98 -28.84
N GLU A 48 -3.00 12.08 -29.59
CA GLU A 48 -1.62 12.51 -29.93
C GLU A 48 -1.55 14.01 -29.86
N GLN A 49 -0.52 14.53 -29.17
CA GLN A 49 -0.38 15.98 -29.06
C GLN A 49 1.10 16.29 -29.29
N LYS A 50 1.45 16.59 -30.53
CA LYS A 50 2.86 16.84 -30.89
C LYS A 50 3.46 18.08 -30.22
N GLU A 51 2.65 19.11 -29.96
CA GLU A 51 3.14 20.31 -29.27
C GLU A 51 2.32 20.54 -28.04
N SER A 52 2.97 20.78 -26.90
CA SER A 52 2.24 21.00 -25.66
C SER A 52 1.24 22.13 -25.71
N ASN A 53 1.46 23.13 -26.57
CA ASN A 53 0.47 24.20 -26.71
C ASN A 53 -0.33 24.14 -28.00
N GLY A 54 -0.35 22.96 -28.61
CA GLY A 54 -1.15 22.68 -29.79
C GLY A 54 -2.32 21.72 -29.51
N PRO A 55 -3.09 21.43 -30.57
CA PRO A 55 -4.27 20.60 -30.41
C PRO A 55 -3.95 19.12 -30.15
N VAL A 56 -4.96 18.39 -29.64
CA VAL A 56 -4.87 16.92 -29.48
C VAL A 56 -5.70 16.25 -30.56
N LYS A 57 -5.06 15.39 -31.35
CA LYS A 57 -5.78 14.49 -32.25
C LYS A 57 -6.27 13.27 -31.50
N VAL A 58 -7.54 12.90 -31.74
CA VAL A 58 -8.14 11.78 -31.01
C VAL A 58 -8.69 10.84 -32.08
N TRP A 59 -8.28 9.58 -32.11
CA TRP A 59 -8.83 8.70 -33.19
C TRP A 59 -8.83 7.24 -32.77
N GLY A 60 -9.65 6.43 -33.44
CA GLY A 60 -9.67 5.02 -33.11
C GLY A 60 -10.99 4.45 -33.56
N SER A 61 -11.34 3.30 -33.05
CA SER A 61 -12.54 2.63 -33.50
C SER A 61 -13.28 2.10 -32.31
N ILE A 62 -14.61 2.20 -32.29
CA ILE A 62 -15.42 1.74 -31.16
C ILE A 62 -16.48 0.88 -31.87
N LYS A 63 -16.61 -0.38 -31.48
CA LYS A 63 -17.62 -1.26 -32.12
C LYS A 63 -18.74 -1.62 -31.15
N GLY A 64 -19.81 -2.29 -31.65
CA GLY A 64 -20.93 -2.63 -30.79
C GLY A 64 -21.95 -1.55 -30.46
N LEU A 65 -21.92 -0.44 -31.20
CA LEU A 65 -22.81 0.68 -30.96
C LEU A 65 -24.06 0.60 -31.88
N THR A 66 -25.18 1.12 -31.42
CA THR A 66 -26.35 1.34 -32.31
C THR A 66 -25.98 2.44 -33.33
N GLU A 67 -26.49 2.31 -34.55
CA GLU A 67 -26.17 3.26 -35.61
C GLU A 67 -26.61 4.64 -35.19
N GLY A 68 -25.80 5.68 -35.46
CA GLY A 68 -26.18 7.08 -35.11
C GLY A 68 -25.23 7.72 -34.09
N LEU A 69 -25.66 8.81 -33.48
CA LEU A 69 -24.81 9.66 -32.64
C LEU A 69 -24.73 9.15 -31.18
N HIS A 70 -23.54 9.25 -30.58
CA HIS A 70 -23.30 8.83 -29.20
C HIS A 70 -22.40 9.87 -28.54
N GLY A 71 -22.82 10.36 -27.36
CA GLY A 71 -22.07 11.36 -26.61
C GLY A 71 -20.67 10.79 -26.30
N PHE A 72 -19.64 11.65 -26.26
CA PHE A 72 -18.25 11.13 -26.18
C PHE A 72 -17.56 12.15 -25.32
N HIS A 73 -17.27 11.82 -24.06
CA HIS A 73 -16.85 12.83 -23.09
C HIS A 73 -15.71 12.34 -22.21
N VAL A 74 -14.89 13.27 -21.74
CA VAL A 74 -13.93 12.90 -20.67
C VAL A 74 -14.56 13.29 -19.36
N HIS A 75 -14.75 12.30 -18.48
CA HIS A 75 -15.25 12.47 -17.15
C HIS A 75 -14.10 12.68 -16.15
N GLU A 76 -14.40 13.28 -15.01
CA GLU A 76 -13.37 13.85 -14.14
C GLU A 76 -12.40 12.79 -13.54
N PHE A 77 -12.93 11.66 -13.08
CA PHE A 77 -12.09 10.70 -12.29
C PHE A 77 -11.73 9.48 -13.08
N GLY A 78 -10.49 9.01 -12.94
CA GLY A 78 -10.07 7.77 -13.59
C GLY A 78 -10.37 6.64 -12.62
N ASP A 79 -11.58 6.57 -12.10
CA ASP A 79 -11.91 5.61 -11.04
C ASP A 79 -12.96 4.69 -11.66
N ASN A 80 -12.59 3.44 -11.89
CA ASN A 80 -13.47 2.43 -12.49
C ASN A 80 -13.92 1.41 -11.45
N THR A 81 -13.88 1.75 -10.17
CA THR A 81 -14.24 0.74 -9.13
C THR A 81 -15.72 0.41 -9.15
N ALA A 82 -16.51 1.33 -9.69
CA ALA A 82 -17.96 1.04 -9.89
C ALA A 82 -18.23 1.08 -11.40
N GLY A 83 -17.32 0.54 -12.20
CA GLY A 83 -17.42 0.67 -13.66
C GLY A 83 -17.46 2.15 -14.07
N CYS A 84 -18.26 2.48 -15.11
CA CYS A 84 -18.24 3.86 -15.61
C CYS A 84 -18.85 4.88 -14.64
N THR A 85 -19.72 4.41 -13.76
CA THR A 85 -20.40 5.30 -12.78
C THR A 85 -19.45 6.07 -11.83
N SER A 86 -18.39 5.41 -11.37
CA SER A 86 -17.42 6.09 -10.47
C SER A 86 -16.55 7.13 -11.11
N ALA A 87 -16.61 7.27 -12.45
CA ALA A 87 -15.89 8.36 -13.13
C ALA A 87 -16.44 9.76 -12.84
N GLY A 88 -17.65 9.85 -12.25
CA GLY A 88 -18.20 11.16 -11.80
C GLY A 88 -18.66 11.97 -13.03
N PRO A 89 -18.74 13.29 -12.93
CA PRO A 89 -19.28 14.13 -14.01
C PRO A 89 -18.24 14.49 -15.06
N HIS A 90 -18.66 15.28 -16.06
CA HIS A 90 -17.74 15.68 -17.17
C HIS A 90 -16.63 16.46 -16.53
N PHE A 91 -15.40 16.29 -17.03
CA PHE A 91 -14.26 17.01 -16.49
C PHE A 91 -14.48 18.49 -16.82
N ASN A 92 -14.49 19.32 -15.79
CA ASN A 92 -14.96 20.71 -15.94
C ASN A 92 -14.20 21.60 -14.95
N PRO A 93 -12.87 21.71 -15.08
CA PRO A 93 -12.09 22.48 -14.11
C PRO A 93 -12.41 23.97 -14.15
N LEU A 94 -12.99 24.48 -15.25
CA LEU A 94 -13.35 25.94 -15.33
C LEU A 94 -14.77 26.22 -14.88
N SER A 95 -15.50 25.19 -14.47
CA SER A 95 -16.84 25.34 -13.90
C SER A 95 -17.78 26.02 -14.88
N ARG A 96 -17.75 25.57 -16.12
CA ARG A 96 -18.66 26.08 -17.13
C ARG A 96 -19.88 25.19 -17.27
N LYS A 97 -20.81 25.63 -18.14
CA LYS A 97 -21.95 24.77 -18.45
C LYS A 97 -21.57 23.88 -19.64
N HIS A 98 -22.30 22.79 -19.80
CA HIS A 98 -22.09 21.84 -20.88
C HIS A 98 -22.35 22.50 -22.24
N GLY A 99 -21.51 22.17 -23.22
CA GLY A 99 -21.63 22.66 -24.59
C GLY A 99 -21.10 21.62 -25.57
N GLY A 100 -21.02 22.01 -26.86
CA GLY A 100 -20.38 21.18 -27.86
C GLY A 100 -18.94 21.65 -27.93
N PRO A 101 -18.06 20.88 -28.60
CA PRO A 101 -16.62 21.18 -28.54
C PRO A 101 -16.32 22.50 -29.19
N LYS A 102 -17.16 22.93 -30.14
CA LYS A 102 -16.88 24.21 -30.82
C LYS A 102 -17.37 25.41 -30.03
N ASP A 103 -18.12 25.23 -28.96
CA ASP A 103 -18.60 26.33 -28.12
C ASP A 103 -17.54 26.92 -27.22
N GLU A 104 -17.58 28.23 -27.00
CA GLU A 104 -16.78 28.83 -25.93
C GLU A 104 -17.27 28.33 -24.59
N GLU A 105 -18.57 28.27 -24.40
CA GLU A 105 -19.10 27.79 -23.14
C GLU A 105 -19.21 26.24 -23.19
N ARG A 106 -18.21 25.54 -22.63
CA ARG A 106 -18.23 24.06 -22.66
C ARG A 106 -17.41 23.55 -21.46
N HIS A 107 -17.60 22.28 -21.13
CA HIS A 107 -16.65 21.61 -20.22
C HIS A 107 -15.35 21.28 -20.97
N VAL A 108 -14.23 21.14 -20.26
CA VAL A 108 -13.01 20.75 -20.97
C VAL A 108 -13.26 19.34 -21.57
N GLY A 109 -14.00 18.51 -20.86
CA GLY A 109 -14.27 17.13 -21.30
C GLY A 109 -15.35 16.99 -22.39
N ASP A 110 -15.89 18.11 -22.89
CA ASP A 110 -16.94 18.08 -23.95
C ASP A 110 -16.41 17.81 -25.35
N LEU A 111 -16.26 16.54 -25.71
CA LEU A 111 -15.80 16.20 -27.03
C LEU A 111 -16.95 15.95 -28.04
N GLY A 112 -18.21 16.23 -27.66
CA GLY A 112 -19.31 16.18 -28.69
C GLY A 112 -19.80 14.75 -28.86
N ASN A 113 -20.12 14.40 -30.10
CA ASN A 113 -20.59 13.08 -30.42
C ASN A 113 -19.64 12.36 -31.35
N VAL A 114 -19.75 11.03 -31.34
CA VAL A 114 -19.19 10.20 -32.38
C VAL A 114 -20.35 9.47 -33.09
N THR A 115 -20.11 9.09 -34.32
CA THR A 115 -21.18 8.52 -35.17
C THR A 115 -20.86 7.09 -35.53
N ALA A 116 -21.76 6.18 -35.18
CA ALA A 116 -21.56 4.79 -35.52
C ALA A 116 -22.32 4.56 -36.86
N ASP A 117 -21.69 3.79 -37.74
CA ASP A 117 -22.22 3.45 -39.06
C ASP A 117 -23.20 2.28 -38.95
N LYS A 118 -23.67 1.77 -40.09
CA LYS A 118 -24.73 0.75 -40.02
C LYS A 118 -24.25 -0.59 -39.49
N ASP A 119 -22.93 -0.82 -39.50
CA ASP A 119 -22.32 -2.00 -38.91
C ASP A 119 -21.93 -1.86 -37.41
N GLY A 120 -22.31 -0.77 -36.80
CA GLY A 120 -22.14 -0.63 -35.36
C GLY A 120 -20.83 0.02 -34.97
N VAL A 121 -20.09 0.53 -35.96
CA VAL A 121 -18.70 1.01 -35.77
C VAL A 121 -18.62 2.53 -35.86
N ALA A 122 -18.02 3.16 -34.84
CA ALA A 122 -17.68 4.57 -34.92
C ALA A 122 -16.18 4.66 -35.19
N ASP A 123 -15.81 5.17 -36.37
CA ASP A 123 -14.38 5.43 -36.70
C ASP A 123 -14.07 6.85 -36.32
N VAL A 124 -13.62 6.98 -35.08
CA VAL A 124 -13.56 8.28 -34.43
C VAL A 124 -12.42 9.05 -35.05
N SER A 125 -12.65 10.34 -35.30
CA SER A 125 -11.62 11.24 -35.72
C SER A 125 -11.97 12.66 -35.28
N ILE A 126 -11.26 13.17 -34.26
CA ILE A 126 -11.60 14.43 -33.64
C ILE A 126 -10.25 15.17 -33.44
N GLU A 127 -10.27 16.49 -33.57
CA GLU A 127 -9.14 17.31 -33.13
C GLU A 127 -9.66 18.38 -32.19
N ASP A 128 -9.05 18.52 -31.02
CA ASP A 128 -9.62 19.38 -30.04
C ASP A 128 -8.50 20.25 -29.44
N SER A 129 -8.77 21.54 -29.19
CA SER A 129 -7.73 22.44 -28.68
CA SER A 129 -7.71 22.41 -28.67
C SER A 129 -7.97 22.82 -27.24
N VAL A 130 -8.98 22.24 -26.64
CA VAL A 130 -9.28 22.61 -25.29
C VAL A 130 -8.71 21.52 -24.33
N ILE A 131 -8.93 20.25 -24.66
CA ILE A 131 -8.23 19.16 -23.87
C ILE A 131 -6.71 19.24 -24.08
N SER A 132 -5.93 18.66 -23.14
CA SER A 132 -4.49 18.59 -23.38
C SER A 132 -3.98 17.28 -22.76
N LEU A 133 -2.81 16.86 -23.14
CA LEU A 133 -2.14 15.73 -22.46
C LEU A 133 -1.09 16.18 -21.44
N SER A 134 -1.06 17.45 -21.14
CA SER A 134 -0.23 18.01 -20.04
C SER A 134 -0.83 19.28 -19.47
N GLY A 135 -0.31 19.76 -18.32
CA GLY A 135 -0.85 20.92 -17.57
C GLY A 135 -2.27 20.76 -17.00
N ASP A 136 -2.99 21.86 -16.81
CA ASP A 136 -4.22 21.82 -16.00
C ASP A 136 -5.42 21.21 -16.74
N HIS A 137 -5.44 21.29 -18.07
CA HIS A 137 -6.52 20.59 -18.80
C HIS A 137 -6.10 19.16 -19.17
N CYS A 138 -5.10 18.61 -18.45
CA CYS A 138 -4.52 17.30 -18.79
C CYS A 138 -5.60 16.27 -18.51
N ILE A 139 -5.82 15.38 -19.48
CA ILE A 139 -6.85 14.36 -19.33
C ILE A 139 -6.27 12.97 -19.04
N ILE A 140 -4.94 12.88 -18.97
N ILE A 140 -4.95 12.83 -19.03
CA ILE A 140 -4.24 11.64 -18.54
CA ILE A 140 -4.35 11.53 -18.69
C ILE A 140 -4.74 11.22 -17.16
C ILE A 140 -4.71 11.21 -17.25
N GLY A 141 -5.11 9.96 -17.00
CA GLY A 141 -5.59 9.53 -15.67
C GLY A 141 -7.07 9.76 -15.44
N ARG A 142 -7.74 10.37 -16.42
CA ARG A 142 -9.22 10.62 -16.27
C ARG A 142 -9.92 9.58 -17.16
N THR A 143 -11.24 9.65 -17.27
CA THR A 143 -11.96 8.53 -17.88
C THR A 143 -12.67 9.01 -19.12
N LEU A 144 -12.49 8.31 -20.25
CA LEU A 144 -13.23 8.58 -21.48
C LEU A 144 -14.45 7.68 -21.51
N VAL A 145 -15.63 8.24 -21.80
CA VAL A 145 -16.89 7.44 -21.79
C VAL A 145 -17.64 7.65 -23.13
N VAL A 146 -18.16 6.58 -23.71
CA VAL A 146 -19.05 6.71 -24.85
C VAL A 146 -20.46 6.41 -24.31
N HIS A 147 -21.40 7.26 -24.70
CA HIS A 147 -22.75 7.28 -24.11
C HIS A 147 -23.81 6.64 -25.03
N GLU A 148 -24.96 6.36 -24.44
CA GLU A 148 -26.07 5.65 -25.05
C GLU A 148 -26.70 6.45 -26.19
N LYS A 149 -26.84 7.75 -26.02
CA LYS A 149 -27.59 8.57 -26.99
C LYS A 149 -26.79 9.77 -27.45
N ALA A 150 -27.37 10.58 -28.35
CA ALA A 150 -26.69 11.81 -28.82
C ALA A 150 -26.55 12.80 -27.68
N ASP A 151 -25.42 13.50 -27.65
CA ASP A 151 -25.20 14.68 -26.85
C ASP A 151 -25.91 15.84 -27.63
N ASP A 152 -26.83 16.55 -26.96
CA ASP A 152 -27.59 17.65 -27.60
C ASP A 152 -26.81 18.96 -27.53
N LEU A 153 -25.58 18.89 -27.01
CA LEU A 153 -24.64 20.03 -27.05
C LEU A 153 -25.12 21.26 -26.33
N GLY A 154 -25.97 21.05 -25.34
CA GLY A 154 -26.37 22.17 -24.53
C GLY A 154 -27.66 22.85 -25.04
N LYS A 155 -28.28 22.27 -26.06
CA LYS A 155 -29.34 22.99 -26.79
C LYS A 155 -30.70 22.31 -26.64
N GLY A 156 -30.86 21.55 -25.56
CA GLY A 156 -32.03 20.75 -25.41
C GLY A 156 -33.13 21.43 -24.56
N GLY A 157 -32.86 22.60 -24.03
CA GLY A 157 -33.88 23.38 -23.30
C GLY A 157 -34.32 22.82 -21.94
N ASN A 158 -33.50 21.96 -21.32
CA ASN A 158 -33.73 21.51 -19.93
C ASN A 158 -32.39 21.58 -19.12
N GLU A 159 -32.43 21.39 -17.81
CA GLU A 159 -31.16 21.61 -17.11
C GLU A 159 -30.19 20.45 -17.35
N GLU A 160 -30.71 19.26 -17.63
CA GLU A 160 -29.85 18.12 -17.93
C GLU A 160 -29.05 18.39 -19.19
N SER A 161 -29.65 19.14 -20.12
CA SER A 161 -28.93 19.58 -21.29
C SER A 161 -27.67 20.41 -20.98
N THR A 162 -27.72 21.34 -20.02
CA THR A 162 -26.51 22.12 -19.74
C THR A 162 -25.57 21.45 -18.67
N LYS A 163 -25.84 20.20 -18.35
CA LYS A 163 -25.01 19.38 -17.44
C LYS A 163 -24.33 18.24 -18.21
N THR A 164 -25.13 17.41 -18.92
CA THR A 164 -24.62 16.20 -19.57
C THR A 164 -24.99 16.14 -21.06
N GLY A 165 -25.84 17.05 -21.53
CA GLY A 165 -26.23 17.02 -22.93
C GLY A 165 -27.29 15.99 -23.23
N ASN A 166 -27.86 15.42 -22.17
CA ASN A 166 -28.88 14.36 -22.33
C ASN A 166 -28.38 13.11 -23.08
N ALA A 167 -27.08 12.79 -22.99
CA ALA A 167 -26.53 11.66 -23.75
C ALA A 167 -26.84 10.31 -23.13
N GLY A 168 -27.49 10.34 -21.97
CA GLY A 168 -27.96 9.14 -21.28
C GLY A 168 -26.83 8.28 -20.71
N SER A 169 -27.05 6.98 -20.72
CA SER A 169 -26.26 6.09 -19.87
C SER A 169 -24.83 5.87 -20.43
N ARG A 170 -23.93 5.37 -19.56
CA ARG A 170 -22.55 5.20 -19.95
C ARG A 170 -22.37 3.78 -20.52
N LEU A 171 -22.12 3.64 -21.80
CA LEU A 171 -22.06 2.29 -22.39
C LEU A 171 -20.71 1.62 -22.18
N ALA A 172 -19.63 2.41 -22.26
CA ALA A 172 -18.26 1.82 -22.09
C ALA A 172 -17.32 2.95 -21.69
N CYS A 173 -16.21 2.59 -21.06
CA CYS A 173 -15.28 3.64 -20.65
C CYS A 173 -13.94 3.03 -20.38
N GLY A 174 -12.94 3.90 -20.20
CA GLY A 174 -11.60 3.42 -19.80
C GLY A 174 -10.84 4.58 -19.23
N VAL A 175 -9.76 4.25 -18.52
CA VAL A 175 -8.87 5.32 -18.00
C VAL A 175 -7.90 5.67 -19.11
N ILE A 176 -7.64 6.95 -19.28
CA ILE A 176 -6.73 7.39 -20.32
C ILE A 176 -5.29 7.26 -19.82
N GLY A 177 -4.47 6.51 -20.55
CA GLY A 177 -3.11 6.12 -20.04
C GLY A 177 -2.05 6.69 -20.96
N ILE A 178 -0.83 6.91 -20.40
CA ILE A 178 0.32 7.33 -21.18
C ILE A 178 0.73 6.24 -22.15
N ALA A 179 0.98 6.60 -23.42
CA ALA A 179 1.34 5.60 -24.42
C ALA A 179 2.73 5.86 -24.97
N GLN A 180 3.31 4.83 -25.58
CA GLN A 180 4.67 4.92 -26.15
C GLN A 180 4.68 5.68 -27.46
N MET B 27 -3.46 19.83 -7.87
CA MET B 27 -2.58 18.62 -7.86
C MET B 27 -3.34 17.44 -7.20
N ALA B 28 -3.22 16.25 -7.79
CA ALA B 28 -3.89 15.04 -7.29
C ALA B 28 -3.34 14.60 -5.95
N THR B 29 -4.23 14.28 -5.01
CA THR B 29 -3.74 13.73 -3.76
C THR B 29 -4.19 12.28 -3.63
N LYS B 30 -5.06 11.82 -4.51
CA LYS B 30 -5.54 10.44 -4.46
C LYS B 30 -5.64 9.84 -5.84
N ALA B 31 -5.36 8.55 -5.92
CA ALA B 31 -5.48 7.83 -7.19
C ALA B 31 -5.98 6.43 -6.88
N VAL B 32 -6.41 5.72 -7.92
CA VAL B 32 -6.98 4.38 -7.73
C VAL B 32 -6.69 3.53 -9.01
N CYS B 33 -6.65 2.24 -8.83
CA CYS B 33 -6.36 1.33 -9.92
C CYS B 33 -7.18 0.08 -9.74
N VAL B 34 -7.90 -0.31 -10.78
CA VAL B 34 -8.64 -1.56 -10.75
C VAL B 34 -7.83 -2.60 -11.52
N LEU B 35 -7.41 -3.68 -10.83
CA LEU B 35 -6.54 -4.67 -11.48
C LEU B 35 -7.44 -5.81 -11.99
N LYS B 36 -7.23 -6.19 -13.24
N LYS B 36 -7.23 -6.21 -13.23
CA LYS B 36 -7.98 -7.27 -13.91
CA LYS B 36 -7.92 -7.36 -13.80
C LYS B 36 -6.99 -8.00 -14.82
C LYS B 36 -6.97 -8.02 -14.78
N GLY B 37 -7.23 -9.28 -15.10
CA GLY B 37 -6.36 -9.98 -16.06
C GLY B 37 -7.14 -11.11 -16.75
N ASP B 38 -6.43 -12.09 -17.29
CA ASP B 38 -7.08 -13.20 -17.99
C ASP B 38 -7.58 -14.30 -17.08
N GLY B 39 -7.08 -14.30 -15.87
CA GLY B 39 -7.40 -15.32 -14.93
C GLY B 39 -8.22 -14.74 -13.81
N PRO B 40 -8.09 -15.36 -12.65
CA PRO B 40 -8.97 -15.01 -11.55
C PRO B 40 -8.46 -13.80 -10.72
N VAL B 41 -7.29 -13.26 -11.07
CA VAL B 41 -6.68 -12.24 -10.16
C VAL B 41 -7.35 -10.90 -10.39
N GLN B 42 -7.83 -10.28 -9.32
CA GLN B 42 -8.45 -8.97 -9.43
C GLN B 42 -8.43 -8.21 -8.13
N GLY B 43 -8.50 -6.90 -8.24
CA GLY B 43 -8.47 -6.09 -7.01
C GLY B 43 -8.53 -4.63 -7.26
N ILE B 44 -8.50 -3.86 -6.16
CA ILE B 44 -8.57 -2.45 -6.23
C ILE B 44 -7.44 -1.96 -5.34
N ILE B 45 -6.61 -1.09 -5.88
CA ILE B 45 -5.50 -0.53 -5.08
C ILE B 45 -5.67 1.01 -5.06
N ASN B 46 -5.58 1.56 -3.86
CA ASN B 46 -5.69 3.02 -3.63
C ASN B 46 -4.32 3.63 -3.43
N PHE B 47 -4.15 4.90 -3.82
CA PHE B 47 -2.86 5.62 -3.61
C PHE B 47 -3.27 6.95 -2.97
N GLU B 48 -2.55 7.38 -1.93
CA GLU B 48 -2.88 8.68 -1.31
C GLU B 48 -1.57 9.38 -1.06
N GLN B 49 -1.52 10.69 -1.27
CA GLN B 49 -0.27 11.40 -1.03
C GLN B 49 -0.65 12.75 -0.39
N LYS B 50 -0.31 12.90 0.88
CA LYS B 50 -0.63 14.09 1.71
C LYS B 50 0.01 15.34 1.11
N GLU B 51 1.28 15.22 0.77
CA GLU B 51 2.06 16.37 0.31
C GLU B 51 2.82 15.96 -0.92
N SER B 52 3.01 16.87 -1.87
CA SER B 52 3.69 16.47 -3.08
C SER B 52 5.17 16.17 -2.76
N ASN B 53 5.67 16.68 -1.64
CA ASN B 53 7.02 16.27 -1.27
C ASN B 53 7.07 14.82 -0.73
N GLY B 54 5.99 14.36 -0.12
CA GLY B 54 6.03 13.22 0.74
C GLY B 54 5.70 11.86 0.14
N PRO B 55 5.71 10.87 1.01
CA PRO B 55 5.48 9.51 0.62
C PRO B 55 4.02 9.29 0.13
N VAL B 56 3.87 8.23 -0.65
CA VAL B 56 2.58 7.78 -1.13
C VAL B 56 2.20 6.52 -0.35
N LYS B 57 0.99 6.51 0.21
CA LYS B 57 0.47 5.33 0.85
C LYS B 57 -0.30 4.51 -0.21
N VAL B 58 -0.09 3.20 -0.24
CA VAL B 58 -0.64 2.34 -1.30
C VAL B 58 -1.36 1.22 -0.54
N TRP B 59 -2.66 1.04 -0.74
CA TRP B 59 -3.33 0.02 0.07
C TRP B 59 -4.56 -0.48 -0.68
N GLY B 60 -5.01 -1.68 -0.36
CA GLY B 60 -6.21 -2.19 -1.05
C GLY B 60 -6.11 -3.69 -0.97
N SER B 61 -6.94 -4.39 -1.72
CA SER B 61 -6.95 -5.83 -1.58
C SER B 61 -6.93 -6.45 -2.97
N ILE B 62 -6.18 -7.53 -3.15
CA ILE B 62 -6.15 -8.24 -4.43
C ILE B 62 -6.52 -9.68 -4.08
N LYS B 63 -7.40 -10.31 -4.87
CA LYS B 63 -7.75 -11.68 -4.55
C LYS B 63 -7.49 -12.58 -5.73
N GLY B 64 -7.61 -13.89 -5.51
CA GLY B 64 -7.34 -14.84 -6.58
C GLY B 64 -5.89 -15.22 -6.78
N LEU B 65 -5.03 -14.85 -5.84
CA LEU B 65 -3.60 -15.09 -6.03
C LEU B 65 -3.21 -16.42 -5.39
N THR B 66 -2.14 -17.06 -5.85
CA THR B 66 -1.48 -18.13 -5.09
C THR B 66 -0.89 -17.58 -3.76
N GLU B 67 -0.97 -18.37 -2.68
CA GLU B 67 -0.41 -17.96 -1.40
C GLU B 67 1.07 -17.64 -1.58
N GLY B 68 1.54 -16.57 -0.98
CA GLY B 68 2.97 -16.26 -0.98
C GLY B 68 3.25 -14.91 -1.68
N LEU B 69 4.50 -14.73 -2.10
CA LEU B 69 4.97 -13.42 -2.58
C LEU B 69 4.70 -13.25 -4.06
N HIS B 70 4.31 -12.02 -4.47
CA HIS B 70 4.13 -11.64 -5.89
C HIS B 70 4.73 -10.27 -6.14
N GLY B 71 5.49 -10.15 -7.21
CA GLY B 71 6.12 -8.91 -7.64
C GLY B 71 4.98 -7.86 -7.88
N PHE B 72 5.24 -6.61 -7.57
CA PHE B 72 4.18 -5.59 -7.55
C PHE B 72 4.87 -4.35 -8.07
N HIS B 73 4.57 -3.97 -9.32
CA HIS B 73 5.35 -2.92 -9.97
C HIS B 73 4.49 -1.93 -10.72
N VAL B 74 4.95 -0.70 -10.78
CA VAL B 74 4.39 0.25 -11.75
C VAL B 74 5.19 0.17 -13.05
N HIS B 75 4.49 -0.09 -14.16
CA HIS B 75 5.14 -0.21 -15.45
C HIS B 75 4.89 1.11 -16.24
N GLU B 76 5.69 1.35 -17.27
CA GLU B 76 5.83 2.65 -17.84
C GLU B 76 4.56 3.19 -18.55
N PHE B 77 3.89 2.34 -19.33
CA PHE B 77 2.77 2.84 -20.16
C PHE B 77 1.41 2.42 -19.60
N GLY B 78 0.43 3.31 -19.67
CA GLY B 78 -0.95 3.04 -19.24
C GLY B 78 -1.68 2.54 -20.49
N ASP B 79 -1.13 1.54 -21.14
CA ASP B 79 -1.61 1.02 -22.48
C ASP B 79 -1.98 -0.45 -22.24
N ASN B 80 -3.27 -0.72 -22.25
CA ASN B 80 -3.83 -2.06 -22.07
C ASN B 80 -4.32 -2.65 -23.40
N THR B 81 -3.89 -2.10 -24.52
CA THR B 81 -4.44 -2.52 -25.82
C THR B 81 -4.13 -4.00 -26.09
N ALA B 82 -2.97 -4.50 -25.66
CA ALA B 82 -2.79 -5.94 -25.76
C ALA B 82 -2.69 -6.56 -24.38
N GLY B 83 -3.55 -6.13 -23.47
CA GLY B 83 -3.54 -6.69 -22.11
C GLY B 83 -2.33 -6.14 -21.36
N CYS B 84 -1.85 -6.90 -20.39
CA CYS B 84 -0.76 -6.38 -19.51
C CYS B 84 0.56 -6.20 -20.26
N THR B 85 0.77 -6.98 -21.33
CA THR B 85 2.00 -6.88 -22.12
C THR B 85 2.29 -5.52 -22.67
N SER B 86 1.24 -4.78 -23.08
CA SER B 86 1.47 -3.46 -23.68
CA SER B 86 1.41 -3.44 -23.66
C SER B 86 1.86 -2.39 -22.65
N ALA B 87 1.78 -2.70 -21.36
CA ALA B 87 2.27 -1.72 -20.35
C ALA B 87 3.79 -1.49 -20.41
N GLY B 88 4.55 -2.32 -21.14
CA GLY B 88 5.98 -2.02 -21.27
C GLY B 88 6.78 -2.46 -20.01
N PRO B 89 7.98 -1.93 -19.81
CA PRO B 89 8.86 -2.42 -18.72
C PRO B 89 8.52 -1.67 -17.43
N HIS B 90 9.26 -1.94 -16.36
CA HIS B 90 9.08 -1.16 -15.11
C HIS B 90 9.29 0.31 -15.40
N PHE B 91 8.49 1.15 -14.77
CA PHE B 91 8.66 2.59 -14.96
C PHE B 91 10.04 3.01 -14.41
N ASN B 92 10.90 3.57 -15.25
CA ASN B 92 12.34 3.71 -14.87
C ASN B 92 12.92 4.98 -15.51
N PRO B 93 12.38 6.14 -15.16
CA PRO B 93 12.79 7.32 -15.91
C PRO B 93 14.25 7.74 -15.59
N LEU B 94 14.85 7.17 -14.56
CA LEU B 94 16.24 7.46 -14.23
C LEU B 94 17.19 6.41 -14.75
N SER B 95 16.68 5.46 -15.53
CA SER B 95 17.49 4.39 -16.15
C SER B 95 18.43 3.74 -15.15
N ARG B 96 17.88 3.31 -14.02
CA ARG B 96 18.59 2.55 -13.04
C ARG B 96 18.39 1.06 -13.22
N LYS B 97 19.09 0.26 -12.42
CA LYS B 97 18.86 -1.17 -12.39
C LYS B 97 17.71 -1.46 -11.44
N HIS B 98 17.06 -2.62 -11.64
CA HIS B 98 15.98 -3.10 -10.79
C HIS B 98 16.46 -3.32 -9.34
N GLY B 99 15.67 -2.91 -8.35
CA GLY B 99 15.98 -3.23 -6.95
C GLY B 99 14.72 -3.39 -6.15
N GLY B 100 14.87 -3.47 -4.82
CA GLY B 100 13.68 -3.52 -4.00
C GLY B 100 13.40 -2.09 -3.58
N PRO B 101 12.22 -1.86 -2.99
CA PRO B 101 11.81 -0.48 -2.73
C PRO B 101 12.71 0.25 -1.72
N LYS B 102 13.37 -0.50 -0.84
CA LYS B 102 14.31 0.11 0.13
C LYS B 102 15.68 0.49 -0.48
N ASP B 103 15.95 0.04 -1.68
CA ASP B 103 17.25 0.32 -2.34
C ASP B 103 17.38 1.69 -2.93
N GLU B 104 18.57 2.27 -2.84
CA GLU B 104 18.84 3.49 -3.59
C GLU B 104 18.87 3.20 -5.08
N GLU B 105 19.43 2.07 -5.49
CA GLU B 105 19.41 1.69 -6.91
C GLU B 105 18.16 0.87 -7.19
N ARG B 106 17.16 1.48 -7.81
CA ARG B 106 15.88 0.81 -8.07
C ARG B 106 15.22 1.59 -9.19
N HIS B 107 14.25 0.96 -9.80
CA HIS B 107 13.36 1.69 -10.71
C HIS B 107 12.38 2.50 -9.86
N VAL B 108 11.89 3.62 -10.38
CA VAL B 108 10.76 4.32 -9.69
C VAL B 108 9.59 3.34 -9.44
N GLY B 109 9.32 2.47 -10.40
CA GLY B 109 8.17 1.50 -10.31
C GLY B 109 8.38 0.29 -9.41
N ASP B 110 9.53 0.22 -8.72
CA ASP B 110 9.88 -0.99 -7.95
C ASP B 110 9.24 -0.97 -6.56
N LEU B 111 8.01 -1.49 -6.44
CA LEU B 111 7.39 -1.46 -5.16
C LEU B 111 7.60 -2.81 -4.42
N GLY B 112 8.39 -3.75 -4.95
CA GLY B 112 8.75 -4.94 -4.16
C GLY B 112 7.70 -6.03 -4.33
N ASN B 113 7.37 -6.73 -3.25
CA ASN B 113 6.39 -7.77 -3.31
C ASN B 113 5.17 -7.43 -2.46
N VAL B 114 4.08 -8.13 -2.76
CA VAL B 114 2.92 -8.17 -1.86
C VAL B 114 2.69 -9.63 -1.53
N THR B 115 2.06 -9.87 -0.38
CA THR B 115 1.93 -11.25 0.10
C THR B 115 0.45 -11.61 0.12
N ALA B 116 0.10 -12.72 -0.55
CA ALA B 116 -1.23 -13.29 -0.46
C ALA B 116 -1.26 -14.34 0.66
N ASP B 117 -2.34 -14.33 1.41
CA ASP B 117 -2.58 -15.28 2.51
C ASP B 117 -3.11 -16.61 1.94
N LYS B 118 -3.45 -17.54 2.83
CA LYS B 118 -3.77 -18.90 2.38
C LYS B 118 -5.08 -18.91 1.63
N ASP B 119 -5.90 -17.86 1.76
CA ASP B 119 -7.12 -17.73 0.92
C ASP B 119 -6.91 -17.00 -0.39
N GLY B 120 -5.65 -16.66 -0.71
CA GLY B 120 -5.37 -16.09 -2.03
C GLY B 120 -5.54 -14.54 -2.04
N VAL B 121 -5.61 -13.94 -0.84
CA VAL B 121 -5.88 -12.51 -0.65
C VAL B 121 -4.64 -11.74 -0.21
N ALA B 122 -4.27 -10.69 -0.98
CA ALA B 122 -3.19 -9.77 -0.58
C ALA B 122 -3.85 -8.50 -0.06
N ASP B 123 -3.73 -8.24 1.26
CA ASP B 123 -4.19 -6.96 1.85
C ASP B 123 -3.00 -6.01 1.82
N VAL B 124 -2.85 -5.35 0.68
CA VAL B 124 -1.65 -4.57 0.39
C VAL B 124 -1.58 -3.36 1.33
N SER B 125 -0.39 -3.09 1.82
CA SER B 125 -0.20 -1.88 2.61
C SER B 125 1.26 -1.51 2.44
N ILE B 126 1.55 -0.53 1.60
CA ILE B 126 2.93 -0.11 1.33
C ILE B 126 2.96 1.42 1.51
N GLU B 127 4.09 1.96 1.96
CA GLU B 127 4.36 3.37 1.88
C GLU B 127 5.66 3.55 1.16
N ASP B 128 5.67 4.44 0.16
CA ASP B 128 6.83 4.56 -0.72
C ASP B 128 7.16 6.04 -1.00
N SER B 129 8.45 6.41 -0.96
N SER B 129 8.44 6.41 -0.96
CA SER B 129 8.83 7.79 -1.14
CA SER B 129 8.78 7.81 -1.16
C SER B 129 9.40 8.08 -2.50
C SER B 129 9.42 8.08 -2.48
N VAL B 130 9.47 7.09 -3.37
CA VAL B 130 10.03 7.33 -4.68
C VAL B 130 8.92 7.54 -5.74
N ILE B 131 7.89 6.71 -5.73
CA ILE B 131 6.72 7.02 -6.59
C ILE B 131 6.10 8.34 -6.09
N SER B 132 5.28 8.97 -6.95
CA SER B 132 4.60 10.22 -6.57
C SER B 132 3.31 10.27 -7.39
N LEU B 133 2.39 11.10 -6.94
CA LEU B 133 1.20 11.43 -7.75
C LEU B 133 1.37 12.76 -8.46
N SER B 134 2.56 13.33 -8.45
CA SER B 134 2.86 14.47 -9.34
C SER B 134 4.32 14.53 -9.69
N GLY B 135 4.65 15.42 -10.60
CA GLY B 135 6.04 15.59 -11.03
C GLY B 135 6.61 14.50 -11.90
N ASP B 136 7.93 14.41 -11.92
CA ASP B 136 8.63 13.49 -12.84
C ASP B 136 8.37 12.04 -12.51
N HIS B 137 8.18 11.75 -11.23
CA HIS B 137 7.93 10.39 -10.80
C HIS B 137 6.43 10.06 -10.69
N CYS B 138 5.60 10.89 -11.28
CA CYS B 138 4.13 10.71 -11.26
C CYS B 138 3.77 9.37 -11.89
N ILE B 139 2.91 8.61 -11.23
CA ILE B 139 2.53 7.28 -11.72
C ILE B 139 1.07 7.27 -12.29
N ILE B 140 0.39 8.41 -12.16
N ILE B 140 0.37 8.38 -12.14
CA ILE B 140 -0.98 8.59 -12.79
CA ILE B 140 -1.02 8.46 -12.73
C ILE B 140 -0.88 8.35 -14.29
C ILE B 140 -0.91 8.35 -14.24
N GLY B 141 -1.76 7.53 -14.85
CA GLY B 141 -1.69 7.30 -16.29
C GLY B 141 -0.74 6.15 -16.65
N ARG B 142 -0.09 5.54 -15.65
CA ARG B 142 0.81 4.36 -15.91
C ARG B 142 0.06 3.13 -15.43
N THR B 143 0.68 1.96 -15.53
CA THR B 143 0.00 0.70 -15.24
C THR B 143 0.58 0.05 -14.00
N LEU B 144 -0.28 -0.33 -13.06
CA LEU B 144 0.12 -1.20 -11.94
C LEU B 144 -0.07 -2.64 -12.36
N VAL B 145 0.95 -3.48 -12.07
CA VAL B 145 0.92 -4.89 -12.42
C VAL B 145 1.23 -5.78 -11.23
N VAL B 146 0.44 -6.85 -11.03
CA VAL B 146 0.85 -7.85 -10.03
C VAL B 146 1.32 -9.11 -10.81
N HIS B 147 2.47 -9.63 -10.40
CA HIS B 147 3.15 -10.69 -11.17
C HIS B 147 2.96 -12.08 -10.61
N GLU B 148 3.38 -13.06 -11.40
CA GLU B 148 3.16 -14.46 -11.07
C GLU B 148 4.00 -14.99 -9.88
N LYS B 149 5.22 -14.48 -9.72
CA LYS B 149 6.21 -15.05 -8.76
C LYS B 149 6.77 -13.92 -7.91
N ALA B 150 7.56 -14.30 -6.90
CA ALA B 150 8.25 -13.31 -6.08
C ALA B 150 9.24 -12.47 -6.90
N ASP B 151 9.31 -11.19 -6.58
CA ASP B 151 10.37 -10.33 -7.08
C ASP B 151 11.60 -10.63 -6.24
N ASP B 152 12.73 -10.95 -6.89
CA ASP B 152 13.97 -11.24 -6.10
C ASP B 152 14.76 -9.97 -5.66
N LEU B 153 14.22 -8.81 -6.06
CA LEU B 153 14.68 -7.50 -5.56
C LEU B 153 16.07 -7.18 -6.09
N GLY B 154 16.38 -7.76 -7.25
CA GLY B 154 17.66 -7.48 -7.92
C GLY B 154 18.79 -8.35 -7.32
N LYS B 155 18.46 -9.34 -6.52
CA LYS B 155 19.55 -10.12 -5.81
C LYS B 155 19.75 -11.52 -6.37
N GLY B 156 19.26 -11.76 -7.58
CA GLY B 156 19.28 -13.13 -8.14
C GLY B 156 20.58 -13.51 -8.89
N GLY B 157 21.47 -12.53 -9.11
CA GLY B 157 22.82 -12.79 -9.72
C GLY B 157 22.74 -13.10 -11.21
N ASN B 158 21.65 -12.70 -11.87
CA ASN B 158 21.58 -12.81 -13.33
C ASN B 158 21.07 -11.52 -13.95
N GLU B 159 21.18 -11.40 -15.26
CA GLU B 159 20.77 -10.18 -15.94
C GLU B 159 19.29 -9.89 -15.72
N GLU B 160 18.50 -10.93 -15.77
CA GLU B 160 17.04 -10.76 -15.65
C GLU B 160 16.71 -10.19 -14.24
N SER B 161 17.51 -10.52 -13.23
CA SER B 161 17.21 -9.99 -11.91
C SER B 161 17.32 -8.51 -11.86
N THR B 162 18.31 -7.95 -12.60
CA THR B 162 18.58 -6.50 -12.62
C THR B 162 17.60 -5.76 -13.56
N LYS B 163 16.71 -6.50 -14.20
CA LYS B 163 15.68 -5.93 -15.12
C LYS B 163 14.27 -6.06 -14.56
N THR B 164 13.87 -7.27 -14.18
CA THR B 164 12.46 -7.53 -13.77
C THR B 164 12.37 -8.16 -12.39
N GLY B 165 13.53 -8.50 -11.80
CA GLY B 165 13.48 -9.21 -10.52
C GLY B 165 13.03 -10.66 -10.67
N ASN B 166 12.96 -11.20 -11.91
CA ASN B 166 12.56 -12.59 -12.12
C ASN B 166 11.11 -12.86 -11.64
N ALA B 167 10.24 -11.82 -11.66
CA ALA B 167 8.91 -11.97 -11.02
C ALA B 167 7.91 -12.68 -11.98
N GLY B 168 8.36 -13.02 -13.18
CA GLY B 168 7.52 -13.80 -14.14
C GLY B 168 6.33 -13.04 -14.76
N SER B 169 5.26 -13.79 -15.09
N SER B 169 5.27 -13.77 -15.12
CA SER B 169 4.16 -13.29 -15.94
CA SER B 169 4.24 -13.24 -16.00
C SER B 169 3.37 -12.21 -15.25
C SER B 169 3.37 -12.23 -15.26
N ARG B 170 2.62 -11.45 -16.04
CA ARG B 170 1.74 -10.41 -15.49
C ARG B 170 0.37 -11.03 -15.27
N LEU B 171 -0.06 -11.13 -14.03
CA LEU B 171 -1.34 -11.78 -13.77
C LEU B 171 -2.51 -10.85 -13.91
N ALA B 172 -2.33 -9.58 -13.49
CA ALA B 172 -3.46 -8.63 -13.59
C ALA B 172 -2.85 -7.24 -13.62
N CYS B 173 -3.56 -6.28 -14.19
CA CYS B 173 -3.00 -4.91 -14.27
C CYS B 173 -4.14 -3.90 -14.44
N GLY B 174 -3.84 -2.60 -14.30
CA GLY B 174 -4.86 -1.57 -14.59
C GLY B 174 -4.13 -0.28 -14.73
N VAL B 175 -4.82 0.69 -15.33
CA VAL B 175 -4.25 2.03 -15.45
C VAL B 175 -4.53 2.75 -14.15
N ILE B 176 -3.55 3.50 -13.65
CA ILE B 176 -3.74 4.26 -12.42
C ILE B 176 -4.45 5.60 -12.79
N GLY B 177 -5.56 5.86 -12.13
CA GLY B 177 -6.39 7.00 -12.47
C GLY B 177 -6.52 7.96 -11.31
N ILE B 178 -6.87 9.21 -11.61
CA ILE B 178 -7.14 10.22 -10.56
C ILE B 178 -8.41 9.91 -9.82
N ALA B 179 -8.40 10.00 -8.50
CA ALA B 179 -9.54 9.60 -7.68
C ALA B 179 -10.05 10.81 -6.87
N GLN B 180 -11.26 10.72 -6.36
CA GLN B 180 -11.97 11.86 -5.68
C GLN B 180 -11.54 11.85 -4.21
N MET C 27 23.53 -3.35 36.47
CA MET C 27 23.05 -4.49 37.28
C MET C 27 23.02 -5.80 36.42
N ALA C 28 21.91 -6.11 35.72
CA ALA C 28 21.82 -7.40 34.93
C ALA C 28 22.80 -7.55 33.71
N THR C 29 23.68 -8.54 33.75
CA THR C 29 24.47 -8.80 32.57
C THR C 29 24.14 -10.16 31.91
N LYS C 30 23.33 -10.99 32.56
CA LYS C 30 22.93 -12.29 31.97
C LYS C 30 21.47 -12.57 32.17
N ALA C 31 20.83 -13.15 31.17
CA ALA C 31 19.44 -13.53 31.31
C ALA C 31 19.27 -14.90 30.64
N VAL C 32 18.14 -15.55 30.94
CA VAL C 32 17.89 -16.86 30.33
C VAL C 32 16.38 -17.06 30.10
N CYS C 33 16.04 -17.89 29.12
CA CYS C 33 14.66 -18.13 28.82
C CYS C 33 14.48 -19.60 28.46
N VAL C 34 13.49 -20.26 29.07
CA VAL C 34 13.15 -21.66 28.75
C VAL C 34 11.90 -21.63 27.88
N LEU C 35 12.02 -22.04 26.62
CA LEU C 35 10.88 -21.98 25.69
C LEU C 35 10.16 -23.34 25.75
N LYS C 36 8.85 -23.30 25.97
CA LYS C 36 8.03 -24.51 25.96
C LYS C 36 6.77 -24.18 25.22
N GLY C 37 6.11 -25.21 24.73
CA GLY C 37 4.81 -24.97 24.09
C GLY C 37 3.98 -26.24 24.14
N ASP C 38 2.95 -26.29 23.31
CA ASP C 38 2.02 -27.42 23.33
C ASP C 38 2.46 -28.54 22.43
N GLY C 39 3.44 -28.30 21.57
CA GLY C 39 3.91 -29.35 20.66
C GLY C 39 5.35 -29.76 20.98
N PRO C 40 6.11 -30.12 19.94
CA PRO C 40 7.46 -30.69 20.14
C PRO C 40 8.52 -29.60 20.27
N VAL C 41 8.14 -28.32 20.12
CA VAL C 41 9.17 -27.23 20.14
C VAL C 41 9.57 -26.89 21.58
N GLN C 42 10.86 -26.95 21.91
CA GLN C 42 11.33 -26.47 23.20
C GLN C 42 12.80 -26.15 23.14
N GLY C 43 13.27 -25.31 24.04
CA GLY C 43 14.66 -24.96 24.00
C GLY C 43 15.01 -24.02 25.15
N ILE C 44 16.28 -23.65 25.17
CA ILE C 44 16.82 -22.75 26.18
C ILE C 44 17.62 -21.71 25.46
N ILE C 45 17.37 -20.44 25.79
CA ILE C 45 18.07 -19.36 25.10
C ILE C 45 18.74 -18.50 26.19
N ASN C 46 20.03 -18.20 25.97
CA ASN C 46 20.83 -17.35 26.92
C ASN C 46 21.03 -15.99 26.32
N PHE C 47 21.20 -14.96 27.19
CA PHE C 47 21.44 -13.61 26.75
C PHE C 47 22.62 -13.15 27.61
N GLU C 48 23.52 -12.41 26.98
CA GLU C 48 24.62 -11.82 27.76
C GLU C 48 24.90 -10.44 27.26
N GLN C 49 25.06 -9.48 28.19
CA GLN C 49 25.39 -8.13 27.82
C GLN C 49 26.45 -7.64 28.80
N LYS C 50 27.69 -7.70 28.34
CA LYS C 50 28.88 -7.32 29.14
C LYS C 50 28.81 -5.84 29.56
N GLU C 51 28.36 -4.99 28.66
CA GLU C 51 28.34 -3.54 28.90
C GLU C 51 26.97 -3.04 28.61
N SER C 52 26.45 -2.13 29.45
CA SER C 52 25.10 -1.65 29.24
C SER C 52 24.96 -0.85 27.94
N ASN C 53 26.03 -0.27 27.44
CA ASN C 53 25.98 0.44 26.12
C ASN C 53 26.38 -0.45 24.91
N GLY C 54 26.34 -1.76 25.11
CA GLY C 54 26.86 -2.66 24.09
C GLY C 54 25.81 -3.73 23.72
N PRO C 55 26.17 -4.59 22.75
CA PRO C 55 25.24 -5.55 22.20
C PRO C 55 24.93 -6.66 23.18
N VAL C 56 23.79 -7.31 22.92
CA VAL C 56 23.38 -8.47 23.68
C VAL C 56 23.64 -9.65 22.78
N LYS C 57 24.39 -10.62 23.28
CA LYS C 57 24.58 -11.87 22.57
C LYS C 57 23.46 -12.82 22.99
N VAL C 58 22.90 -13.49 22.01
CA VAL C 58 21.74 -14.36 22.23
C VAL C 58 22.10 -15.72 21.64
N TRP C 59 22.07 -16.79 22.44
CA TRP C 59 22.49 -18.10 21.91
C TRP C 59 21.81 -19.23 22.66
N GLY C 60 21.72 -20.39 22.04
CA GLY C 60 21.13 -21.54 22.74
C GLY C 60 20.61 -22.49 21.66
N SER C 61 19.79 -23.43 22.06
CA SER C 61 19.34 -24.45 21.10
C SER C 61 17.83 -24.64 21.25
N ILE C 62 17.11 -24.73 20.12
CA ILE C 62 15.68 -25.02 20.18
C ILE C 62 15.48 -26.24 19.26
N LYS C 63 14.73 -27.24 19.74
CA LYS C 63 14.48 -28.43 18.95
C LYS C 63 13.02 -28.55 18.59
N GLY C 64 12.69 -29.46 17.64
CA GLY C 64 11.30 -29.70 17.31
C GLY C 64 10.76 -28.82 16.20
N LEU C 65 11.65 -28.04 15.55
CA LEU C 65 11.20 -27.08 14.58
C LEU C 65 11.28 -27.64 13.15
N THR C 66 10.34 -27.28 12.29
CA THR C 66 10.47 -27.61 10.88
C THR C 66 11.69 -26.92 10.28
N GLU C 67 12.42 -27.65 9.43
CA GLU C 67 13.67 -27.15 8.79
C GLU C 67 13.41 -25.82 8.12
N GLY C 68 14.31 -24.89 8.33
CA GLY C 68 14.18 -23.58 7.66
C GLY C 68 14.00 -22.45 8.66
N LEU C 69 13.47 -21.32 8.19
CA LEU C 69 13.41 -20.08 8.97
C LEU C 69 12.19 -20.00 9.88
N HIS C 70 12.36 -19.44 11.07
CA HIS C 70 11.27 -19.24 12.03
C HIS C 70 11.44 -17.88 12.69
N GLY C 71 10.38 -17.09 12.69
CA GLY C 71 10.41 -15.77 13.34
C GLY C 71 10.75 -15.93 14.85
N PHE C 72 11.48 -14.98 15.39
CA PHE C 72 12.08 -15.11 16.73
C PHE C 72 12.00 -13.72 17.33
N HIS C 73 11.06 -13.51 18.25
CA HIS C 73 10.76 -12.13 18.73
C HIS C 73 10.55 -12.03 20.19
N VAL C 74 10.82 -10.84 20.71
CA VAL C 74 10.54 -10.55 22.11
C VAL C 74 9.18 -9.84 22.05
N HIS C 75 8.22 -10.38 22.77
CA HIS C 75 6.86 -9.85 22.85
C HIS C 75 6.73 -9.07 24.17
N GLU C 76 5.74 -8.16 24.22
CA GLU C 76 5.68 -7.11 25.20
C GLU C 76 5.51 -7.65 26.66
N PHE C 77 4.63 -8.61 26.87
CA PHE C 77 4.32 -9.05 28.25
C PHE C 77 4.92 -10.39 28.65
N GLY C 78 5.39 -10.49 29.88
CA GLY C 78 5.92 -11.74 30.46
C GLY C 78 4.76 -12.49 31.09
N ASP C 79 3.64 -12.56 30.39
CA ASP C 79 2.38 -13.13 30.92
C ASP C 79 2.07 -14.42 30.14
N ASN C 80 2.21 -15.53 30.81
CA ASN C 80 1.96 -16.86 30.21
C ASN C 80 0.63 -17.44 30.76
N THR C 81 -0.25 -16.61 31.26
CA THR C 81 -1.51 -17.15 31.81
C THR C 81 -2.37 -17.84 30.78
N ALA C 82 -2.34 -17.41 29.53
CA ALA C 82 -3.07 -18.13 28.50
C ALA C 82 -2.05 -18.63 27.48
N GLY C 83 -0.97 -19.25 27.94
CA GLY C 83 0.08 -19.75 27.05
C GLY C 83 0.71 -18.54 26.35
N CYS C 84 1.07 -18.74 25.09
CA CYS C 84 1.89 -17.72 24.36
C CYS C 84 1.05 -16.54 23.92
N THR C 85 -0.25 -16.75 23.80
CA THR C 85 -1.17 -15.68 23.38
C THR C 85 -1.15 -14.47 24.30
N SER C 86 -1.05 -14.70 25.61
CA SER C 86 -1.08 -13.58 26.56
C SER C 86 0.22 -12.79 26.61
N ALA C 87 1.23 -13.20 25.82
CA ALA C 87 2.46 -12.36 25.70
C ALA C 87 2.23 -11.03 24.94
N GLY C 88 1.09 -10.90 24.25
CA GLY C 88 0.78 -9.63 23.60
C GLY C 88 1.58 -9.52 22.28
N PRO C 89 1.74 -8.29 21.74
CA PRO C 89 2.34 -8.13 20.40
C PRO C 89 3.86 -8.02 20.57
N HIS C 90 4.57 -7.74 19.48
CA HIS C 90 6.05 -7.56 19.60
C HIS C 90 6.34 -6.39 20.53
N PHE C 91 7.40 -6.50 21.33
CA PHE C 91 7.80 -5.43 22.24
C PHE C 91 8.17 -4.22 21.40
N ASN C 92 7.44 -3.10 21.55
CA ASN C 92 7.57 -2.00 20.59
C ASN C 92 7.38 -0.63 21.33
N PRO C 93 8.29 -0.29 22.25
CA PRO C 93 8.05 0.89 23.05
C PRO C 93 8.13 2.18 22.21
N LEU C 94 8.76 2.11 21.04
CA LEU C 94 8.85 3.31 20.18
C LEU C 94 7.79 3.39 19.09
N SER C 95 6.81 2.50 19.16
CA SER C 95 5.69 2.41 18.21
C SER C 95 6.17 2.50 16.75
N ARG C 96 7.15 1.67 16.36
CA ARG C 96 7.56 1.62 14.97
C ARG C 96 6.83 0.50 14.28
N LYS C 97 7.00 0.44 12.96
CA LYS C 97 6.54 -0.70 12.22
C LYS C 97 7.55 -1.85 12.37
N HIS C 98 7.11 -3.05 12.06
CA HIS C 98 7.96 -4.27 12.11
C HIS C 98 9.11 -4.21 11.06
N GLY C 99 10.31 -4.68 11.42
CA GLY C 99 11.41 -4.76 10.44
C GLY C 99 12.28 -5.94 10.79
N GLY C 100 13.44 -6.04 10.15
CA GLY C 100 14.40 -7.06 10.54
C GLY C 100 15.36 -6.39 11.48
N PRO C 101 16.23 -7.19 12.14
CA PRO C 101 17.07 -6.63 13.21
C PRO C 101 18.06 -5.59 12.64
N LYS C 102 18.43 -5.71 11.36
CA LYS C 102 19.35 -4.69 10.76
C LYS C 102 18.67 -3.39 10.35
N ASP C 103 17.35 -3.31 10.40
CA ASP C 103 16.63 -2.08 9.96
C ASP C 103 16.61 -1.03 11.05
N GLU C 104 16.74 0.24 10.68
CA GLU C 104 16.48 1.32 11.63
C GLU C 104 15.00 1.33 12.04
N GLU C 105 14.10 1.07 11.10
CA GLU C 105 12.68 0.99 11.44
C GLU C 105 12.35 -0.45 11.84
N ARG C 106 12.21 -0.70 13.13
CA ARG C 106 11.89 -2.05 13.63
C ARG C 106 11.33 -1.88 15.05
N HIS C 107 10.67 -2.91 15.52
CA HIS C 107 10.29 -2.99 16.92
C HIS C 107 11.54 -3.34 17.71
N VAL C 108 11.60 -2.94 18.97
CA VAL C 108 12.74 -3.39 19.78
C VAL C 108 12.85 -4.96 19.80
N GLY C 109 11.71 -5.62 19.86
CA GLY C 109 11.63 -7.09 19.93
C GLY C 109 11.94 -7.82 18.61
N ASP C 110 12.33 -7.09 17.55
CA ASP C 110 12.48 -7.74 16.20
C ASP C 110 13.86 -8.35 16.04
N LEU C 111 14.04 -9.59 16.50
CA LEU C 111 15.30 -10.31 16.38
C LEU C 111 15.41 -11.15 15.07
N GLY C 112 14.43 -11.04 14.19
CA GLY C 112 14.58 -11.63 12.84
C GLY C 112 14.20 -13.12 12.89
N ASN C 113 14.98 -13.93 12.18
CA ASN C 113 14.65 -15.35 12.11
C ASN C 113 15.74 -16.17 12.82
N VAL C 114 15.39 -17.41 13.20
CA VAL C 114 16.38 -18.42 13.52
C VAL C 114 16.15 -19.57 12.55
N THR C 115 17.17 -20.38 12.34
CA THR C 115 17.12 -21.38 11.26
C THR C 115 17.28 -22.74 11.92
N ALA C 116 16.33 -23.64 11.63
CA ALA C 116 16.46 -25.01 12.10
C ALA C 116 17.06 -25.87 10.97
N ASP C 117 17.89 -26.80 11.38
CA ASP C 117 18.60 -27.69 10.43
C ASP C 117 17.70 -28.86 10.05
N LYS C 118 18.23 -29.86 9.30
CA LYS C 118 17.36 -30.94 8.84
C LYS C 118 16.87 -31.85 9.97
N ASP C 119 17.50 -31.79 11.13
CA ASP C 119 17.01 -32.56 12.30
C ASP C 119 16.00 -31.77 13.14
N GLY C 120 15.68 -30.55 12.71
CA GLY C 120 14.69 -29.77 13.48
C GLY C 120 15.32 -28.89 14.57
N VAL C 121 16.65 -28.73 14.53
CA VAL C 121 17.36 -28.03 15.62
C VAL C 121 17.86 -26.66 15.16
N ALA C 122 17.50 -25.60 15.92
CA ALA C 122 18.02 -24.29 15.58
C ALA C 122 19.10 -24.01 16.62
N ASP C 123 20.36 -23.92 16.18
CA ASP C 123 21.47 -23.49 17.07
C ASP C 123 21.60 -21.98 16.96
N VAL C 124 20.86 -21.27 17.82
CA VAL C 124 20.67 -19.83 17.67
C VAL C 124 21.97 -19.11 18.00
N SER C 125 22.30 -18.10 17.19
CA SER C 125 23.47 -17.28 17.46
C SER C 125 23.22 -15.92 16.86
N ILE C 126 22.86 -14.93 17.69
CA ILE C 126 22.41 -13.61 17.24
C ILE C 126 23.15 -12.59 18.13
N GLU C 127 23.46 -11.45 17.57
CA GLU C 127 23.99 -10.38 18.38
C GLU C 127 23.18 -9.16 18.02
N ASP C 128 22.65 -8.46 19.03
CA ASP C 128 21.74 -7.36 18.72
C ASP C 128 22.02 -6.18 19.63
N SER C 129 21.94 -4.97 19.08
CA SER C 129 22.25 -3.79 19.88
CA SER C 129 22.28 -3.77 19.84
C SER C 129 21.05 -2.94 20.18
N VAL C 130 19.85 -3.42 19.83
CA VAL C 130 18.64 -2.64 20.11
C VAL C 130 17.98 -3.19 21.36
N ILE C 131 17.87 -4.52 21.49
CA ILE C 131 17.41 -5.06 22.81
C ILE C 131 18.52 -4.74 23.85
N SER C 132 18.16 -4.78 25.12
CA SER C 132 19.12 -4.54 26.20
C SER C 132 18.67 -5.37 27.39
N LEU C 133 19.56 -5.56 28.32
CA LEU C 133 19.19 -6.11 29.61
C LEU C 133 19.03 -5.03 30.70
N SER C 134 18.99 -3.77 30.30
CA SER C 134 18.70 -2.68 31.26
C SER C 134 18.11 -1.53 30.53
N GLY C 135 17.58 -0.59 31.30
CA GLY C 135 17.04 0.60 30.67
C GLY C 135 15.70 0.45 29.97
N ASP C 136 15.41 1.37 29.07
CA ASP C 136 14.07 1.42 28.44
C ASP C 136 13.84 0.24 27.48
N HIS C 137 14.90 -0.25 26.88
CA HIS C 137 14.77 -1.37 25.95
C HIS C 137 14.98 -2.72 26.63
N CYS C 138 14.90 -2.73 27.95
CA CYS C 138 15.17 -3.93 28.73
C CYS C 138 14.12 -5.02 28.40
N ILE C 139 14.60 -6.24 28.11
CA ILE C 139 13.70 -7.37 27.74
C ILE C 139 13.49 -8.36 28.90
N ILE C 140 14.18 -8.16 30.03
CA ILE C 140 13.95 -9.00 31.26
CA ILE C 140 13.95 -9.03 31.22
C ILE C 140 12.50 -8.85 31.68
N GLY C 141 11.82 -9.97 31.95
CA GLY C 141 10.40 -9.97 32.35
C GLY C 141 9.44 -9.90 31.19
N ARG C 142 9.95 -9.97 29.96
CA ARG C 142 9.09 -10.02 28.76
C ARG C 142 9.19 -11.45 28.23
N THR C 143 8.53 -11.73 27.09
CA THR C 143 8.41 -13.12 26.64
C THR C 143 9.16 -13.24 25.32
N LEU C 144 9.99 -14.28 25.21
CA LEU C 144 10.58 -14.66 23.93
C LEU C 144 9.69 -15.70 23.28
N VAL C 145 9.47 -15.58 21.98
CA VAL C 145 8.57 -16.50 21.25
C VAL C 145 9.24 -16.94 19.95
N VAL C 146 9.18 -18.24 19.67
CA VAL C 146 9.56 -18.74 18.38
C VAL C 146 8.27 -19.11 17.60
N HIS C 147 8.22 -18.62 16.37
CA HIS C 147 7.04 -18.69 15.51
C HIS C 147 7.05 -19.82 14.48
N GLU C 148 5.86 -20.08 13.96
CA GLU C 148 5.57 -21.14 13.00
C GLU C 148 6.27 -20.97 11.65
N LYS C 149 6.34 -19.73 11.16
CA LYS C 149 6.83 -19.42 9.80
C LYS C 149 7.97 -18.43 9.79
N ALA C 150 8.59 -18.25 8.61
CA ALA C 150 9.61 -17.19 8.44
C ALA C 150 9.04 -15.81 8.72
N ASP C 151 9.80 -14.99 9.42
CA ASP C 151 9.52 -13.57 9.47
C ASP C 151 10.00 -12.94 8.16
N ASP C 152 9.12 -12.20 7.47
CA ASP C 152 9.53 -11.59 6.19
C ASP C 152 10.26 -10.25 6.36
N LEU C 153 10.52 -9.90 7.61
CA LEU C 153 11.37 -8.76 8.01
C LEU C 153 10.73 -7.44 7.58
N GLY C 154 9.40 -7.46 7.47
CA GLY C 154 8.64 -6.26 7.18
C GLY C 154 8.63 -5.95 5.67
N LYS C 155 9.03 -6.90 4.84
CA LYS C 155 9.16 -6.65 3.39
C LYS C 155 8.05 -7.34 2.59
N GLY C 156 6.98 -7.78 3.27
CA GLY C 156 5.98 -8.65 2.61
C GLY C 156 4.88 -7.84 1.87
N GLY C 157 4.84 -6.53 2.10
CA GLY C 157 3.92 -5.58 1.37
C GLY C 157 2.43 -5.73 1.73
N ASN C 158 2.10 -6.53 2.76
CA ASN C 158 0.73 -6.56 3.24
C ASN C 158 0.64 -5.96 4.63
N GLU C 159 -0.57 -5.78 5.17
CA GLU C 159 -0.67 -5.15 6.46
C GLU C 159 0.01 -6.00 7.54
N GLU C 160 -0.14 -7.31 7.45
CA GLU C 160 0.41 -8.20 8.48
C GLU C 160 1.98 -8.12 8.50
N SER C 161 2.61 -7.86 7.35
CA SER C 161 4.09 -7.78 7.34
C SER C 161 4.58 -6.66 8.27
N THR C 162 3.86 -5.52 8.31
CA THR C 162 4.26 -4.35 9.08
C THR C 162 3.95 -4.55 10.59
N LYS C 163 3.28 -5.64 10.95
CA LYS C 163 2.97 -5.91 12.37
C LYS C 163 3.73 -7.11 12.90
N THR C 164 3.66 -8.24 12.20
CA THR C 164 4.28 -9.48 12.71
C THR C 164 5.26 -10.13 11.77
N GLY C 165 5.46 -9.54 10.59
CA GLY C 165 6.34 -10.18 9.61
C GLY C 165 5.73 -11.42 8.99
N ASN C 166 4.42 -11.62 9.17
CA ASN C 166 3.76 -12.83 8.65
C ASN C 166 4.33 -14.13 9.26
N ALA C 167 4.88 -14.08 10.51
CA ALA C 167 5.56 -15.27 11.05
C ALA C 167 4.59 -16.29 11.67
N GLY C 168 3.30 -15.95 11.67
CA GLY C 168 2.26 -16.95 11.99
C GLY C 168 2.23 -17.31 13.50
N SER C 169 1.86 -18.56 13.79
CA SER C 169 1.53 -19.00 15.15
CA SER C 169 1.49 -18.90 15.18
C SER C 169 2.71 -19.03 16.11
N ARG C 170 2.44 -19.03 17.40
CA ARG C 170 3.47 -19.04 18.43
C ARG C 170 3.73 -20.49 18.86
N LEU C 171 4.87 -21.05 18.49
CA LEU C 171 5.10 -22.48 18.75
C LEU C 171 5.60 -22.72 20.17
N ALA C 172 6.40 -21.80 20.72
CA ALA C 172 6.90 -22.06 22.10
C ALA C 172 7.33 -20.71 22.64
N CYS C 173 7.31 -20.54 23.96
CA CYS C 173 7.68 -19.20 24.51
C CYS C 173 8.09 -19.39 25.95
N GLY C 174 8.66 -18.34 26.51
CA GLY C 174 8.99 -18.36 27.94
C GLY C 174 9.24 -16.92 28.38
N VAL C 175 9.20 -16.72 29.69
CA VAL C 175 9.54 -15.42 30.24
C VAL C 175 11.05 -15.34 30.40
N ILE C 176 11.61 -14.19 30.02
CA ILE C 176 13.05 -13.91 30.11
C ILE C 176 13.38 -13.53 31.57
N GLY C 177 14.26 -14.32 32.21
CA GLY C 177 14.54 -14.18 33.64
C GLY C 177 15.98 -13.75 33.85
N ILE C 178 16.25 -13.12 34.99
CA ILE C 178 17.66 -12.80 35.35
C ILE C 178 18.43 -14.07 35.65
N ALA C 179 19.66 -14.17 35.11
CA ALA C 179 20.45 -15.40 35.30
C ALA C 179 21.69 -15.01 36.11
N GLN C 180 22.34 -16.00 36.70
CA GLN C 180 23.50 -15.75 37.60
C GLN C 180 24.69 -15.39 36.73
N ALA D 26 10.93 3.24 37.23
CA ALA D 26 9.62 3.27 37.95
C ALA D 26 8.41 3.07 37.02
N MET D 27 8.55 2.18 36.03
CA MET D 27 7.59 2.02 34.91
C MET D 27 6.54 0.88 35.02
N ALA D 28 6.96 -0.36 35.37
CA ALA D 28 5.98 -1.47 35.54
C ALA D 28 4.99 -1.22 36.71
N THR D 29 3.68 -1.25 36.45
CA THR D 29 2.73 -1.20 37.55
C THR D 29 2.03 -2.57 37.82
N LYS D 30 2.17 -3.53 36.89
CA LYS D 30 1.56 -4.85 37.07
C LYS D 30 2.55 -5.94 36.64
N ALA D 31 2.51 -7.08 37.32
CA ALA D 31 3.36 -8.24 36.98
C ALA D 31 2.48 -9.48 37.24
N VAL D 32 2.88 -10.61 36.66
CA VAL D 32 2.12 -11.85 36.87
C VAL D 32 3.12 -13.01 36.92
N CYS D 33 2.75 -14.11 37.58
CA CYS D 33 3.62 -15.24 37.64
C CYS D 33 2.77 -16.50 37.51
N VAL D 34 3.14 -17.40 36.60
CA VAL D 34 2.50 -18.72 36.51
C VAL D 34 3.38 -19.74 37.19
N LEU D 35 2.87 -20.36 38.26
CA LEU D 35 3.65 -21.36 38.99
C LEU D 35 3.36 -22.75 38.45
N LYS D 36 4.42 -23.51 38.21
CA LYS D 36 4.30 -24.94 37.80
C LYS D 36 5.41 -25.69 38.40
N GLY D 37 5.27 -27.02 38.55
CA GLY D 37 6.41 -27.80 38.99
C GLY D 37 6.28 -29.24 38.48
N ASP D 38 6.99 -30.16 39.10
CA ASP D 38 6.94 -31.56 38.65
C ASP D 38 5.67 -32.32 39.12
N GLY D 39 4.96 -31.75 40.08
CA GLY D 39 3.79 -32.36 40.67
C GLY D 39 2.58 -31.56 40.37
N PRO D 40 1.57 -31.63 41.25
CA PRO D 40 0.28 -31.09 40.95
C PRO D 40 0.15 -29.62 41.36
N VAL D 41 1.20 -29.03 41.91
CA VAL D 41 1.05 -27.63 42.43
C VAL D 41 1.06 -26.68 41.24
N GLN D 42 0.00 -25.87 41.11
CA GLN D 42 -0.13 -24.93 40.01
C GLN D 42 -0.83 -23.68 40.50
N GLY D 43 -0.44 -22.52 39.98
CA GLY D 43 -1.15 -21.31 40.34
C GLY D 43 -0.81 -20.09 39.50
N ILE D 44 -1.59 -19.04 39.68
CA ILE D 44 -1.33 -17.75 39.06
C ILE D 44 -1.31 -16.69 40.17
N ILE D 45 -0.23 -15.92 40.22
CA ILE D 45 -0.11 -14.86 41.25
C ILE D 45 0.07 -13.53 40.48
N ASN D 46 -0.72 -12.52 40.87
CA ASN D 46 -0.72 -11.18 40.25
C ASN D 46 -0.08 -10.20 41.19
N PHE D 47 0.58 -9.19 40.61
CA PHE D 47 1.24 -8.16 41.46
C PHE D 47 0.75 -6.82 40.92
N GLU D 48 0.52 -5.85 41.81
CA GLU D 48 0.10 -4.53 41.32
C GLU D 48 0.68 -3.44 42.20
N GLN D 49 1.25 -2.39 41.59
CA GLN D 49 1.91 -1.38 42.39
C GLN D 49 1.65 -0.05 41.72
N LYS D 50 0.64 0.63 42.20
CA LYS D 50 0.17 1.83 41.50
C LYS D 50 1.07 3.05 41.64
N GLU D 51 1.85 3.10 42.71
CA GLU D 51 2.85 4.16 42.94
C GLU D 51 4.18 3.50 43.15
N SER D 52 5.21 4.04 42.51
CA SER D 52 6.56 3.46 42.63
C SER D 52 7.18 3.47 43.99
N ASN D 53 6.79 4.43 44.82
CA ASN D 53 7.29 4.42 46.17
C ASN D 53 6.23 3.91 47.13
N GLY D 54 5.20 3.23 46.63
CA GLY D 54 4.16 2.62 47.48
C GLY D 54 4.21 1.09 47.55
N PRO D 55 3.24 0.46 48.27
CA PRO D 55 3.24 -0.99 48.46
C PRO D 55 2.82 -1.72 47.18
N VAL D 56 3.08 -3.05 47.16
CA VAL D 56 2.62 -3.96 46.11
C VAL D 56 1.55 -4.91 46.62
N LYS D 57 0.40 -4.98 45.95
CA LYS D 57 -0.66 -5.94 46.22
C LYS D 57 -0.25 -7.22 45.49
N VAL D 58 -0.42 -8.37 46.14
CA VAL D 58 0.01 -9.68 45.58
C VAL D 58 -1.20 -10.54 45.83
N TRP D 59 -1.76 -11.13 44.78
CA TRP D 59 -2.98 -11.93 45.00
C TRP D 59 -3.14 -12.96 43.92
N GLY D 60 -3.82 -14.04 44.25
CA GLY D 60 -4.18 -15.05 43.24
C GLY D 60 -4.47 -16.33 43.97
N SER D 61 -4.27 -17.46 43.30
CA SER D 61 -4.67 -18.75 43.85
C SER D 61 -3.62 -19.79 43.45
N ILE D 62 -3.34 -20.72 44.35
CA ILE D 62 -2.43 -21.84 44.09
C ILE D 62 -3.22 -23.09 44.49
N LYS D 63 -3.25 -24.08 43.62
CA LYS D 63 -3.95 -25.35 43.91
C LYS D 63 -2.96 -26.52 43.95
N GLY D 64 -3.43 -27.67 44.41
CA GLY D 64 -2.60 -28.87 44.53
C GLY D 64 -1.71 -28.97 45.71
N LEU D 65 -1.91 -28.11 46.72
CA LEU D 65 -1.01 -28.08 47.88
C LEU D 65 -1.58 -28.98 49.01
N THR D 66 -0.71 -29.47 49.89
CA THR D 66 -1.21 -30.13 51.11
C THR D 66 -1.86 -29.07 52.02
N GLU D 67 -2.90 -29.46 52.75
CA GLU D 67 -3.57 -28.55 53.68
C GLU D 67 -2.55 -28.00 54.61
N GLY D 68 -2.64 -26.69 54.90
CA GLY D 68 -1.64 -26.12 55.81
C GLY D 68 -0.80 -25.01 55.21
N LEU D 69 0.26 -24.67 55.91
CA LEU D 69 1.10 -23.51 55.57
C LEU D 69 2.21 -23.90 54.64
N HIS D 70 2.50 -22.99 53.69
CA HIS D 70 3.59 -23.20 52.76
C HIS D 70 4.35 -21.90 52.56
N GLY D 71 5.67 -22.01 52.68
CA GLY D 71 6.65 -20.93 52.50
C GLY D 71 6.51 -20.36 51.08
N PHE D 72 6.62 -19.02 50.97
CA PHE D 72 6.29 -18.33 49.72
C PHE D 72 7.28 -17.20 49.53
N HIS D 73 8.20 -17.36 48.58
CA HIS D 73 9.34 -16.45 48.48
C HIS D 73 9.64 -16.06 47.06
N VAL D 74 10.21 -14.88 46.92
CA VAL D 74 10.88 -14.53 45.65
C VAL D 74 12.31 -14.95 45.79
N HIS D 75 12.77 -15.77 44.84
CA HIS D 75 14.13 -16.22 44.76
C HIS D 75 14.92 -15.40 43.75
N GLU D 76 16.25 -15.42 43.82
CA GLU D 76 17.09 -14.43 43.16
C GLU D 76 17.09 -14.49 41.61
N PHE D 77 17.15 -15.70 41.03
CA PHE D 77 17.25 -15.81 39.55
C PHE D 77 15.96 -16.27 38.89
N GLY D 78 15.66 -15.71 37.73
CA GLY D 78 14.47 -16.12 36.96
C GLY D 78 14.96 -17.20 35.97
N ASP D 79 15.67 -18.18 36.49
CA ASP D 79 16.35 -19.20 35.69
C ASP D 79 15.65 -20.51 36.03
N ASN D 80 14.90 -21.04 35.07
CA ASN D 80 14.20 -22.28 35.28
C ASN D 80 14.81 -23.47 34.50
N THR D 81 16.06 -23.37 34.09
CA THR D 81 16.69 -24.36 33.24
C THR D 81 16.88 -25.71 33.97
N ALA D 82 17.01 -25.71 35.29
CA ALA D 82 17.01 -26.98 36.08
C ALA D 82 15.82 -26.98 37.01
N GLY D 83 14.66 -26.57 36.51
CA GLY D 83 13.43 -26.47 37.32
C GLY D 83 13.63 -25.38 38.37
N CYS D 84 13.00 -25.54 39.53
CA CYS D 84 12.97 -24.51 40.58
C CYS D 84 14.30 -24.38 41.31
N THR D 85 15.15 -25.40 41.15
CA THR D 85 16.51 -25.44 41.73
C THR D 85 17.43 -24.33 41.22
N SER D 86 17.36 -24.03 39.92
CA SER D 86 18.21 -22.99 39.36
C SER D 86 17.74 -21.58 39.73
N ALA D 87 16.66 -21.42 40.49
CA ALA D 87 16.28 -20.06 40.93
C ALA D 87 17.19 -19.50 42.05
N GLY D 88 18.04 -20.37 42.61
CA GLY D 88 19.02 -19.95 43.63
C GLY D 88 18.34 -19.57 44.92
N PRO D 89 19.01 -18.77 45.77
CA PRO D 89 18.46 -18.50 47.12
C PRO D 89 17.36 -17.40 47.17
N HIS D 90 16.81 -17.12 48.37
CA HIS D 90 15.87 -16.01 48.53
C HIS D 90 16.53 -14.73 48.04
N PHE D 91 15.78 -13.91 47.36
CA PHE D 91 16.25 -12.64 46.84
C PHE D 91 16.55 -11.75 48.07
N ASN D 92 17.82 -11.37 48.18
CA ASN D 92 18.42 -10.71 49.37
C ASN D 92 19.46 -9.67 48.92
N PRO D 93 19.06 -8.60 48.21
CA PRO D 93 20.13 -7.67 47.77
C PRO D 93 20.80 -6.87 48.94
N LEU D 94 20.12 -6.79 50.08
CA LEU D 94 20.59 -6.01 51.25
C LEU D 94 21.25 -6.89 52.28
N SER D 95 21.51 -8.16 51.93
CA SER D 95 22.26 -9.12 52.75
C SER D 95 21.78 -9.30 54.19
N ARG D 96 20.48 -9.23 54.41
CA ARG D 96 19.96 -9.50 55.74
C ARG D 96 19.71 -11.00 55.99
N LYS D 97 19.21 -11.32 57.17
CA LYS D 97 18.82 -12.68 57.50
C LYS D 97 17.33 -12.89 57.18
N HIS D 98 16.93 -14.16 57.13
CA HIS D 98 15.57 -14.51 56.83
C HIS D 98 14.55 -14.06 57.91
N GLY D 99 13.39 -13.57 57.51
CA GLY D 99 12.29 -13.27 58.46
C GLY D 99 10.93 -13.42 57.83
N GLY D 100 9.90 -13.01 58.54
CA GLY D 100 8.56 -12.98 57.99
C GLY D 100 8.42 -11.67 57.25
N PRO D 101 7.33 -11.51 56.48
CA PRO D 101 7.20 -10.27 55.72
C PRO D 101 6.94 -9.03 56.62
N LYS D 102 6.38 -9.22 57.82
CA LYS D 102 6.08 -8.06 58.70
C LYS D 102 7.25 -7.72 59.62
N ASP D 103 8.35 -8.47 59.52
CA ASP D 103 9.57 -8.18 60.26
C ASP D 103 10.53 -7.18 59.59
N GLU D 104 11.25 -6.38 60.41
CA GLU D 104 12.28 -5.42 59.94
C GLU D 104 13.45 -6.19 59.33
N GLU D 105 13.85 -7.26 60.00
CA GLU D 105 14.97 -8.02 59.48
C GLU D 105 14.36 -9.16 58.60
N ARG D 106 14.45 -9.00 57.27
CA ARG D 106 13.88 -10.03 56.35
C ARG D 106 14.57 -9.92 55.01
N HIS D 107 14.52 -10.95 54.16
CA HIS D 107 15.06 -10.83 52.78
C HIS D 107 14.02 -10.02 52.04
N VAL D 108 14.42 -9.32 50.97
CA VAL D 108 13.41 -8.66 50.17
C VAL D 108 12.38 -9.68 49.69
N GLY D 109 12.84 -10.88 49.36
CA GLY D 109 11.90 -11.87 48.80
C GLY D 109 11.05 -12.65 49.81
N ASP D 110 11.07 -12.27 51.09
CA ASP D 110 10.33 -13.06 52.12
C ASP D 110 8.89 -12.71 52.25
N LEU D 111 8.00 -13.49 51.63
CA LEU D 111 6.62 -13.16 51.61
C LEU D 111 5.81 -14.07 52.55
N GLY D 112 6.51 -14.75 53.43
CA GLY D 112 5.82 -15.45 54.59
C GLY D 112 5.24 -16.79 54.16
N ASN D 113 4.02 -17.09 54.58
CA ASN D 113 3.36 -18.35 54.24
C ASN D 113 2.09 -18.10 53.56
N VAL D 114 1.69 -19.01 52.64
CA VAL D 114 0.36 -19.03 52.20
C VAL D 114 -0.33 -20.21 52.87
N THR D 115 -1.63 -20.20 52.89
CA THR D 115 -2.42 -21.23 53.61
C THR D 115 -3.29 -21.96 52.64
N ALA D 116 -3.06 -23.26 52.53
CA ALA D 116 -3.95 -24.09 51.74
C ALA D 116 -5.06 -24.69 52.63
N ASP D 117 -6.30 -24.60 52.14
CA ASP D 117 -7.46 -25.21 52.76
C ASP D 117 -7.48 -26.74 52.62
N LYS D 118 -8.58 -27.37 53.08
CA LYS D 118 -8.76 -28.82 53.02
C LYS D 118 -8.81 -29.33 51.58
N ASP D 119 -9.24 -28.49 50.65
CA ASP D 119 -9.22 -28.84 49.22
C ASP D 119 -7.87 -28.58 48.51
N GLY D 120 -6.83 -28.22 49.25
CA GLY D 120 -5.50 -28.01 48.63
C GLY D 120 -5.33 -26.64 47.94
N VAL D 121 -6.27 -25.73 48.16
CA VAL D 121 -6.25 -24.36 47.56
C VAL D 121 -5.80 -23.26 48.53
N ALA D 122 -4.81 -22.45 48.13
CA ALA D 122 -4.39 -21.28 48.88
C ALA D 122 -4.90 -20.08 48.12
N ASP D 123 -5.80 -19.31 48.74
CA ASP D 123 -6.14 -18.01 48.20
C ASP D 123 -5.18 -16.96 48.75
N VAL D 124 -4.39 -16.33 47.87
CA VAL D 124 -3.28 -15.48 48.30
C VAL D 124 -3.75 -14.03 48.20
N SER D 125 -3.53 -13.29 49.27
CA SER D 125 -3.89 -11.88 49.30
C SER D 125 -2.98 -11.19 50.29
N ILE D 126 -2.01 -10.45 49.77
CA ILE D 126 -0.90 -9.94 50.50
C ILE D 126 -0.74 -8.46 50.05
N GLU D 127 -0.35 -7.59 50.97
CA GLU D 127 0.16 -6.30 50.60
C GLU D 127 1.52 -6.21 51.21
N ASP D 128 2.49 -5.81 50.41
CA ASP D 128 3.84 -5.75 50.87
C ASP D 128 4.53 -4.44 50.46
N SER D 129 5.36 -3.91 51.38
CA SER D 129 6.00 -2.59 51.22
C SER D 129 7.45 -2.71 51.01
N VAL D 130 7.96 -3.91 51.00
CA VAL D 130 9.37 -4.08 50.82
C VAL D 130 9.71 -4.46 49.37
N ILE D 131 8.98 -5.43 48.83
CA ILE D 131 9.20 -5.78 47.40
C ILE D 131 8.78 -4.58 46.53
N SER D 132 9.32 -4.51 45.30
CA SER D 132 8.90 -3.46 44.37
C SER D 132 8.88 -4.04 42.94
N LEU D 133 8.11 -3.42 42.07
CA LEU D 133 8.18 -3.73 40.63
C LEU D 133 9.04 -2.77 39.80
N SER D 134 9.83 -1.94 40.48
CA SER D 134 10.85 -1.08 39.84
C SER D 134 11.97 -0.78 40.85
N GLY D 135 13.10 -0.27 40.34
CA GLY D 135 14.33 0.01 41.10
C GLY D 135 15.09 -1.17 41.68
N ASP D 136 15.79 -0.99 42.80
CA ASP D 136 16.70 -2.05 43.28
C ASP D 136 16.07 -3.25 44.01
N HIS D 137 14.92 -3.06 44.65
CA HIS D 137 14.18 -4.20 45.23
C HIS D 137 13.27 -4.87 44.16
N CYS D 138 13.60 -4.63 42.87
CA CYS D 138 12.60 -4.87 41.79
C CYS D 138 12.58 -6.40 41.61
N ILE D 139 11.38 -7.00 41.53
CA ILE D 139 11.34 -8.49 41.49
C ILE D 139 10.96 -9.04 40.10
N ILE D 140 10.70 -8.15 39.15
CA ILE D 140 10.47 -8.59 37.74
C ILE D 140 11.68 -9.38 37.26
N GLY D 141 11.47 -10.53 36.61
CA GLY D 141 12.60 -11.31 36.11
C GLY D 141 13.17 -12.30 37.10
N ARG D 142 12.64 -12.29 38.31
CA ARG D 142 13.12 -13.22 39.35
C ARG D 142 12.06 -14.31 39.45
N THR D 143 12.24 -15.26 40.33
CA THR D 143 11.37 -16.42 40.40
C THR D 143 10.55 -16.48 41.70
N LEU D 144 9.23 -16.68 41.60
CA LEU D 144 8.39 -16.85 42.80
C LEU D 144 8.31 -18.35 43.03
N VAL D 145 8.48 -18.79 44.28
CA VAL D 145 8.53 -20.27 44.60
C VAL D 145 7.57 -20.52 45.77
N VAL D 146 6.73 -21.55 45.63
CA VAL D 146 5.95 -22.02 46.78
C VAL D 146 6.61 -23.31 47.28
N HIS D 147 6.78 -23.43 48.61
CA HIS D 147 7.63 -24.45 49.18
C HIS D 147 6.82 -25.56 49.86
N GLU D 148 7.53 -26.62 50.21
CA GLU D 148 6.89 -27.87 50.71
C GLU D 148 6.30 -27.69 52.13
N LYS D 149 7.03 -26.97 52.97
CA LYS D 149 6.67 -26.83 54.40
C LYS D 149 6.42 -25.36 54.78
N ALA D 150 5.99 -25.17 56.02
CA ALA D 150 5.82 -23.84 56.61
C ALA D 150 7.15 -23.13 56.75
N ASP D 151 7.13 -21.81 56.55
CA ASP D 151 8.31 -21.02 56.73
C ASP D 151 8.27 -20.71 58.25
N ASP D 152 9.36 -20.92 58.97
CA ASP D 152 9.28 -20.65 60.43
C ASP D 152 9.51 -19.15 60.75
N LEU D 153 9.59 -18.35 59.68
CA LEU D 153 9.72 -16.89 59.71
C LEU D 153 11.02 -16.45 60.34
N GLY D 154 12.04 -17.32 60.28
CA GLY D 154 13.38 -16.99 60.73
C GLY D 154 13.63 -17.20 62.23
N LYS D 155 12.58 -17.58 62.97
CA LYS D 155 12.63 -17.77 64.44
C LYS D 155 12.68 -19.22 64.86
N GLY D 156 13.30 -20.08 64.07
CA GLY D 156 13.32 -21.51 64.38
C GLY D 156 14.53 -21.97 65.17
N GLY D 157 15.37 -21.02 65.59
CA GLY D 157 16.48 -21.34 66.47
C GLY D 157 17.60 -22.25 65.95
N ASN D 158 17.71 -22.40 64.63
CA ASN D 158 18.91 -23.01 64.06
C ASN D 158 19.36 -22.20 62.83
N GLU D 159 20.51 -22.58 62.26
CA GLU D 159 21.11 -21.82 61.19
C GLU D 159 20.26 -21.80 59.90
N GLU D 160 19.65 -22.94 59.58
CA GLU D 160 18.80 -23.06 58.41
C GLU D 160 17.59 -22.15 58.50
N SER D 161 17.16 -21.84 59.72
CA SER D 161 15.98 -21.02 59.92
C SER D 161 16.25 -19.61 59.40
N THR D 162 17.50 -19.19 59.56
CA THR D 162 17.89 -17.82 59.25
C THR D 162 18.34 -17.69 57.79
N LYS D 163 18.37 -18.81 57.06
CA LYS D 163 18.63 -18.75 55.62
C LYS D 163 17.36 -18.98 54.78
N THR D 164 16.59 -20.00 55.15
CA THR D 164 15.45 -20.44 54.36
C THR D 164 14.18 -20.53 55.14
N GLY D 165 14.27 -20.35 56.46
CA GLY D 165 13.07 -20.56 57.25
C GLY D 165 12.66 -22.03 57.37
N ASN D 166 13.54 -22.94 56.98
CA ASN D 166 13.25 -24.39 56.97
C ASN D 166 11.97 -24.73 56.19
N ALA D 167 11.69 -24.03 55.08
CA ALA D 167 10.43 -24.28 54.36
C ALA D 167 10.57 -25.46 53.38
N GLY D 168 11.76 -26.03 53.28
CA GLY D 168 11.97 -27.30 52.54
C GLY D 168 11.97 -27.16 51.01
N SER D 169 11.56 -28.24 50.31
CA SER D 169 11.76 -28.33 48.85
C SER D 169 10.83 -27.36 48.10
N ARG D 170 11.16 -27.15 46.82
CA ARG D 170 10.42 -26.20 46.00
C ARG D 170 9.36 -26.97 45.23
N LEU D 171 8.10 -26.72 45.50
CA LEU D 171 7.03 -27.44 44.84
C LEU D 171 6.66 -26.88 43.46
N ALA D 172 6.62 -25.54 43.32
CA ALA D 172 6.31 -24.98 42.01
C ALA D 172 6.90 -23.58 41.95
N CYS D 173 7.10 -23.09 40.72
CA CYS D 173 7.75 -21.74 40.61
C CYS D 173 7.46 -21.19 39.24
N GLY D 174 7.78 -19.91 39.05
CA GLY D 174 7.68 -19.34 37.70
C GLY D 174 8.44 -18.04 37.73
N VAL D 175 8.73 -17.50 36.54
CA VAL D 175 9.44 -16.20 36.47
C VAL D 175 8.38 -15.12 36.57
N ILE D 176 8.68 -14.03 37.29
CA ILE D 176 7.74 -12.93 37.46
C ILE D 176 7.87 -12.01 36.20
N GLY D 177 6.81 -11.86 35.44
CA GLY D 177 6.82 -11.15 34.14
C GLY D 177 6.00 -9.90 34.19
N ILE D 178 6.35 -8.94 33.33
CA ILE D 178 5.55 -7.71 33.18
C ILE D 178 4.20 -8.04 32.59
N ALA D 179 3.15 -7.45 33.19
CA ALA D 179 1.80 -7.73 32.77
C ALA D 179 1.13 -6.46 32.23
N GLN D 180 0.08 -6.63 31.45
CA GLN D 180 -0.63 -5.52 30.85
C GLN D 180 -1.43 -4.75 31.91
N MET E 27 17.01 17.11 -23.00
CA MET E 27 17.20 18.07 -24.14
C MET E 27 18.43 18.98 -23.88
N ALA E 28 18.35 19.94 -22.93
CA ALA E 28 19.55 20.72 -22.55
C ALA E 28 20.70 19.89 -21.91
N THR E 29 21.90 19.98 -22.43
CA THR E 29 22.99 19.35 -21.73
C THR E 29 24.03 20.41 -21.30
N LYS E 30 23.84 21.66 -21.71
CA LYS E 30 24.78 22.76 -21.34
C LYS E 30 24.00 24.02 -20.94
N ALA E 31 24.46 24.71 -19.91
CA ALA E 31 23.81 25.96 -19.49
C ALA E 31 24.96 26.89 -19.03
N VAL E 32 24.63 28.16 -18.91
CA VAL E 32 25.65 29.15 -18.54
C VAL E 32 24.97 30.27 -17.77
N CYS E 33 25.75 30.94 -16.91
CA CYS E 33 25.20 32.00 -16.10
C CYS E 33 26.26 33.10 -16.01
N VAL E 34 25.86 34.35 -16.30
CA VAL E 34 26.68 35.56 -16.10
C VAL E 34 26.29 36.26 -14.83
N LEU E 35 27.22 36.28 -13.85
CA LEU E 35 26.92 36.90 -12.54
C LEU E 35 27.36 38.34 -12.57
N LYS E 36 26.48 39.23 -12.12
CA LYS E 36 26.80 40.67 -11.94
C LYS E 36 26.06 41.10 -10.72
N GLY E 37 26.48 42.20 -10.12
CA GLY E 37 25.69 42.77 -9.04
C GLY E 37 26.00 44.24 -8.92
N ASP E 38 25.76 44.78 -7.74
CA ASP E 38 25.86 46.23 -7.55
C ASP E 38 27.28 46.63 -7.22
N GLY E 39 28.09 45.65 -6.80
CA GLY E 39 29.49 45.93 -6.49
C GLY E 39 30.38 45.34 -7.54
N PRO E 40 31.61 44.94 -7.16
CA PRO E 40 32.56 44.51 -8.18
C PRO E 40 32.52 43.04 -8.54
N VAL E 41 31.65 42.26 -7.90
CA VAL E 41 31.68 40.78 -8.10
C VAL E 41 31.11 40.43 -9.46
N GLN E 42 31.87 39.68 -10.23
CA GLN E 42 31.35 39.20 -11.51
C GLN E 42 31.94 37.88 -11.88
N GLY E 43 31.25 37.11 -12.71
CA GLY E 43 31.83 35.90 -13.14
C GLY E 43 30.99 35.19 -14.16
N ILE E 44 31.52 34.08 -14.65
CA ILE E 44 30.81 33.24 -15.59
C ILE E 44 30.85 31.83 -15.06
N ILE E 45 29.67 31.24 -14.91
CA ILE E 45 29.60 29.84 -14.49
C ILE E 45 28.96 28.94 -15.56
N ASN E 46 29.59 27.80 -15.85
CA ASN E 46 29.08 26.87 -16.88
C ASN E 46 28.53 25.65 -16.17
N PHE E 47 27.53 25.02 -16.78
CA PHE E 47 26.94 23.79 -16.27
C PHE E 47 26.94 22.79 -17.44
N GLU E 48 27.31 21.54 -17.16
CA GLU E 48 27.22 20.52 -18.22
C GLU E 48 26.62 19.25 -17.61
N GLN E 49 25.66 18.64 -18.31
CA GLN E 49 25.07 17.41 -17.84
C GLN E 49 24.94 16.51 -19.06
N LYS E 50 25.85 15.61 -19.17
CA LYS E 50 25.90 14.75 -20.36
C LYS E 50 24.74 13.76 -20.42
N GLU E 51 24.26 13.32 -19.26
CA GLU E 51 23.13 12.36 -19.20
C GLU E 51 22.12 12.89 -18.24
N SER E 52 20.83 12.79 -18.58
CA SER E 52 19.82 13.39 -17.71
C SER E 52 19.72 12.69 -16.39
N ASN E 53 20.22 11.47 -16.30
CA ASN E 53 20.18 10.78 -14.98
C ASN E 53 21.54 10.89 -14.25
N GLY E 54 22.39 11.83 -14.65
CA GLY E 54 23.75 11.87 -14.11
C GLY E 54 24.05 13.23 -13.51
N PRO E 55 25.25 13.40 -12.96
CA PRO E 55 25.57 14.64 -12.26
C PRO E 55 25.76 15.83 -13.21
N VAL E 56 25.63 17.03 -12.64
CA VAL E 56 25.91 18.23 -13.40
C VAL E 56 27.28 18.74 -12.94
N LYS E 57 28.15 19.02 -13.90
CA LYS E 57 29.43 19.67 -13.58
C LYS E 57 29.18 21.16 -13.65
N VAL E 58 29.70 21.86 -12.66
CA VAL E 58 29.56 23.29 -12.49
C VAL E 58 30.97 23.88 -12.37
N TRP E 59 31.33 24.80 -13.27
CA TRP E 59 32.68 25.35 -13.18
C TRP E 59 32.78 26.73 -13.82
N GLY E 60 33.74 27.53 -13.38
CA GLY E 60 34.04 28.82 -14.06
C GLY E 60 34.71 29.64 -13.00
N SER E 61 34.68 30.95 -13.15
CA SER E 61 35.52 31.78 -12.34
C SER E 61 34.72 32.96 -11.88
N ILE E 62 34.80 33.30 -10.60
CA ILE E 62 34.11 34.47 -10.09
C ILE E 62 35.19 35.38 -9.49
N LYS E 63 35.18 36.67 -9.86
CA LYS E 63 36.22 37.61 -9.35
C LYS E 63 35.60 38.72 -8.58
N GLY E 64 36.44 39.60 -7.98
CA GLY E 64 35.89 40.64 -7.17
C GLY E 64 35.44 40.24 -5.78
N LEU E 65 35.85 39.06 -5.28
CA LEU E 65 35.37 38.57 -3.98
C LEU E 65 36.42 38.81 -2.87
N THR E 66 35.98 39.01 -1.63
CA THR E 66 36.91 38.90 -0.47
C THR E 66 37.38 37.46 -0.28
N GLU E 67 38.67 37.31 0.09
CA GLU E 67 39.29 36.01 0.31
C GLU E 67 38.47 35.19 1.28
N GLY E 68 38.30 33.91 1.00
CA GLY E 68 37.59 33.03 1.93
C GLY E 68 36.31 32.42 1.33
N LEU E 69 35.43 31.87 2.18
CA LEU E 69 34.26 31.09 1.75
C LEU E 69 33.09 32.02 1.44
N HIS E 70 32.35 31.66 0.39
CA HIS E 70 31.12 32.40 0.00
C HIS E 70 30.01 31.40 -0.37
N GLY E 71 28.81 31.60 0.19
CA GLY E 71 27.65 30.69 -0.08
C GLY E 71 27.37 30.81 -1.60
N PHE E 72 26.93 29.72 -2.21
CA PHE E 72 26.76 29.63 -3.68
C PHE E 72 25.52 28.78 -3.88
N HIS E 73 24.42 29.43 -4.30
CA HIS E 73 23.11 28.77 -4.27
C HIS E 73 22.31 29.08 -5.54
N VAL E 74 21.47 28.12 -5.92
CA VAL E 74 20.45 28.41 -6.95
C VAL E 74 19.21 28.86 -6.21
N HIS E 75 18.71 30.04 -6.59
CA HIS E 75 17.49 30.57 -5.99
C HIS E 75 16.30 30.37 -6.97
N GLU E 76 15.09 30.50 -6.41
CA GLU E 76 13.91 29.94 -7.05
C GLU E 76 13.54 30.65 -8.36
N PHE E 77 13.61 31.98 -8.38
CA PHE E 77 13.09 32.75 -9.54
C PHE E 77 14.20 33.36 -10.35
N GLY E 78 14.09 33.28 -11.67
CA GLY E 78 14.99 33.94 -12.63
C GLY E 78 14.52 35.39 -12.82
N ASP E 79 14.25 36.07 -11.72
CA ASP E 79 13.65 37.42 -11.72
C ASP E 79 14.68 38.43 -11.17
N ASN E 80 15.23 39.27 -12.03
CA ASN E 80 16.23 40.25 -11.60
C ASN E 80 15.66 41.68 -11.62
N THR E 81 14.36 41.80 -11.58
CA THR E 81 13.75 43.14 -11.69
C THR E 81 14.09 44.06 -10.53
N ALA E 82 14.23 43.54 -9.32
CA ALA E 82 14.73 44.36 -8.24
C ALA E 82 16.18 44.00 -7.91
N GLY E 83 16.96 43.57 -8.88
CA GLY E 83 18.31 43.10 -8.57
C GLY E 83 18.22 41.66 -8.00
N CYS E 84 19.27 41.24 -7.30
CA CYS E 84 19.31 39.88 -6.79
C CYS E 84 18.19 39.53 -5.81
N THR E 85 17.65 40.53 -5.12
CA THR E 85 16.60 40.32 -4.13
C THR E 85 15.37 39.65 -4.72
N SER E 86 15.06 39.96 -5.98
CA SER E 86 13.84 39.40 -6.58
C SER E 86 14.01 37.92 -6.99
N ALA E 87 15.19 37.33 -6.78
CA ALA E 87 15.34 35.89 -7.11
C ALA E 87 14.65 35.03 -6.06
N GLY E 88 14.24 35.64 -4.95
CA GLY E 88 13.43 34.91 -3.98
C GLY E 88 14.37 33.98 -3.13
N PRO E 89 13.80 32.94 -2.49
CA PRO E 89 14.58 32.09 -1.58
C PRO E 89 15.36 30.99 -2.36
N HIS E 90 16.08 30.10 -1.67
CA HIS E 90 16.73 28.99 -2.38
C HIS E 90 15.71 28.16 -3.11
N PHE E 91 16.10 27.63 -4.26
CA PHE E 91 15.21 26.75 -5.01
C PHE E 91 15.03 25.47 -4.19
N ASN E 92 13.77 25.18 -3.84
CA ASN E 92 13.49 24.18 -2.82
C ASN E 92 12.18 23.49 -3.20
N PRO E 93 12.15 22.75 -4.33
CA PRO E 93 10.82 22.21 -4.70
C PRO E 93 10.32 21.11 -3.76
N LEU E 94 11.21 20.49 -2.98
CA LEU E 94 10.75 19.49 -1.98
C LEU E 94 10.54 19.97 -0.58
N SER E 95 10.63 21.29 -0.38
CA SER E 95 10.32 21.89 0.90
C SER E 95 11.12 21.26 2.04
N ARG E 96 12.44 21.17 1.85
CA ARG E 96 13.32 20.67 2.89
C ARG E 96 13.93 21.85 3.60
N LYS E 97 14.68 21.57 4.66
CA LYS E 97 15.47 22.59 5.33
C LYS E 97 16.79 22.74 4.58
N HIS E 98 17.44 23.87 4.79
CA HIS E 98 18.75 24.14 4.16
C HIS E 98 19.86 23.15 4.64
N GLY E 99 20.69 22.67 3.71
CA GLY E 99 21.82 21.81 4.07
C GLY E 99 23.00 22.08 3.20
N GLY E 100 24.06 21.29 3.34
CA GLY E 100 25.19 21.36 2.42
C GLY E 100 24.86 20.41 1.26
N PRO E 101 25.67 20.46 0.20
CA PRO E 101 25.39 19.63 -0.97
C PRO E 101 25.47 18.13 -0.68
N LYS E 102 26.25 17.73 0.33
CA LYS E 102 26.35 16.33 0.67
C LYS E 102 25.23 15.83 1.56
N ASP E 103 24.37 16.71 2.07
CA ASP E 103 23.27 16.28 2.95
C ASP E 103 22.05 15.74 2.24
N GLU E 104 21.40 14.71 2.82
CA GLU E 104 20.11 14.24 2.28
C GLU E 104 19.07 15.32 2.44
N GLU E 105 19.07 15.95 3.61
CA GLU E 105 18.19 17.09 3.88
C GLU E 105 18.88 18.37 3.35
N ARG E 106 18.46 18.81 2.17
CA ARG E 106 19.00 20.05 1.58
C ARG E 106 17.98 20.58 0.61
N HIS E 107 18.06 21.88 0.30
CA HIS E 107 17.34 22.42 -0.86
C HIS E 107 18.00 21.93 -2.13
N VAL E 108 17.23 21.80 -3.21
CA VAL E 108 17.85 21.45 -4.49
C VAL E 108 18.95 22.50 -4.84
N GLY E 109 18.69 23.75 -4.53
CA GLY E 109 19.64 24.87 -4.79
C GLY E 109 20.92 24.95 -3.93
N ASP E 110 21.14 24.00 -3.02
CA ASP E 110 22.21 24.13 -1.98
C ASP E 110 23.52 23.59 -2.54
N LEU E 111 24.31 24.45 -3.18
CA LEU E 111 25.56 23.98 -3.75
C LEU E 111 26.75 24.28 -2.79
N GLY E 112 26.45 24.73 -1.58
CA GLY E 112 27.54 24.86 -0.60
C GLY E 112 28.33 26.15 -0.76
N ASN E 113 29.64 26.08 -0.52
CA ASN E 113 30.49 27.27 -0.58
C ASN E 113 31.42 27.18 -1.78
N VAL E 114 31.87 28.34 -2.25
CA VAL E 114 33.02 28.42 -3.13
C VAL E 114 34.08 29.21 -2.35
N THR E 115 35.35 29.07 -2.73
CA THR E 115 36.49 29.65 -1.99
C THR E 115 37.19 30.62 -2.87
N ALA E 116 37.22 31.89 -2.45
CA ALA E 116 38.00 32.87 -3.19
C ALA E 116 39.45 32.92 -2.58
N ASP E 117 40.44 32.98 -3.46
CA ASP E 117 41.84 33.09 -3.06
C ASP E 117 42.21 34.51 -2.65
N LYS E 118 43.48 34.71 -2.31
CA LYS E 118 43.92 36.05 -1.85
C LYS E 118 43.86 37.11 -2.96
N ASP E 119 43.77 36.72 -4.24
CA ASP E 119 43.59 37.71 -5.32
C ASP E 119 42.12 38.01 -5.69
N GLY E 120 41.21 37.49 -4.89
CA GLY E 120 39.78 37.75 -5.01
C GLY E 120 39.06 36.84 -6.01
N VAL E 121 39.70 35.76 -6.44
CA VAL E 121 39.13 34.88 -7.47
C VAL E 121 38.72 33.54 -6.89
N ALA E 122 37.47 33.13 -7.16
CA ALA E 122 37.01 31.80 -6.82
C ALA E 122 36.98 31.00 -8.15
N ASP E 123 37.86 30.00 -8.29
CA ASP E 123 37.80 29.11 -9.44
C ASP E 123 36.91 27.93 -9.08
N VAL E 124 35.69 28.00 -9.55
CA VAL E 124 34.65 27.10 -9.09
C VAL E 124 34.77 25.78 -9.79
N SER E 125 34.69 24.71 -9.03
CA SER E 125 34.61 23.41 -9.64
C SER E 125 33.83 22.49 -8.71
N ILE E 126 32.61 22.11 -9.12
CA ILE E 126 31.68 21.39 -8.25
C ILE E 126 31.05 20.33 -9.14
N GLU E 127 30.70 19.17 -8.58
CA GLU E 127 29.87 18.23 -9.31
C GLU E 127 28.69 17.93 -8.39
N ASP E 128 27.49 17.97 -8.93
CA ASP E 128 26.31 17.82 -8.12
C ASP E 128 25.26 16.95 -8.80
N SER E 129 24.68 16.02 -8.06
N SER E 129 24.68 16.04 -8.03
CA SER E 129 23.69 15.13 -8.64
CA SER E 129 23.73 15.09 -8.59
C SER E 129 22.26 15.45 -8.22
C SER E 129 22.30 15.42 -8.17
N VAL E 130 22.07 16.53 -7.48
CA VAL E 130 20.71 16.90 -7.05
C VAL E 130 20.10 17.99 -8.00
N ILE E 131 20.90 18.98 -8.38
CA ILE E 131 20.43 19.92 -9.44
C ILE E 131 20.37 19.14 -10.74
N SER E 132 19.62 19.65 -11.71
CA SER E 132 19.59 19.01 -13.04
C SER E 132 19.39 20.11 -14.09
N LEU E 133 19.66 19.79 -15.35
CA LEU E 133 19.27 20.69 -16.45
C LEU E 133 17.98 20.23 -17.14
N SER E 134 17.28 19.28 -16.52
CA SER E 134 15.93 18.87 -16.96
C SER E 134 15.10 18.36 -15.83
N GLY E 135 13.78 18.27 -16.07
CA GLY E 135 12.86 17.69 -15.10
C GLY E 135 12.55 18.57 -13.91
N ASP E 136 12.01 17.97 -12.87
CA ASP E 136 11.56 18.72 -11.68
C ASP E 136 12.66 19.57 -11.02
N HIS E 137 13.91 19.11 -11.12
CA HIS E 137 15.00 19.77 -10.39
C HIS E 137 15.78 20.70 -11.34
N CYS E 138 15.17 21.03 -12.49
CA CYS E 138 15.83 21.80 -13.54
C CYS E 138 16.12 23.18 -13.02
N ILE E 139 17.34 23.66 -13.22
CA ILE E 139 17.70 24.99 -12.72
C ILE E 139 17.78 26.05 -13.85
N ILE E 140 17.56 25.64 -15.11
CA ILE E 140 17.50 26.62 -16.21
C ILE E 140 16.35 27.55 -15.96
N GLY E 141 16.59 28.83 -16.15
CA GLY E 141 15.58 29.85 -15.89
C GLY E 141 15.52 30.29 -14.46
N ARG E 142 16.39 29.74 -13.58
CA ARG E 142 16.42 30.20 -12.18
C ARG E 142 17.64 31.05 -11.98
N THR E 143 17.89 31.51 -10.73
CA THR E 143 19.01 32.43 -10.55
C THR E 143 20.16 31.78 -9.72
N LEU E 144 21.40 31.91 -10.18
CA LEU E 144 22.59 31.51 -9.34
C LEU E 144 23.05 32.76 -8.60
N VAL E 145 23.32 32.66 -7.30
CA VAL E 145 23.71 33.80 -6.48
C VAL E 145 24.99 33.43 -5.72
N VAL E 146 25.97 34.37 -5.65
CA VAL E 146 27.11 34.19 -4.77
C VAL E 146 26.90 35.21 -3.65
N HIS E 147 27.08 34.71 -2.43
CA HIS E 147 26.74 35.44 -1.23
C HIS E 147 27.97 36.05 -0.54
N GLU E 148 27.67 36.95 0.37
CA GLU E 148 28.64 37.73 1.14
C GLU E 148 29.48 36.91 2.09
N LYS E 149 28.87 35.94 2.76
CA LYS E 149 29.57 35.16 3.83
C LYS E 149 29.53 33.66 3.58
N ALA E 150 30.25 32.88 4.42
CA ALA E 150 30.21 31.45 4.29
C ALA E 150 28.81 30.93 4.61
N ASP E 151 28.41 29.87 3.89
CA ASP E 151 27.20 29.12 4.20
C ASP E 151 27.57 28.17 5.35
N ASP E 152 26.79 28.15 6.45
CA ASP E 152 27.08 27.23 7.59
C ASP E 152 26.51 25.80 7.38
N LEU E 153 25.98 25.58 6.19
CA LEU E 153 25.48 24.29 5.73
C LEU E 153 24.33 23.76 6.58
N GLY E 154 23.59 24.69 7.16
CA GLY E 154 22.38 24.34 7.83
C GLY E 154 22.67 23.89 9.27
N LYS E 155 23.90 24.06 9.71
CA LYS E 155 24.32 23.50 11.06
C LYS E 155 24.47 24.61 12.12
N GLY E 156 23.89 25.78 11.86
CA GLY E 156 24.16 26.94 12.74
C GLY E 156 23.21 27.04 13.94
N GLY E 157 22.16 26.21 13.98
CA GLY E 157 21.27 26.15 15.19
C GLY E 157 20.35 27.34 15.40
N ASN E 158 20.34 28.27 14.45
CA ASN E 158 19.31 29.33 14.47
C ASN E 158 18.36 29.19 13.33
N GLU E 159 17.32 30.02 13.34
CA GLU E 159 16.27 29.84 12.30
C GLU E 159 16.83 30.14 10.91
N GLU E 160 17.69 31.15 10.86
CA GLU E 160 18.26 31.58 9.57
C GLU E 160 19.12 30.45 8.94
N SER E 161 19.81 29.67 9.78
CA SER E 161 20.62 28.57 9.22
C SER E 161 19.78 27.60 8.42
N THR E 162 18.57 27.27 8.92
CA THR E 162 17.69 26.33 8.23
C THR E 162 17.09 26.91 6.90
N LYS E 163 17.30 28.21 6.64
CA LYS E 163 16.72 28.88 5.44
C LYS E 163 17.82 29.25 4.47
N THR E 164 18.86 29.91 4.97
CA THR E 164 19.88 30.46 4.08
C THR E 164 21.29 30.06 4.40
N GLY E 165 21.49 29.29 5.47
CA GLY E 165 22.84 28.96 5.92
C GLY E 165 23.57 30.17 6.49
N ASN E 166 22.85 31.25 6.77
CA ASN E 166 23.53 32.47 7.31
C ASN E 166 24.55 33.08 6.33
N ALA E 167 24.36 32.87 5.03
CA ALA E 167 25.37 33.31 4.06
C ALA E 167 25.29 34.83 3.75
N GLY E 168 24.31 35.52 4.34
CA GLY E 168 24.29 36.99 4.24
C GLY E 168 23.87 37.50 2.86
N SER E 169 24.41 38.67 2.49
N SER E 169 24.26 38.74 2.53
CA SER E 169 23.92 39.41 1.32
CA SER E 169 23.67 39.42 1.37
C SER E 169 24.20 38.76 -0.02
C SER E 169 24.11 38.77 0.04
N ARG E 170 23.47 39.20 -1.03
CA ARG E 170 23.64 38.63 -2.37
C ARG E 170 24.58 39.55 -3.11
N LEU E 171 25.79 39.10 -3.40
CA LEU E 171 26.81 39.96 -3.99
C LEU E 171 26.65 40.07 -5.49
N ALA E 172 26.25 38.98 -6.12
CA ALA E 172 26.09 38.96 -7.58
C ALA E 172 25.21 37.81 -7.98
N CYS E 173 24.54 37.95 -9.12
CA CYS E 173 23.62 36.90 -9.55
C CYS E 173 23.41 36.96 -11.06
N GLY E 174 22.80 35.89 -11.58
CA GLY E 174 22.48 35.85 -13.01
C GLY E 174 21.41 34.78 -13.19
N VAL E 175 20.65 34.94 -14.27
CA VAL E 175 19.70 33.89 -14.68
C VAL E 175 20.44 32.82 -15.44
N ILE E 176 20.11 31.56 -15.16
CA ILE E 176 20.83 30.45 -15.76
C ILE E 176 20.18 30.18 -17.11
N GLY E 177 20.93 30.27 -18.20
CA GLY E 177 20.38 30.19 -19.54
C GLY E 177 20.86 28.97 -20.27
N ILE E 178 20.06 28.53 -21.26
CA ILE E 178 20.50 27.42 -22.14
C ILE E 178 21.70 27.82 -22.97
N ALA E 179 22.72 26.97 -23.05
CA ALA E 179 23.93 27.30 -23.79
C ALA E 179 24.07 26.36 -24.98
N GLN E 180 24.91 26.73 -25.92
CA GLN E 180 25.16 25.92 -27.13
C GLN E 180 26.10 24.77 -26.84
N ALA F 26 5.55 22.08 -10.48
CA ALA F 26 4.99 23.24 -11.21
C ALA F 26 5.44 23.19 -12.69
N MET F 27 4.53 23.56 -13.59
CA MET F 27 4.93 24.02 -14.92
C MET F 27 4.86 25.54 -14.82
N ALA F 28 5.71 26.22 -15.58
CA ALA F 28 5.82 27.67 -15.42
C ALA F 28 4.56 28.39 -15.95
N THR F 29 3.94 29.20 -15.08
N THR F 29 3.91 29.19 -15.11
CA THR F 29 2.81 30.06 -15.45
CA THR F 29 2.82 30.06 -15.61
C THR F 29 3.22 31.52 -15.74
C THR F 29 3.26 31.52 -15.85
N LYS F 30 4.39 31.94 -15.25
CA LYS F 30 4.87 33.33 -15.36
C LYS F 30 6.38 33.35 -15.58
N ALA F 31 6.86 34.29 -16.38
CA ALA F 31 8.29 34.47 -16.61
C ALA F 31 8.53 35.99 -16.70
N VAL F 32 9.80 36.39 -16.63
CA VAL F 32 10.13 37.83 -16.62
C VAL F 32 11.46 37.92 -17.31
N CYS F 33 11.73 39.07 -17.94
CA CYS F 33 12.99 39.24 -18.56
C CYS F 33 13.42 40.71 -18.32
N VAL F 34 14.67 40.92 -17.87
CA VAL F 34 15.23 42.27 -17.70
C VAL F 34 16.16 42.54 -18.87
N LEU F 35 15.83 43.52 -19.73
CA LEU F 35 16.65 43.78 -20.90
C LEU F 35 17.71 44.86 -20.58
N LYS F 36 18.94 44.60 -20.99
CA LYS F 36 20.05 45.53 -20.73
C LYS F 36 20.95 45.43 -21.88
N GLY F 37 21.67 46.49 -22.22
CA GLY F 37 22.71 46.35 -23.20
C GLY F 37 23.87 47.32 -22.98
N ASP F 38 24.59 47.64 -24.04
CA ASP F 38 25.78 48.51 -23.92
C ASP F 38 25.47 49.99 -24.00
N GLY F 39 24.27 50.30 -24.46
CA GLY F 39 23.77 51.65 -24.56
C GLY F 39 22.69 51.84 -23.51
N PRO F 40 21.77 52.76 -23.77
CA PRO F 40 20.80 53.21 -22.77
C PRO F 40 19.49 52.38 -22.82
N VAL F 41 19.42 51.39 -23.70
CA VAL F 41 18.13 50.68 -23.85
C VAL F 41 17.86 49.79 -22.64
N GLN F 42 16.71 49.94 -22.00
CA GLN F 42 16.39 48.98 -20.93
C GLN F 42 14.91 48.78 -20.66
N GLY F 43 14.56 47.63 -20.09
CA GLY F 43 13.16 47.34 -19.90
C GLY F 43 12.94 46.06 -19.15
N ILE F 44 11.69 45.87 -18.74
CA ILE F 44 11.23 44.73 -17.98
C ILE F 44 10.01 44.23 -18.79
N ILE F 45 10.10 42.97 -19.21
CA ILE F 45 9.01 42.32 -19.95
C ILE F 45 8.53 41.13 -19.15
N ASN F 46 7.21 41.09 -18.94
CA ASN F 46 6.54 40.00 -18.25
C ASN F 46 5.85 39.01 -19.21
N PHE F 47 5.71 37.77 -18.75
CA PHE F 47 5.08 36.73 -19.55
C PHE F 47 4.15 36.01 -18.64
N GLU F 48 2.94 35.73 -19.15
CA GLU F 48 1.95 34.97 -18.38
C GLU F 48 1.21 33.97 -19.26
N GLN F 49 1.06 32.74 -18.77
CA GLN F 49 0.41 31.69 -19.58
C GLN F 49 -0.40 30.87 -18.61
N LYS F 50 -1.66 31.26 -18.47
CA LYS F 50 -2.58 30.67 -17.51
C LYS F 50 -2.82 29.21 -17.83
N GLU F 51 -2.84 28.86 -19.11
CA GLU F 51 -3.09 27.47 -19.53
C GLU F 51 -1.95 27.02 -20.41
N SER F 52 -1.41 25.83 -20.15
CA SER F 52 -0.25 25.37 -20.89
C SER F 52 -0.52 25.17 -22.36
N ASN F 53 -1.78 24.97 -22.71
CA ASN F 53 -2.08 24.82 -24.12
C ASN F 53 -2.74 26.08 -24.68
N GLY F 54 -2.65 27.18 -23.93
CA GLY F 54 -3.19 28.46 -24.32
C GLY F 54 -2.09 29.49 -24.68
N PRO F 55 -2.50 30.71 -25.01
CA PRO F 55 -1.50 31.68 -25.47
C PRO F 55 -0.76 32.33 -24.31
N VAL F 56 0.39 32.89 -24.65
CA VAL F 56 1.21 33.65 -23.70
C VAL F 56 0.96 35.16 -23.84
N LYS F 57 0.64 35.83 -22.75
CA LYS F 57 0.55 37.28 -22.76
C LYS F 57 1.92 37.85 -22.43
N VAL F 58 2.36 38.83 -23.23
CA VAL F 58 3.70 39.43 -23.10
C VAL F 58 3.47 40.93 -22.89
N TRP F 59 3.89 41.49 -21.76
CA TRP F 59 3.69 42.93 -21.55
C TRP F 59 4.76 43.56 -20.72
N GLY F 60 4.99 44.86 -20.95
CA GLY F 60 5.85 45.61 -20.00
C GLY F 60 6.29 46.87 -20.71
N SER F 61 7.48 47.35 -20.39
CA SER F 61 7.93 48.63 -20.96
C SER F 61 9.42 48.59 -21.26
N ILE F 62 9.80 49.18 -22.39
CA ILE F 62 11.18 49.35 -22.78
C ILE F 62 11.44 50.88 -22.95
N LYS F 63 12.52 51.39 -22.35
CA LYS F 63 12.98 52.79 -22.57
C LYS F 63 14.36 52.91 -23.20
N GLY F 64 14.70 54.14 -23.58
CA GLY F 64 15.97 54.39 -24.22
C GLY F 64 16.01 54.11 -25.70
N LEU F 65 14.82 54.00 -26.32
CA LEU F 65 14.74 53.64 -27.72
C LEU F 65 14.50 54.91 -28.58
N THR F 66 15.03 54.91 -29.78
CA THR F 66 14.63 55.91 -30.80
C THR F 66 13.15 55.67 -31.18
N GLU F 67 12.37 56.75 -31.28
CA GLU F 67 10.96 56.72 -31.69
C GLU F 67 10.78 55.83 -32.93
N GLY F 68 9.71 55.03 -32.96
CA GLY F 68 9.52 54.13 -34.11
C GLY F 68 9.50 52.64 -33.76
N LEU F 69 9.57 51.82 -34.80
CA LEU F 69 9.41 50.34 -34.70
C LEU F 69 10.72 49.64 -34.47
N HIS F 70 10.71 48.60 -33.62
CA HIS F 70 11.92 47.89 -33.25
C HIS F 70 11.63 46.36 -33.17
N GLY F 71 12.49 45.58 -33.82
CA GLY F 71 12.33 44.13 -33.92
C GLY F 71 12.41 43.55 -32.50
N PHE F 72 11.64 42.48 -32.22
CA PHE F 72 11.51 42.00 -30.85
C PHE F 72 11.41 40.49 -30.94
N HIS F 73 12.49 39.78 -30.59
CA HIS F 73 12.66 38.34 -30.86
C HIS F 73 13.14 37.57 -29.65
N VAL F 74 12.65 36.34 -29.51
CA VAL F 74 13.32 35.35 -28.63
C VAL F 74 14.40 34.66 -29.44
N HIS F 75 15.65 34.74 -28.96
CA HIS F 75 16.78 34.10 -29.58
C HIS F 75 17.13 32.79 -28.85
N GLU F 76 17.95 31.94 -29.47
CA GLU F 76 18.03 30.55 -29.11
C GLU F 76 18.68 30.29 -27.73
N PHE F 77 19.81 30.96 -27.45
CA PHE F 77 20.61 30.66 -26.23
C PHE F 77 20.47 31.73 -25.19
N GLY F 78 20.40 31.29 -23.91
CA GLY F 78 20.35 32.22 -22.78
C GLY F 78 21.81 32.45 -22.37
N ASP F 79 22.66 32.76 -23.34
CA ASP F 79 24.11 32.92 -23.11
C ASP F 79 24.43 34.39 -23.38
N ASN F 80 24.79 35.11 -22.31
CA ASN F 80 25.11 36.52 -22.40
C ASN F 80 26.62 36.74 -22.16
N THR F 81 27.41 35.69 -22.32
CA THR F 81 28.84 35.81 -22.03
C THR F 81 29.57 36.80 -22.97
N ALA F 82 29.12 36.96 -24.22
CA ALA F 82 29.66 38.05 -25.09
C ALA F 82 28.58 39.07 -25.39
N GLY F 83 27.82 39.43 -24.37
CA GLY F 83 26.69 40.34 -24.52
C GLY F 83 25.65 39.67 -25.41
N CYS F 84 24.87 40.49 -26.10
CA CYS F 84 23.74 40.03 -26.89
C CYS F 84 24.10 39.11 -28.06
N THR F 85 25.34 39.18 -28.54
CA THR F 85 25.78 38.33 -29.64
C THR F 85 25.72 36.86 -29.31
N SER F 86 26.03 36.50 -28.06
CA SER F 86 26.14 35.09 -27.75
C SER F 86 24.75 34.39 -27.65
N ALA F 87 23.67 35.16 -27.74
CA ALA F 87 22.30 34.63 -27.82
C ALA F 87 22.01 33.82 -29.09
N GLY F 88 22.88 33.97 -30.11
CA GLY F 88 22.76 33.20 -31.35
C GLY F 88 21.56 33.69 -32.15
N PRO F 89 21.01 32.80 -33.03
CA PRO F 89 19.97 33.19 -33.97
C PRO F 89 18.55 33.21 -33.35
N HIS F 90 17.51 33.53 -34.14
CA HIS F 90 16.11 33.55 -33.62
C HIS F 90 15.82 32.10 -33.19
N PHE F 91 15.00 31.94 -32.14
CA PHE F 91 14.70 30.60 -31.60
C PHE F 91 13.86 29.87 -32.69
N ASN F 92 14.35 28.74 -33.19
CA ASN F 92 13.72 28.13 -34.38
C ASN F 92 13.71 26.61 -34.28
N PRO F 93 12.99 26.02 -33.29
CA PRO F 93 13.12 24.58 -33.15
C PRO F 93 12.51 23.81 -34.37
N LEU F 94 11.58 24.43 -35.09
CA LEU F 94 10.96 23.81 -36.31
C LEU F 94 11.65 24.08 -37.65
N SER F 95 12.85 24.69 -37.63
CA SER F 95 13.64 25.06 -38.82
C SER F 95 12.81 25.67 -39.97
N ARG F 96 11.99 26.66 -39.64
CA ARG F 96 11.24 27.44 -40.60
C ARG F 96 11.98 28.75 -40.97
N LYS F 97 11.46 29.46 -41.99
CA LYS F 97 11.98 30.78 -42.33
C LYS F 97 11.38 31.83 -41.37
N HIS F 98 12.05 32.99 -41.28
CA HIS F 98 11.62 34.11 -40.43
C HIS F 98 10.34 34.73 -40.96
N GLY F 99 9.42 35.11 -40.07
CA GLY F 99 8.17 35.79 -40.44
C GLY F 99 7.65 36.71 -39.35
N GLY F 100 6.45 37.22 -39.55
CA GLY F 100 5.80 38.06 -38.57
C GLY F 100 5.07 37.14 -37.61
N PRO F 101 4.66 37.68 -36.44
CA PRO F 101 3.96 36.87 -35.43
C PRO F 101 2.70 36.20 -35.98
N LYS F 102 1.96 36.89 -36.87
CA LYS F 102 0.71 36.32 -37.43
C LYS F 102 0.89 35.40 -38.65
N ASP F 103 2.12 35.20 -39.11
CA ASP F 103 2.38 34.25 -40.22
C ASP F 103 2.46 32.81 -39.72
N GLU F 104 2.02 31.87 -40.57
CA GLU F 104 2.19 30.42 -40.35
C GLU F 104 3.68 30.03 -40.50
N GLU F 105 4.36 30.64 -41.47
CA GLU F 105 5.78 30.42 -41.64
C GLU F 105 6.54 31.47 -40.80
N ARG F 106 7.05 31.08 -39.63
CA ARG F 106 7.76 32.03 -38.77
C ARG F 106 8.64 31.22 -37.85
N HIS F 107 9.64 31.87 -37.24
CA HIS F 107 10.40 31.25 -36.14
C HIS F 107 9.48 31.27 -34.91
N VAL F 108 9.71 30.35 -33.96
CA VAL F 108 8.97 30.39 -32.71
C VAL F 108 9.27 31.73 -32.01
N GLY F 109 10.51 32.16 -32.09
CA GLY F 109 10.88 33.42 -31.41
C GLY F 109 10.38 34.73 -32.06
N ASP F 110 9.66 34.65 -33.20
CA ASP F 110 9.39 35.90 -34.00
C ASP F 110 8.27 36.66 -33.39
N LEU F 111 8.57 37.65 -32.55
CA LEU F 111 7.48 38.36 -31.89
C LEU F 111 7.14 39.72 -32.56
N GLY F 112 7.69 39.95 -33.73
CA GLY F 112 7.23 41.20 -34.49
C GLY F 112 8.01 42.44 -34.12
N ASN F 113 7.31 43.56 -33.94
CA ASN F 113 7.97 44.81 -33.62
C ASN F 113 7.31 45.38 -32.43
N VAL F 114 8.08 46.11 -31.63
CA VAL F 114 7.45 46.96 -30.65
C VAL F 114 7.62 48.41 -31.17
N THR F 115 6.82 49.29 -30.60
CA THR F 115 6.78 50.71 -30.98
C THR F 115 7.16 51.70 -29.89
N ALA F 116 8.26 52.40 -30.12
CA ALA F 116 8.69 53.43 -29.18
C ALA F 116 8.07 54.80 -29.58
N ASP F 117 7.43 55.44 -28.61
CA ASP F 117 6.86 56.77 -28.72
C ASP F 117 7.92 57.83 -28.84
N LYS F 118 7.48 59.10 -28.83
CA LYS F 118 8.44 60.18 -29.05
C LYS F 118 9.34 60.38 -27.84
N ASP F 119 8.90 59.90 -26.67
CA ASP F 119 9.73 59.92 -25.45
C ASP F 119 10.67 58.71 -25.31
N GLY F 120 10.76 57.90 -26.37
CA GLY F 120 11.65 56.75 -26.43
C GLY F 120 11.14 55.53 -25.65
N VAL F 121 9.88 55.54 -25.24
CA VAL F 121 9.28 54.47 -24.44
C VAL F 121 8.37 53.58 -25.30
N ALA F 122 8.59 52.27 -25.27
CA ALA F 122 7.73 51.33 -26.01
C ALA F 122 6.93 50.57 -24.99
N ASP F 123 5.60 50.75 -24.99
CA ASP F 123 4.70 49.95 -24.17
C ASP F 123 4.34 48.71 -24.94
N VAL F 124 4.64 47.56 -24.35
CA VAL F 124 4.54 46.24 -25.01
C VAL F 124 3.31 45.55 -24.45
N SER F 125 2.45 45.11 -25.37
CA SER F 125 1.27 44.33 -25.07
C SER F 125 1.03 43.40 -26.25
N ILE F 126 1.17 42.11 -26.00
CA ILE F 126 1.24 41.11 -27.06
C ILE F 126 0.54 39.89 -26.46
N GLU F 127 -0.16 39.15 -27.31
CA GLU F 127 -0.66 37.84 -26.91
C GLU F 127 -0.22 36.91 -28.03
N ASP F 128 0.49 35.83 -27.70
CA ASP F 128 1.06 35.03 -28.80
C ASP F 128 0.80 33.54 -28.52
N SER F 129 0.39 32.81 -29.55
N SER F 129 0.39 32.78 -29.54
CA SER F 129 -0.02 31.40 -29.38
CA SER F 129 0.01 31.36 -29.31
C SER F 129 1.03 30.41 -29.89
C SER F 129 1.06 30.40 -29.85
N VAL F 130 2.20 30.91 -30.27
CA VAL F 130 3.24 30.02 -30.79
C VAL F 130 4.36 29.75 -29.72
N ILE F 131 4.85 30.81 -29.09
CA ILE F 131 5.76 30.64 -27.92
C ILE F 131 5.01 29.97 -26.77
N SER F 132 5.77 29.28 -25.91
CA SER F 132 5.15 28.69 -24.73
C SER F 132 6.12 28.85 -23.55
N LEU F 133 5.59 28.80 -22.34
CA LEU F 133 6.47 28.72 -21.15
C LEU F 133 6.70 27.27 -20.67
N SER F 134 6.33 26.29 -21.49
CA SER F 134 6.55 24.86 -21.20
C SER F 134 6.57 24.07 -22.50
N GLY F 135 7.09 22.82 -22.46
CA GLY F 135 7.32 21.97 -23.64
C GLY F 135 8.33 22.38 -24.72
N ASP F 136 8.07 22.00 -25.96
CA ASP F 136 9.09 22.16 -27.00
C ASP F 136 9.25 23.59 -27.56
N HIS F 137 8.18 24.38 -27.48
CA HIS F 137 8.24 25.80 -27.88
C HIS F 137 8.65 26.67 -26.66
N CYS F 138 9.22 26.04 -25.61
CA CYS F 138 9.38 26.71 -24.29
C CYS F 138 10.51 27.74 -24.41
N ILE F 139 10.29 28.95 -23.91
CA ILE F 139 11.27 30.04 -24.14
C ILE F 139 12.03 30.37 -22.84
N ILE F 140 11.70 29.65 -21.77
CA ILE F 140 12.40 29.88 -20.47
C ILE F 140 13.87 29.50 -20.65
N GLY F 141 14.81 30.31 -20.15
CA GLY F 141 16.24 29.99 -20.38
C GLY F 141 16.81 30.50 -21.70
N ARG F 142 15.97 31.10 -22.57
CA ARG F 142 16.50 31.63 -23.84
C ARG F 142 16.54 33.17 -23.65
N THR F 143 16.87 33.89 -24.70
CA THR F 143 17.17 35.33 -24.54
C THR F 143 16.16 36.17 -25.35
N LEU F 144 15.59 37.23 -24.74
CA LEU F 144 14.70 38.17 -25.48
C LEU F 144 15.60 39.30 -25.89
N VAL F 145 15.47 39.74 -27.15
CA VAL F 145 16.34 40.79 -27.70
C VAL F 145 15.43 41.89 -28.33
N VAL F 146 15.72 43.15 -28.03
CA VAL F 146 15.15 44.26 -28.75
C VAL F 146 16.21 44.79 -29.75
N HIS F 147 15.75 45.00 -30.99
CA HIS F 147 16.69 45.23 -32.11
C HIS F 147 16.73 46.73 -32.54
N GLU F 148 17.76 47.05 -33.33
CA GLU F 148 18.05 48.47 -33.72
C GLU F 148 16.96 49.09 -34.63
N LYS F 149 16.47 48.31 -35.60
CA LYS F 149 15.53 48.76 -36.63
C LYS F 149 14.27 47.90 -36.63
N ALA F 150 13.27 48.37 -37.38
CA ALA F 150 12.07 47.56 -37.67
C ALA F 150 12.38 46.17 -38.24
N ASP F 151 11.58 45.19 -37.80
CA ASP F 151 11.57 43.86 -38.36
C ASP F 151 10.65 43.93 -39.59
N ASP F 152 11.16 43.56 -40.77
CA ASP F 152 10.36 43.62 -42.04
C ASP F 152 9.41 42.41 -42.24
N LEU F 153 9.27 41.64 -41.15
CA LEU F 153 8.37 40.49 -41.07
C LEU F 153 8.63 39.39 -42.12
N GLY F 154 9.89 39.33 -42.57
CA GLY F 154 10.38 38.30 -43.51
C GLY F 154 9.94 38.55 -44.96
N LYS F 155 9.45 39.76 -45.22
CA LYS F 155 8.89 40.15 -46.52
C LYS F 155 9.74 41.25 -47.16
N GLY F 156 11.02 41.31 -46.84
CA GLY F 156 11.92 42.31 -47.43
C GLY F 156 12.57 41.87 -48.75
N GLY F 157 12.28 40.64 -49.17
CA GLY F 157 12.73 40.11 -50.46
C GLY F 157 14.22 39.88 -50.70
N ASN F 158 15.01 39.80 -49.64
CA ASN F 158 16.41 39.31 -49.74
C ASN F 158 16.61 38.15 -48.74
N GLU F 159 17.80 37.55 -48.76
CA GLU F 159 18.07 36.40 -47.91
C GLU F 159 18.03 36.76 -46.40
N GLU F 160 18.75 37.83 -46.05
CA GLU F 160 18.74 38.43 -44.70
C GLU F 160 17.31 38.64 -44.15
N SER F 161 16.36 38.99 -45.02
CA SER F 161 14.97 39.11 -44.58
C SER F 161 14.41 37.78 -44.04
N THR F 162 14.83 36.65 -44.64
CA THR F 162 14.34 35.29 -44.34
C THR F 162 14.98 34.69 -43.06
N LYS F 163 16.01 35.37 -42.55
CA LYS F 163 16.74 34.93 -41.34
C LYS F 163 16.43 35.83 -40.15
N THR F 164 16.50 37.14 -40.37
CA THR F 164 16.46 38.13 -39.29
C THR F 164 15.38 39.22 -39.43
N GLY F 165 14.68 39.26 -40.58
CA GLY F 165 13.72 40.35 -40.85
C GLY F 165 14.38 41.72 -41.00
N ASN F 166 15.69 41.70 -41.29
CA ASN F 166 16.54 42.90 -41.39
C ASN F 166 16.58 43.86 -40.18
N ALA F 167 16.26 43.37 -38.98
CA ALA F 167 16.12 44.26 -37.80
C ALA F 167 17.47 44.81 -37.27
N GLY F 168 18.61 44.32 -37.78
CA GLY F 168 19.89 44.91 -37.41
C GLY F 168 20.39 44.58 -36.00
N SER F 169 21.26 45.45 -35.47
N SER F 169 21.21 45.48 -35.45
CA SER F 169 22.00 45.16 -34.24
CA SER F 169 21.97 45.22 -34.23
C SER F 169 21.13 44.95 -33.00
C SER F 169 21.13 45.01 -32.97
N ARG F 170 21.73 44.36 -31.98
CA ARG F 170 20.99 44.05 -30.76
C ARG F 170 21.22 45.13 -29.73
N LEU F 171 20.17 45.88 -29.40
CA LEU F 171 20.31 47.02 -28.49
C LEU F 171 20.34 46.58 -27.01
N ALA F 172 19.49 45.61 -26.67
CA ALA F 172 19.46 45.14 -25.31
C ALA F 172 18.92 43.71 -25.33
N CYS F 173 19.14 42.99 -24.23
CA CYS F 173 18.68 41.58 -24.16
C CYS F 173 18.68 41.11 -22.71
N GLY F 174 18.07 39.95 -22.46
CA GLY F 174 18.11 39.40 -21.09
C GLY F 174 17.68 37.95 -21.21
N VAL F 175 18.05 37.14 -20.22
CA VAL F 175 17.61 35.75 -20.22
C VAL F 175 16.20 35.74 -19.64
N ILE F 176 15.33 34.91 -20.22
CA ILE F 176 13.98 34.78 -19.75
C ILE F 176 13.97 33.82 -18.56
N GLY F 177 13.45 34.29 -17.44
CA GLY F 177 13.52 33.58 -16.17
C GLY F 177 12.17 33.26 -15.66
N ILE F 178 12.09 32.18 -14.86
CA ILE F 178 10.86 31.87 -14.14
C ILE F 178 10.50 32.90 -13.11
N ALA F 179 9.22 33.30 -13.07
CA ALA F 179 8.81 34.36 -12.16
C ALA F 179 7.77 33.84 -11.20
N GLN F 180 7.55 34.57 -10.11
CA GLN F 180 6.59 34.18 -9.09
C GLN F 180 5.19 34.56 -9.55
N ALA G 28 -24.51 25.63 23.02
CA ALA G 28 -25.33 24.45 23.43
C ALA G 28 -26.15 24.76 24.69
N THR G 29 -27.45 24.91 24.53
CA THR G 29 -28.34 25.01 25.66
C THR G 29 -29.27 23.78 25.63
N LYS G 30 -29.34 23.09 24.48
CA LYS G 30 -30.11 21.86 24.36
C LYS G 30 -29.29 20.69 23.79
N ALA G 31 -29.59 19.47 24.26
CA ALA G 31 -29.00 18.22 23.70
C ALA G 31 -30.00 17.12 23.80
N VAL G 32 -29.74 16.03 23.09
CA VAL G 32 -30.66 14.93 23.04
C VAL G 32 -29.90 13.61 22.85
N CYS G 33 -30.51 12.51 23.25
CA CYS G 33 -29.88 11.21 23.17
C CYS G 33 -30.93 10.17 22.91
N VAL G 34 -30.68 9.34 21.90
CA VAL G 34 -31.54 8.22 21.57
C VAL G 34 -30.87 6.96 22.08
N LEU G 35 -31.51 6.27 23.02
CA LEU G 35 -30.92 5.10 23.63
C LEU G 35 -31.42 3.85 22.93
N LYS G 36 -30.50 2.98 22.49
CA LYS G 36 -30.86 1.67 21.95
C LYS G 36 -29.84 0.67 22.43
N GLY G 37 -30.20 -0.61 22.46
CA GLY G 37 -29.24 -1.66 22.81
C GLY G 37 -29.53 -2.93 22.00
N ASP G 38 -28.99 -4.06 22.45
CA ASP G 38 -29.30 -5.36 21.86
C ASP G 38 -30.68 -5.90 22.16
N GLY G 39 -31.27 -5.47 23.26
CA GLY G 39 -32.52 -6.03 23.70
C GLY G 39 -33.66 -5.08 23.44
N PRO G 40 -34.72 -5.20 24.24
CA PRO G 40 -35.91 -4.36 24.06
C PRO G 40 -35.81 -2.96 24.69
N VAL G 41 -34.75 -2.63 25.43
CA VAL G 41 -34.66 -1.28 25.99
C VAL G 41 -34.37 -0.16 24.96
N GLN G 42 -35.18 0.89 24.96
CA GLN G 42 -34.94 2.05 24.11
C GLN G 42 -35.59 3.27 24.69
N GLY G 43 -35.10 4.44 24.35
CA GLY G 43 -35.72 5.65 24.82
C GLY G 43 -35.10 6.87 24.21
N ILE G 44 -35.58 8.03 24.65
CA ILE G 44 -35.10 9.32 24.20
C ILE G 44 -34.99 10.18 25.44
N ILE G 45 -33.86 10.83 25.61
CA ILE G 45 -33.63 11.66 26.77
C ILE G 45 -33.19 13.02 26.29
N ASN G 46 -33.87 14.06 26.78
CA ASN G 46 -33.47 15.45 26.55
C ASN G 46 -32.65 16.10 27.62
N PHE G 47 -31.81 17.06 27.23
CA PHE G 47 -31.04 17.88 28.13
C PHE G 47 -31.28 19.34 27.79
N GLU G 48 -31.37 20.16 28.83
CA GLU G 48 -31.48 21.61 28.64
C GLU G 48 -30.81 22.38 29.73
N GLN G 49 -30.03 23.38 29.34
CA GLN G 49 -29.26 24.16 30.25
C GLN G 49 -29.43 25.64 29.89
N LYS G 50 -30.20 26.35 30.72
CA LYS G 50 -30.56 27.75 30.46
C LYS G 50 -29.43 28.74 30.63
N GLU G 51 -28.64 28.60 31.70
CA GLU G 51 -27.48 29.47 31.89
C GLU G 51 -26.24 28.58 31.87
N SER G 52 -25.11 29.13 31.43
CA SER G 52 -23.90 28.32 31.28
C SER G 52 -23.32 27.85 32.64
N ASN G 53 -23.49 28.67 33.68
CA ASN G 53 -23.14 28.22 35.03
C ASN G 53 -24.01 27.01 35.46
N GLY G 54 -25.27 27.02 35.01
CA GLY G 54 -26.37 26.44 35.76
C GLY G 54 -26.71 24.98 35.62
N PRO G 55 -27.82 24.58 36.27
CA PRO G 55 -28.30 23.22 36.33
C PRO G 55 -28.77 22.75 34.95
N VAL G 56 -28.62 21.46 34.69
CA VAL G 56 -29.13 20.87 33.47
C VAL G 56 -30.35 20.06 33.82
N LYS G 57 -31.45 20.30 33.13
CA LYS G 57 -32.60 19.43 33.22
C LYS G 57 -32.47 18.25 32.28
N VAL G 58 -32.78 17.06 32.78
CA VAL G 58 -32.69 15.83 32.00
C VAL G 58 -34.01 15.11 32.08
N TRP G 59 -34.66 14.91 30.95
CA TRP G 59 -36.00 14.30 31.01
C TRP G 59 -36.28 13.57 29.76
N GLY G 60 -37.12 12.57 29.87
CA GLY G 60 -37.59 11.88 28.73
C GLY G 60 -38.16 10.60 29.23
N SER G 61 -38.16 9.60 28.36
CA SER G 61 -38.75 8.32 28.66
C SER G 61 -37.93 7.11 28.09
N ILE G 62 -37.91 5.99 28.83
CA ILE G 62 -37.23 4.77 28.41
C ILE G 62 -38.18 3.59 28.59
N LYS G 63 -38.31 2.74 27.59
CA LYS G 63 -39.15 1.54 27.74
C LYS G 63 -38.40 0.24 27.61
N GLY G 64 -39.11 -0.85 27.90
CA GLY G 64 -38.56 -2.18 27.81
C GLY G 64 -37.78 -2.60 29.07
N LEU G 65 -37.84 -1.79 30.13
CA LEU G 65 -37.05 -2.05 31.34
C LEU G 65 -37.77 -2.99 32.32
N THR G 66 -37.05 -3.80 33.08
CA THR G 66 -37.62 -4.48 34.28
C THR G 66 -38.06 -3.44 35.33
N GLU G 67 -39.17 -3.69 36.02
CA GLU G 67 -39.69 -2.70 36.97
C GLU G 67 -38.68 -2.48 38.09
N GLY G 68 -38.53 -1.24 38.54
CA GLY G 68 -37.56 -0.97 39.59
C GLY G 68 -36.47 0.00 39.19
N LEU G 69 -35.38 0.02 39.95
CA LEU G 69 -34.35 1.05 39.82
C LEU G 69 -33.28 0.62 38.80
N HIS G 70 -32.80 1.56 37.98
CA HIS G 70 -31.70 1.28 37.00
C HIS G 70 -30.67 2.39 37.03
N GLY G 71 -29.40 2.03 37.19
CA GLY G 71 -28.33 3.02 37.13
C GLY G 71 -28.39 3.83 35.83
N PHE G 72 -27.96 5.08 35.88
CA PHE G 72 -28.15 5.97 34.76
C PHE G 72 -26.99 6.89 34.80
N HIS G 73 -26.07 6.72 33.82
CA HIS G 73 -24.80 7.43 33.90
C HIS G 73 -24.35 8.00 32.56
N VAL G 74 -23.62 9.10 32.63
CA VAL G 74 -22.85 9.51 31.45
C VAL G 74 -21.47 8.83 31.51
N HIS G 75 -21.12 8.13 30.43
CA HIS G 75 -19.82 7.46 30.30
C HIS G 75 -18.90 8.29 29.39
N GLU G 76 -17.62 8.00 29.45
CA GLU G 76 -16.63 8.90 28.94
C GLU G 76 -16.65 9.05 27.40
N PHE G 77 -16.81 7.96 26.67
CA PHE G 77 -16.63 8.06 25.21
C PHE G 77 -17.93 7.98 24.47
N GLY G 78 -18.06 8.81 23.43
CA GLY G 78 -19.21 8.68 22.52
C GLY G 78 -18.92 7.67 21.41
N ASP G 79 -18.44 6.49 21.80
CA ASP G 79 -17.97 5.43 20.88
C ASP G 79 -18.87 4.21 21.01
N ASN G 80 -19.70 4.01 20.00
CA ASN G 80 -20.61 2.89 19.97
C ASN G 80 -20.17 1.78 19.00
N THR G 81 -18.90 1.76 18.60
CA THR G 81 -18.43 0.74 17.64
C THR G 81 -18.53 -0.69 18.17
N ALA G 82 -18.41 -0.89 19.48
CA ALA G 82 -18.69 -2.24 20.00
C ALA G 82 -19.86 -2.17 20.94
N GLY G 83 -20.92 -1.48 20.51
CA GLY G 83 -22.09 -1.30 21.35
C GLY G 83 -21.71 -0.48 22.59
N CYS G 84 -22.46 -0.69 23.67
CA CYS G 84 -22.27 0.14 24.85
C CYS G 84 -20.92 -0.07 25.57
N THR G 85 -20.26 -1.21 25.33
CA THR G 85 -18.94 -1.48 25.96
C THR G 85 -17.92 -0.47 25.58
N SER G 86 -17.94 -0.02 24.30
CA SER G 86 -16.91 0.92 23.89
C SER G 86 -17.09 2.35 24.44
N ALA G 87 -18.21 2.64 25.13
CA ALA G 87 -18.36 3.95 25.83
C ALA G 87 -17.39 4.16 27.00
N GLY G 88 -16.68 3.12 27.45
CA GLY G 88 -15.69 3.35 28.52
C GLY G 88 -16.37 3.50 29.88
N PRO G 89 -15.66 4.03 30.88
CA PRO G 89 -16.16 4.08 32.27
C PRO G 89 -17.02 5.33 32.49
N HIS G 90 -17.58 5.50 33.70
CA HIS G 90 -18.32 6.73 34.03
C HIS G 90 -17.45 7.94 33.73
N PHE G 91 -18.02 8.99 33.15
CA PHE G 91 -17.28 10.17 32.83
C PHE G 91 -16.77 10.79 34.14
N ASN G 92 -15.45 10.93 34.27
CA ASN G 92 -14.82 11.25 35.56
C ASN G 92 -13.57 12.15 35.42
N PRO G 93 -13.73 13.37 34.90
CA PRO G 93 -12.55 14.20 34.64
C PRO G 93 -11.83 14.68 35.92
N LEU G 94 -12.53 14.71 37.06
CA LEU G 94 -11.88 15.10 38.31
C LEU G 94 -11.30 13.93 39.09
N SER G 95 -11.32 12.71 38.53
CA SER G 95 -10.72 11.52 39.17
C SER G 95 -11.28 11.19 40.56
N ARG G 96 -12.59 11.30 40.72
CA ARG G 96 -13.20 11.03 42.00
C ARG G 96 -13.71 9.62 42.08
N LYS G 97 -14.19 9.23 43.25
CA LYS G 97 -14.81 7.91 43.38
C LYS G 97 -16.29 8.01 43.01
N HIS G 98 -16.93 6.87 42.73
CA HIS G 98 -18.33 6.84 42.35
C HIS G 98 -19.25 7.24 43.54
N GLY G 99 -20.30 8.01 43.28
CA GLY G 99 -21.26 8.36 44.33
C GLY G 99 -22.64 8.54 43.74
N GLY G 100 -23.60 8.98 44.55
CA GLY G 100 -24.90 9.38 44.02
C GLY G 100 -24.90 10.84 43.55
N PRO G 101 -25.94 11.28 42.82
CA PRO G 101 -25.83 12.66 42.28
C PRO G 101 -25.77 13.75 43.34
N LYS G 102 -26.35 13.48 44.52
CA LYS G 102 -26.27 14.45 45.63
C LYS G 102 -24.97 14.44 46.46
N ASP G 103 -24.06 13.50 46.18
CA ASP G 103 -22.79 13.46 46.90
C ASP G 103 -21.77 14.43 46.33
N GLU G 104 -20.98 15.02 47.22
CA GLU G 104 -19.79 15.80 46.85
C GLU G 104 -18.81 14.88 46.12
N GLU G 105 -18.63 13.67 46.66
CA GLU G 105 -17.70 12.70 46.06
C GLU G 105 -18.50 11.85 45.06
N ARG G 106 -18.40 12.21 43.79
CA ARG G 106 -19.07 11.47 42.73
C ARG G 106 -18.28 11.68 41.43
N HIS G 107 -18.52 10.84 40.43
CA HIS G 107 -18.10 11.13 39.06
C HIS G 107 -18.99 12.21 38.47
N VAL G 108 -18.45 12.98 37.53
CA VAL G 108 -19.30 13.90 36.79
C VAL G 108 -20.50 13.19 36.18
N GLY G 109 -20.29 11.97 35.64
CA GLY G 109 -21.38 11.22 35.01
C GLY G 109 -22.40 10.52 35.92
N ASP G 110 -22.30 10.71 37.23
CA ASP G 110 -23.18 9.97 38.15
C ASP G 110 -24.54 10.63 38.32
N LEU G 111 -25.50 10.19 37.53
CA LEU G 111 -26.85 10.73 37.59
C LEU G 111 -27.77 9.85 38.46
N GLY G 112 -27.20 8.88 39.18
CA GLY G 112 -28.00 7.97 40.03
C GLY G 112 -28.86 6.94 39.34
N ASN G 113 -30.11 6.83 39.78
CA ASN G 113 -31.06 5.88 39.23
C ASN G 113 -32.29 6.47 38.49
N VAL G 114 -32.88 5.69 37.61
CA VAL G 114 -34.21 5.99 37.10
C VAL G 114 -35.11 4.84 37.49
N THR G 115 -36.44 5.08 37.49
CA THR G 115 -37.39 4.08 37.97
C THR G 115 -38.33 3.64 36.85
N ALA G 116 -38.39 2.35 36.63
CA ALA G 116 -39.27 1.76 35.65
C ALA G 116 -40.53 1.32 36.41
N ASP G 117 -41.71 1.78 35.94
CA ASP G 117 -43.03 1.31 36.44
C ASP G 117 -43.26 -0.15 36.05
N LYS G 118 -44.38 -0.74 36.48
CA LYS G 118 -44.65 -2.18 36.22
C LYS G 118 -44.81 -2.52 34.73
N ASP G 119 -45.18 -1.53 33.93
CA ASP G 119 -45.18 -1.65 32.45
C ASP G 119 -43.81 -1.43 31.79
N GLY G 120 -42.73 -1.38 32.58
CA GLY G 120 -41.37 -1.27 32.06
C GLY G 120 -40.98 0.10 31.55
N VAL G 121 -41.79 1.11 31.83
CA VAL G 121 -41.52 2.47 31.37
C VAL G 121 -40.91 3.27 32.50
N ALA G 122 -39.76 3.91 32.25
CA ALA G 122 -39.23 4.91 33.16
C ALA G 122 -39.44 6.28 32.54
N ASP G 123 -40.19 7.13 33.25
CA ASP G 123 -40.28 8.55 32.90
C ASP G 123 -39.21 9.20 33.71
N VAL G 124 -38.28 9.86 33.04
CA VAL G 124 -37.14 10.32 33.70
C VAL G 124 -37.28 11.79 33.83
N SER G 125 -36.91 12.32 34.99
CA SER G 125 -36.89 13.73 35.20
C SER G 125 -35.94 14.05 36.34
N ILE G 126 -34.82 14.68 35.99
CA ILE G 126 -33.73 14.84 36.87
C ILE G 126 -33.20 16.25 36.65
N GLU G 127 -32.66 16.85 37.70
CA GLU G 127 -32.00 18.10 37.52
C GLU G 127 -30.62 17.99 38.15
N ASP G 128 -29.58 18.43 37.45
CA ASP G 128 -28.24 18.21 37.91
C ASP G 128 -27.35 19.39 37.66
N SER G 129 -26.50 19.71 38.62
CA SER G 129 -25.67 20.88 38.48
C SER G 129 -24.22 20.58 38.33
N VAL G 130 -23.89 19.28 38.24
CA VAL G 130 -22.51 18.88 38.01
C VAL G 130 -22.19 18.60 36.53
N ILE G 131 -23.06 17.89 35.84
CA ILE G 131 -22.94 17.80 34.37
C ILE G 131 -23.14 19.19 33.77
N SER G 132 -22.60 19.41 32.56
CA SER G 132 -22.81 20.64 31.82
C SER G 132 -22.94 20.37 30.31
N LEU G 133 -23.51 21.33 29.59
CA LEU G 133 -23.52 21.29 28.13
C LEU G 133 -22.41 22.11 27.49
N SER G 134 -21.56 22.73 28.31
CA SER G 134 -20.33 23.41 27.86
C SER G 134 -19.23 23.29 28.90
N GLY G 135 -18.00 23.71 28.56
CA GLY G 135 -16.86 23.66 29.48
C GLY G 135 -16.34 22.27 29.80
N ASP G 136 -15.57 22.20 30.89
CA ASP G 136 -14.77 21.01 31.29
C ASP G 136 -15.61 19.78 31.65
N HIS G 137 -16.84 20.01 32.08
CA HIS G 137 -17.78 18.95 32.43
C HIS G 137 -18.80 18.75 31.31
N CYS G 138 -18.48 19.26 30.12
CA CYS G 138 -19.37 19.12 28.98
C CYS G 138 -19.64 17.64 28.64
N ILE G 139 -20.88 17.24 28.40
CA ILE G 139 -21.15 15.82 28.13
C ILE G 139 -21.57 15.58 26.68
N ILE G 140 -21.57 16.66 25.90
CA ILE G 140 -21.97 16.55 24.49
C ILE G 140 -20.93 15.66 23.84
N GLY G 141 -21.37 14.65 23.09
CA GLY G 141 -20.37 13.84 22.37
C GLY G 141 -19.94 12.66 23.23
N ARG G 142 -20.48 12.55 24.45
CA ARG G 142 -20.24 11.38 25.30
C ARG G 142 -21.46 10.48 25.23
N THR G 143 -21.55 9.46 26.08
CA THR G 143 -22.56 8.44 25.93
C THR G 143 -23.40 8.33 27.20
N LEU G 144 -24.70 8.32 27.02
CA LEU G 144 -25.59 8.10 28.18
C LEU G 144 -25.93 6.63 28.19
N VAL G 145 -25.86 5.99 29.37
CA VAL G 145 -26.13 4.57 29.44
C VAL G 145 -27.16 4.25 30.54
N VAL G 146 -28.11 3.37 30.24
CA VAL G 146 -29.00 2.86 31.30
C VAL G 146 -28.61 1.43 31.62
N HIS G 147 -28.49 1.14 32.92
CA HIS G 147 -27.91 -0.16 33.36
C HIS G 147 -28.97 -1.18 33.83
N GLU G 148 -28.51 -2.43 33.93
CA GLU G 148 -29.31 -3.59 34.26
C GLU G 148 -29.91 -3.54 35.67
N LYS G 149 -29.10 -3.13 36.65
CA LYS G 149 -29.52 -3.10 38.08
C LYS G 149 -29.45 -1.69 38.70
N ALA G 150 -29.89 -1.58 39.96
CA ALA G 150 -29.83 -0.33 40.72
C ALA G 150 -28.40 0.10 40.90
N ASP G 151 -28.14 1.40 40.80
CA ASP G 151 -26.85 1.95 41.26
C ASP G 151 -26.95 2.03 42.80
N ASP G 152 -25.95 1.49 43.52
CA ASP G 152 -25.95 1.54 45.02
C ASP G 152 -25.39 2.86 45.58
N LEU G 153 -25.07 3.77 44.66
CA LEU G 153 -24.66 5.15 44.98
C LEU G 153 -23.39 5.19 45.78
N GLY G 154 -22.54 4.16 45.63
CA GLY G 154 -21.28 4.18 46.33
C GLY G 154 -21.42 3.64 47.73
N LYS G 155 -22.55 3.03 48.06
CA LYS G 155 -22.75 2.59 49.45
C LYS G 155 -22.77 1.06 49.63
N GLY G 156 -22.21 0.36 48.67
CA GLY G 156 -22.25 -1.09 48.66
C GLY G 156 -21.17 -1.79 49.47
N GLY G 157 -20.12 -1.05 49.88
CA GLY G 157 -19.05 -1.55 50.74
C GLY G 157 -18.05 -2.51 50.09
N ASN G 158 -18.17 -2.72 48.79
CA ASN G 158 -17.13 -3.45 48.05
C ASN G 158 -16.38 -2.48 47.11
N GLU G 159 -15.27 -2.92 46.52
CA GLU G 159 -14.48 -2.06 45.63
C GLU G 159 -15.31 -1.59 44.44
N GLU G 160 -16.10 -2.48 43.89
CA GLU G 160 -16.91 -2.19 42.70
C GLU G 160 -17.92 -1.04 42.98
N SER G 161 -18.40 -0.92 44.21
CA SER G 161 -19.35 0.16 44.52
C SER G 161 -18.78 1.55 44.24
N THR G 162 -17.50 1.75 44.57
CA THR G 162 -16.77 2.98 44.46
C THR G 162 -16.34 3.27 42.99
N LYS G 163 -16.61 2.32 42.10
CA LYS G 163 -16.28 2.45 40.68
C LYS G 163 -17.54 2.56 39.81
N THR G 164 -18.46 1.61 39.96
CA THR G 164 -19.65 1.57 39.09
C THR G 164 -21.01 1.57 39.85
N GLY G 165 -20.96 1.55 41.17
CA GLY G 165 -22.19 1.43 41.96
C GLY G 165 -22.83 0.06 41.82
N ASN G 166 -22.10 -0.91 41.28
CA ASN G 166 -22.65 -2.26 41.07
C ASN G 166 -23.92 -2.28 40.20
N ALA G 167 -24.05 -1.32 39.28
CA ALA G 167 -25.25 -1.23 38.43
C ALA G 167 -25.31 -2.32 37.30
N GLY G 168 -24.30 -3.20 37.23
CA GLY G 168 -24.34 -4.32 36.28
C GLY G 168 -24.25 -3.89 34.82
N SER G 169 -24.86 -4.69 33.95
N SER G 169 -24.81 -4.72 33.93
CA SER G 169 -24.68 -4.55 32.49
CA SER G 169 -24.59 -4.59 32.48
C SER G 169 -25.26 -3.30 31.86
C SER G 169 -25.27 -3.37 31.84
N ARG G 170 -24.79 -2.99 30.66
CA ARG G 170 -25.27 -1.84 29.91
C ARG G 170 -26.41 -2.24 29.01
N LEU G 171 -27.61 -1.75 29.28
CA LEU G 171 -28.78 -2.25 28.53
C LEU G 171 -29.02 -1.51 27.23
N ALA G 172 -28.82 -0.20 27.25
CA ALA G 172 -28.99 0.63 26.07
C ALA G 172 -28.17 1.89 26.29
N CYS G 173 -27.81 2.57 25.19
CA CYS G 173 -26.97 3.74 25.26
C CYS G 173 -27.11 4.55 23.98
N GLY G 174 -26.66 5.79 23.99
CA GLY G 174 -26.64 6.60 22.80
C GLY G 174 -25.66 7.71 23.01
N VAL G 175 -25.18 8.31 21.91
CA VAL G 175 -24.30 9.48 21.99
C VAL G 175 -25.19 10.71 22.23
N ILE G 176 -24.69 11.63 23.05
CA ILE G 176 -25.39 12.85 23.40
C ILE G 176 -25.04 13.90 22.33
N GLY G 177 -26.06 14.28 21.56
CA GLY G 177 -25.86 15.21 20.42
C GLY G 177 -26.46 16.57 20.67
N ILE G 178 -25.96 17.58 19.93
CA ILE G 178 -26.45 18.98 19.99
C ILE G 178 -27.85 19.01 19.41
N ALA G 179 -28.77 19.67 20.12
CA ALA G 179 -30.16 19.71 19.65
C ALA G 179 -30.56 21.13 19.31
N GLN G 180 -31.64 21.24 18.56
CA GLN G 180 -32.12 22.57 18.20
C GLN G 180 -32.89 23.19 19.36
N MET H 27 -9.36 20.05 23.57
CA MET H 27 -8.78 18.81 24.16
C MET H 27 -9.04 17.53 23.31
N ALA H 28 -10.21 17.44 22.65
CA ALA H 28 -10.55 16.23 21.85
C ALA H 28 -9.65 16.10 20.60
N THR H 29 -9.09 14.91 20.38
CA THR H 29 -8.26 14.69 19.20
C THR H 29 -8.71 13.48 18.36
N LYS H 30 -9.65 12.67 18.86
CA LYS H 30 -10.21 11.58 18.08
C LYS H 30 -11.69 11.55 18.31
N ALA H 31 -12.40 11.20 17.27
CA ALA H 31 -13.86 11.06 17.34
C ALA H 31 -14.25 9.91 16.43
N VAL H 32 -15.48 9.40 16.62
CA VAL H 32 -15.93 8.26 15.85
C VAL H 32 -17.41 8.40 15.57
N CYS H 33 -17.88 7.72 14.52
CA CYS H 33 -19.30 7.78 14.18
C CYS H 33 -19.75 6.46 13.61
N VAL H 34 -20.84 5.93 14.16
CA VAL H 34 -21.42 4.69 13.69
C VAL H 34 -22.66 5.04 12.85
N LEU H 35 -22.62 4.69 11.56
CA LEU H 35 -23.71 5.10 10.67
C LEU H 35 -24.70 3.97 10.54
N LYS H 36 -25.97 4.30 10.73
CA LYS H 36 -27.06 3.32 10.57
C LYS H 36 -28.26 4.04 9.97
N GLY H 37 -29.08 3.30 9.25
CA GLY H 37 -30.34 3.86 8.77
C GLY H 37 -31.44 2.81 8.73
N ASP H 38 -32.49 3.09 7.96
CA ASP H 38 -33.62 2.15 7.82
C ASP H 38 -33.30 0.95 6.93
N GLY H 39 -32.36 1.14 6.00
CA GLY H 39 -32.05 0.13 5.00
C GLY H 39 -30.76 -0.57 5.32
N PRO H 40 -30.08 -1.10 4.29
CA PRO H 40 -28.89 -1.92 4.58
C PRO H 40 -27.58 -1.11 4.71
N VAL H 41 -27.63 0.21 4.57
CA VAL H 41 -26.40 1.04 4.60
C VAL H 41 -25.85 1.16 6.03
N GLN H 42 -24.57 0.85 6.23
CA GLN H 42 -24.01 1.03 7.55
C GLN H 42 -22.52 1.17 7.44
N GLY H 43 -21.94 1.86 8.41
CA GLY H 43 -20.49 1.93 8.48
C GLY H 43 -19.97 2.58 9.73
N ILE H 44 -18.65 2.69 9.79
CA ILE H 44 -17.96 3.31 10.91
C ILE H 44 -16.97 4.29 10.33
N ILE H 45 -17.07 5.53 10.75
CA ILE H 45 -16.14 6.57 10.34
C ILE H 45 -15.35 7.09 11.53
N ASN H 46 -14.03 7.13 11.37
CA ASN H 46 -13.11 7.71 12.39
C ASN H 46 -12.64 9.06 12.05
N PHE H 47 -12.32 9.86 13.06
CA PHE H 47 -11.79 11.20 12.90
C PHE H 47 -10.56 11.36 13.77
N GLU H 48 -9.54 12.04 13.24
CA GLU H 48 -8.34 12.30 14.05
C GLU H 48 -7.81 13.68 13.80
N GLN H 49 -7.55 14.41 14.87
CA GLN H 49 -6.98 15.73 14.68
C GLN H 49 -5.95 16.02 15.78
N LYS H 50 -4.69 15.80 15.46
CA LYS H 50 -3.60 15.92 16.46
C LYS H 50 -3.28 17.37 16.85
N GLU H 51 -3.32 18.29 15.91
CA GLU H 51 -3.06 19.72 16.19
C GLU H 51 -4.37 20.46 16.08
N SER H 52 -4.71 21.35 17.02
CA SER H 52 -6.06 21.95 16.96
C SER H 52 -6.29 22.98 15.84
N ASN H 53 -5.21 23.60 15.38
CA ASN H 53 -5.31 24.43 14.19
C ASN H 53 -5.21 23.56 12.90
N GLY H 54 -5.12 22.23 13.08
CA GLY H 54 -4.68 21.36 12.00
C GLY H 54 -5.78 20.65 11.23
N PRO H 55 -5.40 19.97 10.15
CA PRO H 55 -6.44 19.20 9.44
C PRO H 55 -6.96 17.98 10.23
N VAL H 56 -8.15 17.53 9.84
CA VAL H 56 -8.80 16.34 10.40
C VAL H 56 -8.73 15.20 9.38
N LYS H 57 -8.20 14.04 9.79
CA LYS H 57 -8.27 12.82 8.97
C LYS H 57 -9.60 12.16 9.20
N VAL H 58 -10.28 11.75 8.13
CA VAL H 58 -11.57 11.09 8.23
C VAL H 58 -11.47 9.79 7.45
N TRP H 59 -11.76 8.67 8.08
CA TRP H 59 -11.58 7.41 7.36
C TRP H 59 -12.41 6.32 7.94
N GLY H 60 -12.74 5.35 7.13
CA GLY H 60 -13.55 4.23 7.57
C GLY H 60 -14.13 3.57 6.35
N SER H 61 -15.25 2.91 6.53
CA SER H 61 -15.87 2.20 5.45
C SER H 61 -17.39 2.18 5.64
N ILE H 62 -18.11 2.28 4.54
CA ILE H 62 -19.56 2.24 4.58
C ILE H 62 -19.94 1.13 3.62
N LYS H 63 -20.82 0.20 4.03
CA LYS H 63 -21.26 -0.85 3.11
C LYS H 63 -22.78 -0.77 2.85
N GLY H 64 -23.29 -1.58 1.93
CA GLY H 64 -24.72 -1.56 1.61
C GLY H 64 -25.16 -0.48 0.63
N LEU H 65 -24.21 0.24 0.05
CA LEU H 65 -24.52 1.35 -0.83
C LEU H 65 -24.74 0.87 -2.26
N THR H 66 -25.51 1.65 -3.04
CA THR H 66 -25.59 1.50 -4.51
C THR H 66 -24.23 1.97 -5.05
N GLU H 67 -23.71 1.28 -6.06
CA GLU H 67 -22.38 1.65 -6.62
C GLU H 67 -22.35 3.10 -7.15
N GLY H 68 -21.24 3.81 -7.01
CA GLY H 68 -21.10 5.19 -7.49
C GLY H 68 -21.00 6.20 -6.37
N LEU H 69 -21.30 7.46 -6.68
CA LEU H 69 -20.97 8.59 -5.83
C LEU H 69 -22.09 8.87 -4.80
N HIS H 70 -21.71 9.22 -3.57
CA HIS H 70 -22.76 9.49 -2.53
C HIS H 70 -22.35 10.71 -1.73
N GLY H 71 -23.25 11.69 -1.64
CA GLY H 71 -22.99 12.89 -0.86
C GLY H 71 -22.65 12.49 0.61
N PHE H 72 -21.78 13.26 1.24
CA PHE H 72 -21.19 12.87 2.55
C PHE H 72 -21.00 14.15 3.35
N HIS H 73 -21.86 14.38 4.37
CA HIS H 73 -21.88 15.70 5.00
C HIS H 73 -22.01 15.66 6.52
N VAL H 74 -21.47 16.66 7.20
CA VAL H 74 -21.79 16.86 8.63
C VAL H 74 -23.01 17.83 8.68
N HIS H 75 -24.09 17.36 9.27
CA HIS H 75 -25.34 18.12 9.44
C HIS H 75 -25.36 18.75 10.84
N GLU H 76 -26.22 19.76 11.03
CA GLU H 76 -26.09 20.65 12.16
C GLU H 76 -26.33 19.98 13.53
N PHE H 77 -27.35 19.13 13.63
CA PHE H 77 -27.78 18.62 14.96
C PHE H 77 -27.48 17.15 15.14
N GLY H 78 -27.05 16.79 16.34
CA GLY H 78 -26.89 15.39 16.71
C GLY H 78 -28.14 14.78 17.26
N ASP H 79 -29.25 15.03 16.55
CA ASP H 79 -30.57 14.59 16.94
C ASP H 79 -31.06 13.52 15.97
N ASN H 80 -31.24 12.32 16.47
CA ASN H 80 -31.68 11.22 15.66
C ASN H 80 -33.05 10.71 16.08
N THR H 81 -33.82 11.57 16.73
CA THR H 81 -35.12 11.12 17.29
C THR H 81 -36.12 10.77 16.22
N ALA H 82 -36.02 11.41 15.06
CA ALA H 82 -36.87 11.02 13.94
C ALA H 82 -35.97 10.53 12.78
N GLY H 83 -35.03 9.64 13.09
CA GLY H 83 -34.04 9.19 12.09
C GLY H 83 -33.17 10.34 11.59
N CYS H 84 -32.67 10.22 10.36
CA CYS H 84 -31.72 11.21 9.87
C CYS H 84 -32.35 12.57 9.58
N THR H 85 -33.67 12.62 9.42
CA THR H 85 -34.35 13.93 9.23
C THR H 85 -34.12 14.93 10.35
N SER H 86 -34.07 14.45 11.61
CA SER H 86 -33.87 15.41 12.72
C SER H 86 -32.50 16.01 12.75
N ALA H 87 -31.57 15.51 11.91
CA ALA H 87 -30.25 16.13 11.90
C ALA H 87 -30.22 17.56 11.38
N GLY H 88 -31.29 17.99 10.69
CA GLY H 88 -31.32 19.36 10.18
C GLY H 88 -30.46 19.46 8.89
N PRO H 89 -30.02 20.69 8.54
CA PRO H 89 -29.27 20.97 7.31
C PRO H 89 -27.75 20.78 7.47
N HIS H 90 -26.98 20.97 6.40
CA HIS H 90 -25.51 20.87 6.46
C HIS H 90 -25.05 21.87 7.53
N PHE H 91 -24.11 21.45 8.36
CA PHE H 91 -23.54 22.32 9.36
C PHE H 91 -22.91 23.52 8.65
N ASN H 92 -23.37 24.72 9.03
CA ASN H 92 -23.04 25.91 8.26
C ASN H 92 -22.95 27.12 9.17
N PRO H 93 -22.01 27.14 10.13
CA PRO H 93 -21.96 28.26 11.07
C PRO H 93 -21.52 29.60 10.43
N LEU H 94 -20.85 29.57 9.27
CA LEU H 94 -20.45 30.82 8.65
C LEU H 94 -21.48 31.31 7.63
N SER H 95 -22.64 30.65 7.57
CA SER H 95 -23.73 31.05 6.64
C SER H 95 -23.29 31.18 5.17
N ARG H 96 -22.48 30.22 4.69
CA ARG H 96 -22.03 30.23 3.28
C ARG H 96 -22.98 29.42 2.44
N LYS H 97 -22.77 29.44 1.12
CA LYS H 97 -23.48 28.54 0.20
C LYS H 97 -22.79 27.15 0.16
N HIS H 98 -23.53 26.13 -0.27
CA HIS H 98 -23.01 24.78 -0.41
C HIS H 98 -21.92 24.67 -1.48
N GLY H 99 -20.87 23.92 -1.19
CA GLY H 99 -19.87 23.64 -2.21
C GLY H 99 -19.23 22.30 -1.99
N GLY H 100 -18.14 22.07 -2.72
CA GLY H 100 -17.27 20.93 -2.52
C GLY H 100 -16.25 21.25 -1.46
N PRO H 101 -15.60 20.21 -0.91
CA PRO H 101 -14.63 20.44 0.13
C PRO H 101 -13.44 21.28 -0.33
N LYS H 102 -13.12 21.29 -1.62
CA LYS H 102 -11.99 22.09 -2.13
C LYS H 102 -12.36 23.56 -2.36
N ASP H 103 -13.66 23.89 -2.30
CA ASP H 103 -14.15 25.25 -2.52
C ASP H 103 -13.96 26.15 -1.31
N GLU H 104 -13.59 27.39 -1.57
CA GLU H 104 -13.50 28.35 -0.47
C GLU H 104 -14.92 28.66 0.01
N GLU H 105 -15.86 28.66 -0.92
CA GLU H 105 -17.25 28.84 -0.56
C GLU H 105 -17.90 27.48 -0.40
N ARG H 106 -18.04 27.05 0.86
CA ARG H 106 -18.71 25.77 1.19
C ARG H 106 -19.31 25.87 2.61
N HIS H 107 -20.23 24.98 2.94
CA HIS H 107 -20.53 24.79 4.36
C HIS H 107 -19.39 24.09 5.07
N VAL H 108 -19.23 24.36 6.37
CA VAL H 108 -18.26 23.59 7.15
C VAL H 108 -18.44 22.07 6.98
N GLY H 109 -19.69 21.63 6.95
CA GLY H 109 -20.00 20.21 6.87
C GLY H 109 -19.85 19.55 5.48
N ASP H 110 -19.35 20.30 4.48
CA ASP H 110 -19.38 19.80 3.08
C ASP H 110 -18.19 18.89 2.83
N LEU H 111 -18.38 17.59 3.00
CA LEU H 111 -17.21 16.74 2.78
C LEU H 111 -17.22 16.07 1.39
N GLY H 112 -18.08 16.55 0.48
CA GLY H 112 -18.03 16.07 -0.92
C GLY H 112 -18.72 14.74 -1.13
N ASN H 113 -18.06 13.85 -1.88
CA ASN H 113 -18.65 12.56 -2.21
C ASN H 113 -17.71 11.44 -1.79
N VAL H 114 -18.28 10.30 -1.40
CA VAL H 114 -17.55 9.06 -1.21
C VAL H 114 -18.04 8.14 -2.33
N THR H 115 -17.19 7.21 -2.73
CA THR H 115 -17.49 6.37 -3.92
C THR H 115 -17.62 4.93 -3.53
N ALA H 116 -18.80 4.35 -3.78
CA ALA H 116 -18.98 2.95 -3.49
C ALA H 116 -18.60 2.15 -4.73
N ASP H 117 -17.88 1.03 -4.51
CA ASP H 117 -17.47 0.15 -5.60
C ASP H 117 -18.65 -0.76 -6.04
N LYS H 118 -18.38 -1.71 -6.94
CA LYS H 118 -19.39 -2.62 -7.49
C LYS H 118 -20.06 -3.46 -6.43
N ASP H 119 -19.37 -3.75 -5.32
CA ASP H 119 -19.94 -4.53 -4.22
C ASP H 119 -20.65 -3.65 -3.20
N GLY H 120 -20.78 -2.36 -3.46
CA GLY H 120 -21.51 -1.46 -2.58
C GLY H 120 -20.72 -0.95 -1.39
N VAL H 121 -19.38 -1.06 -1.47
CA VAL H 121 -18.51 -0.67 -0.34
C VAL H 121 -17.75 0.62 -0.67
N ALA H 122 -17.91 1.62 0.18
CA ALA H 122 -17.17 2.86 0.02
C ALA H 122 -16.12 2.95 1.14
N ASP H 123 -14.87 2.74 0.78
CA ASP H 123 -13.74 3.04 1.67
C ASP H 123 -13.49 4.54 1.68
N VAL H 124 -13.61 5.15 2.85
CA VAL H 124 -13.55 6.58 2.95
C VAL H 124 -12.13 6.95 3.40
N SER H 125 -11.56 7.91 2.70
CA SER H 125 -10.28 8.43 3.10
C SER H 125 -10.22 9.88 2.68
N ILE H 126 -10.26 10.75 3.67
CA ILE H 126 -10.42 12.20 3.47
C ILE H 126 -9.48 12.91 4.44
N GLU H 127 -8.86 14.00 3.99
CA GLU H 127 -8.24 14.95 4.90
C GLU H 127 -8.94 16.28 4.70
N ASP H 128 -9.39 16.89 5.78
CA ASP H 128 -10.17 18.14 5.65
C ASP H 128 -9.70 19.19 6.65
N SER H 129 -9.50 20.42 6.17
N SER H 129 -9.50 20.43 6.18
CA SER H 129 -8.98 21.50 7.02
CA SER H 129 -8.97 21.49 7.05
C SER H 129 -9.98 22.58 7.39
C SER H 129 -10.03 22.43 7.62
N VAL H 130 -11.25 22.32 7.12
CA VAL H 130 -12.33 23.23 7.53
C VAL H 130 -13.09 22.68 8.75
N ILE H 131 -13.49 21.41 8.74
CA ILE H 131 -14.06 20.80 9.96
C ILE H 131 -13.03 20.79 11.08
N SER H 132 -13.50 20.70 12.32
CA SER H 132 -12.58 20.62 13.42
C SER H 132 -13.16 19.76 14.53
N LEU H 133 -12.30 19.29 15.41
CA LEU H 133 -12.78 18.59 16.62
C LEU H 133 -12.84 19.50 17.87
N SER H 134 -12.58 20.79 17.68
CA SER H 134 -12.71 21.80 18.75
C SER H 134 -12.99 23.20 18.16
N GLY H 135 -13.41 24.17 18.98
CA GLY H 135 -13.68 25.53 18.48
C GLY H 135 -15.01 25.69 17.76
N ASP H 136 -15.13 26.78 17.00
CA ASP H 136 -16.37 27.14 16.26
C ASP H 136 -16.76 26.17 15.14
N HIS H 137 -15.77 25.48 14.58
CA HIS H 137 -16.03 24.54 13.48
C HIS H 137 -16.21 23.12 14.03
N CYS H 138 -16.26 23.00 15.36
CA CYS H 138 -16.31 21.70 16.04
C CYS H 138 -17.50 20.87 15.58
N ILE H 139 -17.25 19.62 15.18
CA ILE H 139 -18.31 18.74 14.68
C ILE H 139 -18.73 17.65 15.70
N ILE H 140 -18.06 17.58 16.85
CA ILE H 140 -18.43 16.59 17.90
C ILE H 140 -19.85 16.91 18.36
N GLY H 141 -20.74 15.93 18.38
CA GLY H 141 -22.09 16.14 18.85
C GLY H 141 -23.04 16.47 17.72
N ARG H 142 -22.53 16.55 16.50
CA ARG H 142 -23.37 16.75 15.31
C ARG H 142 -23.52 15.42 14.58
N THR H 143 -24.15 15.39 13.39
CA THR H 143 -24.50 14.14 12.76
C THR H 143 -23.78 14.03 11.40
N LEU H 144 -23.23 12.86 11.14
CA LEU H 144 -22.63 12.56 9.81
C LEU H 144 -23.66 11.80 9.07
N VAL H 145 -23.89 12.21 7.82
CA VAL H 145 -24.89 11.59 6.98
C VAL H 145 -24.31 11.21 5.60
N VAL H 146 -24.64 10.01 5.16
CA VAL H 146 -24.33 9.61 3.77
C VAL H 146 -25.64 9.58 2.96
N HIS H 147 -25.59 10.23 1.81
CA HIS H 147 -26.79 10.48 0.99
C HIS H 147 -26.99 9.54 -0.18
N GLU H 148 -28.21 9.56 -0.70
CA GLU H 148 -28.68 8.68 -1.75
C GLU H 148 -27.88 8.80 -3.06
N LYS H 149 -27.49 10.02 -3.39
CA LYS H 149 -27.05 10.38 -4.74
C LYS H 149 -25.80 11.20 -4.64
N ALA H 150 -25.19 11.49 -5.81
CA ALA H 150 -24.01 12.33 -5.81
C ALA H 150 -24.29 13.76 -5.41
N ASP H 151 -23.37 14.35 -4.67
CA ASP H 151 -23.36 15.77 -4.41
C ASP H 151 -22.76 16.47 -5.65
N ASP H 152 -23.43 17.52 -6.16
CA ASP H 152 -22.97 18.22 -7.38
C ASP H 152 -22.02 19.32 -7.02
N LEU H 153 -21.71 19.36 -5.72
CA LEU H 153 -20.71 20.25 -5.17
C LEU H 153 -21.07 21.73 -5.37
N GLY H 154 -22.37 22.03 -5.43
CA GLY H 154 -22.81 23.43 -5.56
C GLY H 154 -22.64 24.00 -6.97
N LYS H 155 -22.61 23.11 -7.97
CA LYS H 155 -22.36 23.53 -9.34
C LYS H 155 -23.44 22.98 -10.22
N GLY H 156 -24.60 22.67 -9.62
CA GLY H 156 -25.72 22.10 -10.36
C GLY H 156 -26.52 23.20 -11.09
N GLY H 157 -26.11 24.45 -10.93
CA GLY H 157 -26.76 25.61 -11.54
C GLY H 157 -28.16 25.97 -11.08
N ASN H 158 -28.69 25.29 -10.05
CA ASN H 158 -30.04 25.59 -9.50
C ASN H 158 -30.00 25.96 -8.02
N GLU H 159 -31.17 26.29 -7.46
CA GLU H 159 -31.23 26.75 -6.06
C GLU H 159 -30.82 25.69 -5.04
N GLU H 160 -31.38 24.50 -5.22
CA GLU H 160 -31.15 23.31 -4.43
C GLU H 160 -29.64 22.94 -4.35
N SER H 161 -28.97 23.03 -5.49
CA SER H 161 -27.52 22.82 -5.53
C SER H 161 -26.79 23.73 -4.56
N THR H 162 -27.26 24.97 -4.37
CA THR H 162 -26.56 25.87 -3.44
C THR H 162 -26.94 25.53 -1.97
N LYS H 163 -27.90 24.64 -1.78
CA LYS H 163 -28.36 24.21 -0.47
C LYS H 163 -27.81 22.85 -0.04
N THR H 164 -28.22 21.81 -0.77
CA THR H 164 -27.87 20.45 -0.46
C THR H 164 -26.89 19.77 -1.46
N GLY H 165 -26.52 20.47 -2.53
CA GLY H 165 -25.78 19.83 -3.65
C GLY H 165 -26.56 18.77 -4.40
N ASN H 166 -27.87 18.75 -4.21
CA ASN H 166 -28.77 17.76 -4.83
C ASN H 166 -28.53 16.29 -4.50
N ALA H 167 -27.96 16.03 -3.32
CA ALA H 167 -27.53 14.67 -2.94
C ALA H 167 -28.70 13.76 -2.51
N GLY H 168 -29.93 14.28 -2.45
CA GLY H 168 -31.09 13.41 -2.20
C GLY H 168 -31.26 12.94 -0.74
N SER H 169 -31.88 11.78 -0.58
N SER H 169 -31.90 11.79 -0.57
CA SER H 169 -32.32 11.26 0.73
CA SER H 169 -32.30 11.31 0.73
C SER H 169 -31.18 10.71 1.59
C SER H 169 -31.10 11.03 1.65
N ARG H 170 -31.43 10.71 2.90
CA ARG H 170 -30.42 10.40 3.92
C ARG H 170 -30.43 8.91 4.14
N LEU H 171 -29.37 8.21 3.72
CA LEU H 171 -29.43 6.77 3.78
C LEU H 171 -29.04 6.24 5.18
N ALA H 172 -28.08 6.90 5.81
CA ALA H 172 -27.58 6.46 7.14
C ALA H 172 -26.91 7.61 7.81
N CYS H 173 -26.91 7.59 9.14
CA CYS H 173 -26.31 8.70 9.88
C CYS H 173 -25.97 8.24 11.28
N GLY H 174 -25.20 9.06 11.97
CA GLY H 174 -24.87 8.77 13.37
C GLY H 174 -24.36 10.02 13.98
N VAL H 175 -24.41 10.08 15.31
CA VAL H 175 -23.90 11.23 16.02
C VAL H 175 -22.39 11.06 16.18
N ILE H 176 -21.64 12.15 16.02
CA ILE H 176 -20.19 12.10 16.12
C ILE H 176 -19.79 12.20 17.61
N GLY H 177 -19.17 11.15 18.13
CA GLY H 177 -18.82 11.09 19.56
C GLY H 177 -17.33 11.08 19.82
N ILE H 178 -16.96 11.52 21.04
CA ILE H 178 -15.56 11.57 21.44
C ILE H 178 -15.05 10.13 21.58
N ALA H 179 -13.88 9.87 20.99
CA ALA H 179 -13.31 8.53 21.01
C ALA H 179 -12.04 8.53 21.90
N GLN H 180 -11.62 7.36 22.36
CA GLN H 180 -10.39 7.27 23.16
C GLN H 180 -9.17 7.34 22.25
N ALA I 28 -8.29 -56.28 -11.26
CA ALA I 28 -8.31 -54.97 -12.00
C ALA I 28 -7.02 -54.62 -12.79
N THR I 29 -7.17 -54.18 -14.04
CA THR I 29 -6.12 -53.41 -14.75
C THR I 29 -6.17 -51.99 -14.14
N LYS I 30 -4.99 -51.37 -14.02
CA LYS I 30 -4.83 -50.08 -13.33
C LYS I 30 -3.87 -49.22 -14.12
N ALA I 31 -4.17 -47.93 -14.13
CA ALA I 31 -3.31 -46.96 -14.79
C ALA I 31 -3.23 -45.77 -13.82
N VAL I 32 -2.22 -44.91 -13.99
CA VAL I 32 -2.07 -43.76 -13.11
C VAL I 32 -1.56 -42.58 -13.95
N CYS I 33 -1.85 -41.35 -13.51
CA CYS I 33 -1.38 -40.19 -14.26
C CYS I 33 -0.94 -39.14 -13.25
N VAL I 34 0.25 -38.58 -13.45
CA VAL I 34 0.67 -37.46 -12.58
C VAL I 34 0.53 -36.18 -13.39
N LEU I 35 -0.34 -35.28 -12.96
CA LEU I 35 -0.58 -34.04 -13.70
C LEU I 35 0.35 -32.95 -13.17
N LYS I 36 1.04 -32.30 -14.09
CA LYS I 36 1.92 -31.17 -13.78
C LYS I 36 1.73 -30.15 -14.91
N GLY I 37 1.99 -28.88 -14.62
CA GLY I 37 2.03 -27.87 -15.68
C GLY I 37 2.96 -26.72 -15.31
N ASP I 38 2.71 -25.53 -15.86
CA ASP I 38 3.59 -24.37 -15.65
C ASP I 38 3.19 -23.58 -14.45
N GLY I 39 2.00 -23.84 -13.92
CA GLY I 39 1.51 -23.12 -12.76
C GLY I 39 1.48 -24.01 -11.54
N PRO I 40 0.60 -23.70 -10.60
CA PRO I 40 0.51 -24.46 -9.36
C PRO I 40 -0.39 -25.72 -9.46
N VAL I 41 -0.99 -25.96 -10.63
CA VAL I 41 -1.97 -27.06 -10.72
C VAL I 41 -1.22 -28.40 -10.77
N GLN I 42 -1.60 -29.31 -9.87
CA GLN I 42 -0.94 -30.63 -9.87
C GLN I 42 -1.82 -31.65 -9.20
N GLY I 43 -1.63 -32.93 -9.57
CA GLY I 43 -2.37 -33.96 -8.87
C GLY I 43 -2.04 -35.32 -9.38
N ILE I 44 -2.74 -36.30 -8.85
CA ILE I 44 -2.52 -37.70 -9.21
C ILE I 44 -3.89 -38.26 -9.45
N ILE I 45 -4.05 -38.90 -10.61
CA ILE I 45 -5.34 -39.45 -10.94
C ILE I 45 -5.11 -40.94 -11.19
N ASN I 46 -6.00 -41.75 -10.62
CA ASN I 46 -5.91 -43.21 -10.70
C ASN I 46 -7.01 -43.73 -11.61
N PHE I 47 -6.73 -44.84 -12.31
CA PHE I 47 -7.76 -45.42 -13.14
C PHE I 47 -7.84 -46.89 -12.77
N GLU I 48 -9.06 -47.41 -12.69
CA GLU I 48 -9.21 -48.83 -12.42
C GLU I 48 -10.36 -49.39 -13.25
N GLN I 49 -10.08 -50.49 -13.96
CA GLN I 49 -11.09 -51.20 -14.75
C GLN I 49 -11.14 -52.70 -14.36
N LYS I 50 -12.19 -53.10 -13.64
CA LYS I 50 -12.31 -54.48 -13.13
C LYS I 50 -12.55 -55.48 -14.25
N GLU I 51 -13.37 -55.11 -15.23
CA GLU I 51 -13.62 -56.00 -16.37
C GLU I 51 -13.22 -55.45 -17.70
N SER I 52 -12.73 -56.36 -18.53
CA SER I 52 -12.15 -56.01 -19.81
C SER I 52 -13.08 -55.07 -20.56
N ASN I 53 -14.37 -55.30 -20.48
CA ASN I 53 -15.23 -54.42 -21.24
C ASN I 53 -15.88 -53.24 -20.51
N GLY I 54 -15.73 -53.20 -19.19
CA GLY I 54 -16.64 -52.43 -18.36
C GLY I 54 -16.20 -51.03 -18.04
N PRO I 55 -16.88 -50.40 -17.07
CA PRO I 55 -16.64 -49.01 -16.63
C PRO I 55 -15.19 -48.84 -16.09
N VAL I 56 -14.60 -47.66 -16.32
CA VAL I 56 -13.31 -47.28 -15.67
C VAL I 56 -13.63 -46.33 -14.52
N LYS I 57 -13.14 -46.63 -13.32
CA LYS I 57 -13.26 -45.69 -12.19
C LYS I 57 -12.07 -44.76 -12.28
N VAL I 58 -12.31 -43.48 -12.13
CA VAL I 58 -11.27 -42.45 -12.27
C VAL I 58 -11.40 -41.67 -10.97
N TRP I 59 -10.32 -41.61 -10.17
CA TRP I 59 -10.38 -40.91 -8.90
C TRP I 59 -9.02 -40.35 -8.52
N GLY I 60 -9.01 -39.28 -7.75
CA GLY I 60 -7.73 -38.78 -7.26
C GLY I 60 -7.94 -37.37 -6.83
N SER I 61 -6.84 -36.63 -6.69
CA SER I 61 -6.96 -35.28 -6.20
C SER I 61 -6.11 -34.37 -7.06
N ILE I 62 -6.66 -33.22 -7.43
CA ILE I 62 -5.91 -32.18 -8.16
C ILE I 62 -5.98 -30.90 -7.30
N LYS I 63 -4.85 -30.25 -7.10
CA LYS I 63 -4.85 -29.04 -6.26
C LYS I 63 -4.37 -27.84 -7.04
N GLY I 64 -4.54 -26.63 -6.51
CA GLY I 64 -4.03 -25.46 -7.24
C GLY I 64 -5.05 -24.88 -8.24
N LEU I 65 -6.29 -25.39 -8.23
CA LEU I 65 -7.31 -24.92 -9.22
C LEU I 65 -8.16 -23.77 -8.71
N THR I 66 -8.71 -22.93 -9.61
CA THR I 66 -9.77 -22.01 -9.20
C THR I 66 -11.05 -22.79 -8.81
N GLU I 67 -11.73 -22.30 -7.79
CA GLU I 67 -13.03 -22.85 -7.39
C GLU I 67 -14.01 -23.01 -8.58
N GLY I 68 -14.68 -24.17 -8.67
CA GLY I 68 -15.68 -24.39 -9.71
C GLY I 68 -15.28 -25.40 -10.79
N LEU I 69 -15.92 -25.32 -11.97
CA LEU I 69 -15.82 -26.38 -13.00
C LEU I 69 -14.60 -26.26 -13.88
N HIS I 70 -13.97 -27.38 -14.17
CA HIS I 70 -12.84 -27.42 -15.08
C HIS I 70 -12.98 -28.60 -16.04
N GLY I 71 -12.76 -28.34 -17.33
CA GLY I 71 -12.77 -29.44 -18.34
C GLY I 71 -11.69 -30.48 -18.05
N PHE I 72 -11.98 -31.75 -18.30
CA PHE I 72 -11.08 -32.81 -17.88
C PHE I 72 -11.11 -33.81 -19.01
N HIS I 73 -10.06 -33.89 -19.83
CA HIS I 73 -10.11 -34.69 -21.09
C HIS I 73 -8.91 -35.54 -21.30
N VAL I 74 -9.13 -36.67 -21.98
CA VAL I 74 -8.01 -37.43 -22.55
C VAL I 74 -7.74 -36.92 -23.96
N HIS I 75 -6.49 -36.49 -24.14
CA HIS I 75 -6.03 -35.99 -25.43
C HIS I 75 -5.27 -37.10 -26.15
N GLU I 76 -5.16 -36.96 -27.47
CA GLU I 76 -4.79 -38.06 -28.33
C GLU I 76 -3.31 -38.54 -28.13
N PHE I 77 -2.36 -37.62 -27.94
CA PHE I 77 -0.95 -38.02 -27.93
C PHE I 77 -0.34 -37.94 -26.53
N GLY I 78 0.50 -38.91 -26.18
CA GLY I 78 1.25 -38.91 -24.91
C GLY I 78 2.58 -38.21 -25.16
N ASP I 79 2.52 -37.02 -25.74
CA ASP I 79 3.68 -36.26 -26.15
C ASP I 79 3.67 -34.94 -25.37
N ASN I 80 4.64 -34.82 -24.48
CA ASN I 80 4.74 -33.66 -23.61
C ASN I 80 5.98 -32.82 -23.99
N THR I 81 6.52 -33.07 -25.17
CA THR I 81 7.77 -32.42 -25.61
C THR I 81 7.61 -30.90 -25.67
N ALA I 82 6.41 -30.38 -25.99
CA ALA I 82 6.18 -28.93 -25.94
C ALA I 82 5.26 -28.57 -24.80
N GLY I 83 5.33 -29.27 -23.67
CA GLY I 83 4.31 -29.11 -22.64
C GLY I 83 2.94 -29.67 -23.09
N CYS I 84 1.88 -29.15 -22.50
CA CYS I 84 0.55 -29.74 -22.71
C CYS I 84 0.07 -29.56 -24.16
N THR I 85 0.59 -28.55 -24.85
CA THR I 85 0.21 -28.29 -26.26
C THR I 85 0.47 -29.49 -27.15
N SER I 86 1.57 -30.20 -26.94
CA SER I 86 1.89 -31.30 -27.83
C SER I 86 0.99 -32.51 -27.65
N ALA I 87 0.06 -32.47 -26.68
CA ALA I 87 -0.89 -33.60 -26.49
C ALA I 87 -1.90 -33.71 -27.62
N GLY I 88 -2.00 -32.67 -28.46
CA GLY I 88 -2.91 -32.71 -29.62
C GLY I 88 -4.37 -32.54 -29.17
N PRO I 89 -5.34 -32.91 -30.02
CA PRO I 89 -6.75 -32.65 -29.67
C PRO I 89 -7.32 -33.72 -28.74
N HIS I 90 -8.62 -33.64 -28.41
CA HIS I 90 -9.23 -34.71 -27.60
C HIS I 90 -9.12 -36.01 -28.33
N PHE I 91 -8.87 -37.09 -27.60
CA PHE I 91 -8.81 -38.44 -28.17
C PHE I 91 -10.20 -38.79 -28.80
N ASN I 92 -10.21 -39.02 -30.11
CA ASN I 92 -11.47 -39.09 -30.87
C ASN I 92 -11.29 -40.13 -32.01
N PRO I 93 -11.07 -41.41 -31.67
CA PRO I 93 -10.80 -42.36 -32.75
C PRO I 93 -12.03 -42.61 -33.67
N LEU I 94 -13.22 -42.19 -33.24
CA LEU I 94 -14.43 -42.41 -34.05
C LEU I 94 -14.91 -41.16 -34.78
N SER I 95 -14.12 -40.08 -34.74
CA SER I 95 -14.44 -38.76 -35.37
C SER I 95 -15.84 -38.25 -35.09
N ARG I 96 -16.13 -38.02 -33.83
CA ARG I 96 -17.43 -37.49 -33.44
C ARG I 96 -17.21 -36.06 -33.04
N LYS I 97 -18.31 -35.35 -32.79
CA LYS I 97 -18.21 -34.03 -32.20
C LYS I 97 -17.98 -34.19 -30.69
N HIS I 98 -17.51 -33.11 -30.09
CA HIS I 98 -17.32 -33.07 -28.64
C HIS I 98 -18.69 -33.17 -27.93
N GLY I 99 -18.76 -33.91 -26.84
CA GLY I 99 -19.96 -33.91 -26.00
C GLY I 99 -19.58 -34.09 -24.55
N GLY I 100 -20.60 -34.24 -23.70
CA GLY I 100 -20.39 -34.58 -22.32
C GLY I 100 -20.28 -36.09 -22.21
N PRO I 101 -19.86 -36.60 -21.03
CA PRO I 101 -19.63 -38.01 -20.87
C PRO I 101 -20.89 -38.87 -21.06
N LYS I 102 -22.06 -38.32 -20.74
CA LYS I 102 -23.32 -39.06 -20.83
C LYS I 102 -23.92 -38.98 -22.25
N ASP I 103 -23.34 -38.18 -23.15
CA ASP I 103 -23.83 -38.08 -24.54
C ASP I 103 -23.42 -39.28 -25.43
N GLU I 104 -24.27 -39.72 -26.37
CA GLU I 104 -23.75 -40.76 -27.32
C GLU I 104 -22.83 -40.16 -28.39
N GLU I 105 -23.08 -38.91 -28.76
CA GLU I 105 -22.16 -38.15 -29.60
C GLU I 105 -21.10 -37.45 -28.68
N ARG I 106 -19.90 -38.03 -28.64
CA ARG I 106 -18.81 -37.44 -27.83
C ARG I 106 -17.49 -38.02 -28.33
N HIS I 107 -16.39 -37.34 -28.00
CA HIS I 107 -15.08 -37.94 -28.17
C HIS I 107 -14.91 -39.05 -27.12
N VAL I 108 -14.10 -40.07 -27.43
CA VAL I 108 -13.76 -41.07 -26.43
C VAL I 108 -13.13 -40.38 -25.19
N GLY I 109 -12.32 -39.34 -25.43
CA GLY I 109 -11.66 -38.60 -24.32
C GLY I 109 -12.52 -37.66 -23.49
N ASP I 110 -13.84 -37.57 -23.75
CA ASP I 110 -14.68 -36.53 -23.12
C ASP I 110 -15.17 -36.98 -21.75
N LEU I 111 -14.38 -36.68 -20.71
CA LEU I 111 -14.75 -37.08 -19.38
C LEU I 111 -15.57 -36.00 -18.66
N GLY I 112 -15.83 -34.90 -19.33
CA GLY I 112 -16.71 -33.87 -18.75
C GLY I 112 -15.93 -32.88 -17.88
N ASN I 113 -16.52 -32.46 -16.78
CA ASN I 113 -15.86 -31.51 -15.88
C ASN I 113 -15.46 -32.19 -14.57
N VAL I 114 -14.48 -31.59 -13.91
CA VAL I 114 -14.26 -31.87 -12.48
C VAL I 114 -14.45 -30.57 -11.70
N THR I 115 -14.75 -30.65 -10.40
CA THR I 115 -15.10 -29.45 -9.66
C THR I 115 -14.12 -29.28 -8.50
N ALA I 116 -13.54 -28.07 -8.42
CA ALA I 116 -12.66 -27.71 -7.34
C ALA I 116 -13.47 -26.97 -6.29
N ASP I 117 -13.16 -27.29 -5.06
CA ASP I 117 -13.80 -26.64 -3.92
C ASP I 117 -13.18 -25.27 -3.66
N LYS I 118 -13.60 -24.61 -2.57
CA LYS I 118 -13.14 -23.24 -2.27
C LYS I 118 -11.66 -23.17 -1.91
N ASP I 119 -11.07 -24.30 -1.50
CA ASP I 119 -9.61 -24.38 -1.33
C ASP I 119 -8.84 -24.76 -2.58
N GLY I 120 -9.50 -24.80 -3.74
CA GLY I 120 -8.80 -25.11 -4.97
C GLY I 120 -8.53 -26.60 -5.20
N VAL I 121 -9.25 -27.48 -4.50
CA VAL I 121 -8.99 -28.90 -4.63
C VAL I 121 -10.17 -29.59 -5.29
N ALA I 122 -9.90 -30.36 -6.33
CA ALA I 122 -10.91 -31.20 -6.99
C ALA I 122 -10.67 -32.60 -6.51
N ASP I 123 -11.60 -33.13 -5.75
CA ASP I 123 -11.52 -34.55 -5.38
C ASP I 123 -12.28 -35.34 -6.41
N VAL I 124 -11.55 -35.78 -7.43
CA VAL I 124 -12.17 -36.32 -8.63
C VAL I 124 -12.77 -37.69 -8.36
N SER I 125 -13.98 -37.92 -8.86
CA SER I 125 -14.65 -39.22 -8.71
C SER I 125 -15.59 -39.39 -9.88
N ILE I 126 -15.16 -40.19 -10.84
CA ILE I 126 -15.85 -40.31 -12.12
C ILE I 126 -15.92 -41.79 -12.45
N GLU I 127 -17.01 -42.20 -13.08
CA GLU I 127 -17.05 -43.54 -13.62
C GLU I 127 -17.44 -43.41 -15.06
N ASP I 128 -16.64 -43.99 -15.94
CA ASP I 128 -16.88 -43.80 -17.35
C ASP I 128 -16.83 -45.10 -18.09
N SER I 129 -17.76 -45.25 -19.03
CA SER I 129 -17.90 -46.50 -19.76
C SER I 129 -17.38 -46.48 -21.17
N VAL I 130 -16.93 -45.32 -21.64
CA VAL I 130 -16.47 -45.17 -23.00
C VAL I 130 -14.93 -45.28 -23.14
N ILE I 131 -14.19 -44.66 -22.21
CA ILE I 131 -12.72 -44.90 -22.19
C ILE I 131 -12.50 -46.34 -21.71
N SER I 132 -11.33 -46.87 -22.03
CA SER I 132 -10.92 -48.17 -21.61
C SER I 132 -9.40 -48.17 -21.35
N LEU I 133 -8.94 -49.13 -20.54
CA LEU I 133 -7.51 -49.42 -20.29
C LEU I 133 -6.97 -50.57 -21.14
N SER I 134 -7.74 -50.98 -22.14
CA SER I 134 -7.26 -51.95 -23.13
C SER I 134 -8.22 -51.86 -24.31
N GLY I 135 -7.87 -52.52 -25.40
CA GLY I 135 -8.73 -52.50 -26.56
C GLY I 135 -8.51 -51.26 -27.39
N ASP I 136 -9.41 -51.02 -28.35
CA ASP I 136 -9.35 -49.90 -29.29
C ASP I 136 -9.57 -48.51 -28.70
N HIS I 137 -10.28 -48.44 -27.58
CA HIS I 137 -10.44 -47.12 -26.91
C HIS I 137 -9.47 -46.94 -25.76
N CYS I 138 -8.33 -47.63 -25.85
CA CYS I 138 -7.36 -47.71 -24.79
C CYS I 138 -6.76 -46.30 -24.59
N ILE I 139 -6.67 -45.86 -23.34
CA ILE I 139 -6.11 -44.51 -23.06
C ILE I 139 -4.70 -44.52 -22.47
N ILE I 140 -4.14 -45.71 -22.22
CA ILE I 140 -2.75 -45.84 -21.77
C ILE I 140 -1.81 -45.26 -22.83
N GLY I 141 -0.82 -44.45 -22.43
CA GLY I 141 0.09 -43.82 -23.43
C GLY I 141 -0.45 -42.54 -24.07
N ARG I 142 -1.63 -42.13 -23.63
CA ARG I 142 -2.20 -40.85 -24.09
C ARG I 142 -2.13 -39.83 -22.93
N THR I 143 -2.64 -38.62 -23.11
CA THR I 143 -2.46 -37.55 -22.11
C THR I 143 -3.76 -37.15 -21.43
N LEU I 144 -3.78 -37.11 -20.09
CA LEU I 144 -4.88 -36.52 -19.37
C LEU I 144 -4.58 -35.03 -19.15
N VAL I 145 -5.56 -34.16 -19.40
CA VAL I 145 -5.41 -32.70 -19.24
C VAL I 145 -6.55 -32.10 -18.43
N VAL I 146 -6.22 -31.19 -17.52
CA VAL I 146 -7.22 -30.48 -16.79
C VAL I 146 -7.12 -29.07 -17.34
N HIS I 147 -8.29 -28.53 -17.69
CA HIS I 147 -8.37 -27.26 -18.40
C HIS I 147 -8.73 -26.08 -17.49
N GLU I 148 -8.51 -24.89 -18.05
CA GLU I 148 -8.70 -23.62 -17.38
C GLU I 148 -10.15 -23.35 -16.96
N LYS I 149 -11.11 -23.70 -17.84
CA LYS I 149 -12.52 -23.28 -17.70
C LYS I 149 -13.47 -24.46 -17.79
N ALA I 150 -14.76 -24.22 -17.51
CA ALA I 150 -15.79 -25.27 -17.62
C ALA I 150 -15.86 -25.77 -19.07
N ASP I 151 -16.00 -27.07 -19.22
CA ASP I 151 -16.38 -27.69 -20.47
C ASP I 151 -17.89 -27.44 -20.65
N ASP I 152 -18.30 -26.86 -21.78
CA ASP I 152 -19.75 -26.66 -22.01
C ASP I 152 -20.47 -27.90 -22.53
N LEU I 153 -19.73 -29.00 -22.63
CA LEU I 153 -20.27 -30.33 -22.90
C LEU I 153 -20.80 -30.36 -24.33
N GLY I 154 -20.19 -29.52 -25.18
CA GLY I 154 -20.56 -29.50 -26.59
C GLY I 154 -21.91 -28.79 -26.82
N LYS I 155 -22.42 -28.05 -25.82
CA LYS I 155 -23.75 -27.39 -25.95
C LYS I 155 -23.69 -25.90 -26.23
N GLY I 156 -22.52 -25.40 -26.60
CA GLY I 156 -22.30 -23.97 -26.69
C GLY I 156 -22.66 -23.37 -28.09
N GLY I 157 -22.91 -24.22 -29.09
CA GLY I 157 -23.46 -23.78 -30.41
C GLY I 157 -22.48 -23.03 -31.28
N ASN I 158 -21.23 -22.97 -30.86
CA ASN I 158 -20.23 -22.37 -31.69
C ASN I 158 -19.25 -23.42 -32.10
N GLU I 159 -18.38 -23.09 -33.05
CA GLU I 159 -17.46 -24.10 -33.54
C GLU I 159 -16.51 -24.65 -32.44
N GLU I 160 -16.08 -23.76 -31.59
CA GLU I 160 -15.13 -24.16 -30.51
C GLU I 160 -15.82 -25.20 -29.57
N SER I 161 -17.12 -25.00 -29.32
CA SER I 161 -17.84 -25.96 -28.48
C SER I 161 -17.76 -27.38 -28.97
N THR I 162 -17.89 -27.54 -30.28
CA THR I 162 -17.90 -28.84 -30.91
C THR I 162 -16.52 -29.51 -31.00
N LYS I 163 -15.45 -28.77 -30.71
CA LYS I 163 -14.06 -29.33 -30.69
C LYS I 163 -13.54 -29.51 -29.25
N THR I 164 -13.71 -28.48 -28.42
CA THR I 164 -13.09 -28.49 -27.07
C THR I 164 -14.01 -28.19 -25.91
N GLY I 165 -15.30 -27.91 -26.16
CA GLY I 165 -16.21 -27.57 -25.07
C GLY I 165 -15.94 -26.16 -24.53
N ASN I 166 -15.14 -25.37 -25.26
CA ASN I 166 -14.74 -24.02 -24.83
C ASN I 166 -14.02 -24.06 -23.44
N ALA I 167 -13.28 -25.13 -23.18
CA ALA I 167 -12.71 -25.31 -21.81
C ALA I 167 -11.39 -24.55 -21.64
N GLY I 168 -10.95 -23.89 -22.73
CA GLY I 168 -9.78 -23.01 -22.64
C GLY I 168 -8.45 -23.74 -22.43
N SER I 169 -7.49 -23.03 -21.84
CA SER I 169 -6.10 -23.50 -21.87
C SER I 169 -5.87 -24.76 -21.00
N ARG I 170 -4.69 -25.34 -21.16
CA ARG I 170 -4.35 -26.63 -20.53
C ARG I 170 -3.51 -26.26 -19.31
N LEU I 171 -4.08 -26.41 -18.12
CA LEU I 171 -3.40 -26.04 -16.87
C LEU I 171 -2.41 -27.07 -16.39
N ALA I 172 -2.74 -28.38 -16.51
CA ALA I 172 -1.77 -29.41 -16.18
C ALA I 172 -2.10 -30.68 -16.95
N CYS I 173 -1.09 -31.51 -17.14
CA CYS I 173 -1.29 -32.76 -17.92
C CYS I 173 -0.27 -33.80 -17.51
N GLY I 174 -0.54 -35.05 -17.89
CA GLY I 174 0.50 -36.10 -17.78
C GLY I 174 0.16 -37.24 -18.71
N VAL I 175 1.16 -38.09 -18.98
CA VAL I 175 0.93 -39.30 -19.78
C VAL I 175 0.33 -40.36 -18.86
N ILE I 176 -0.69 -41.06 -19.36
CA ILE I 176 -1.37 -42.06 -18.56
C ILE I 176 -0.53 -43.35 -18.66
N GLY I 177 -0.08 -43.89 -17.53
CA GLY I 177 0.86 -45.03 -17.59
C GLY I 177 0.29 -46.27 -16.90
N ILE I 178 0.82 -47.46 -17.22
CA ILE I 178 0.38 -48.71 -16.53
C ILE I 178 0.84 -48.70 -15.09
N ALA I 179 -0.05 -49.08 -14.17
CA ALA I 179 0.23 -49.09 -12.76
C ALA I 179 0.14 -50.53 -12.26
N GLN I 180 0.90 -50.82 -11.22
CA GLN I 180 0.88 -52.12 -10.58
C GLN I 180 -0.48 -52.31 -9.90
N ALA J 28 -0.01 -47.72 -34.09
CA ALA J 28 1.08 -47.25 -33.15
C ALA J 28 2.49 -47.46 -33.76
N THR J 29 2.94 -46.52 -34.58
CA THR J 29 4.26 -46.64 -35.20
C THR J 29 5.28 -45.65 -34.58
N LYS J 30 4.80 -44.62 -33.88
CA LYS J 30 5.66 -43.61 -33.19
C LYS J 30 5.31 -43.43 -31.71
N ALA J 31 6.34 -43.23 -30.88
CA ALA J 31 6.18 -42.95 -29.44
C ALA J 31 7.27 -41.94 -29.05
N VAL J 32 7.14 -41.37 -27.85
CA VAL J 32 8.06 -40.32 -27.36
C VAL J 32 8.04 -40.37 -25.84
N CYS J 33 9.16 -39.95 -25.24
CA CYS J 33 9.31 -39.99 -23.82
C CYS J 33 10.06 -38.69 -23.43
N VAL J 34 9.50 -37.95 -22.49
CA VAL J 34 10.20 -36.78 -21.93
C VAL J 34 10.79 -37.16 -20.58
N LEU J 35 12.12 -37.10 -20.46
CA LEU J 35 12.73 -37.57 -19.22
C LEU J 35 12.94 -36.37 -18.29
N LYS J 36 12.59 -36.51 -17.01
CA LYS J 36 12.77 -35.45 -16.00
C LYS J 36 13.06 -36.12 -14.72
N GLY J 37 13.74 -35.45 -13.80
CA GLY J 37 13.99 -36.08 -12.50
C GLY J 37 14.16 -35.05 -11.37
N ASP J 38 14.80 -35.43 -10.28
CA ASP J 38 14.99 -34.53 -9.13
C ASP J 38 16.15 -33.56 -9.27
N GLY J 39 17.05 -33.86 -10.20
CA GLY J 39 18.16 -32.99 -10.49
C GLY J 39 18.04 -32.40 -11.86
N PRO J 40 19.19 -32.17 -12.50
CA PRO J 40 19.15 -31.46 -13.77
C PRO J 40 18.98 -32.34 -15.01
N VAL J 41 18.90 -33.67 -14.85
CA VAL J 41 18.90 -34.56 -16.02
C VAL J 41 17.56 -34.44 -16.77
N GLN J 42 17.62 -34.07 -18.05
CA GLN J 42 16.41 -33.94 -18.89
C GLN J 42 16.70 -34.43 -20.30
N GLY J 43 15.69 -35.02 -20.93
CA GLY J 43 15.88 -35.42 -22.30
C GLY J 43 14.58 -35.77 -22.99
N ILE J 44 14.67 -35.92 -24.29
CA ILE J 44 13.54 -36.32 -25.12
C ILE J 44 14.04 -37.46 -26.00
N ILE J 45 13.35 -38.58 -25.91
CA ILE J 45 13.66 -39.76 -26.69
C ILE J 45 12.48 -40.14 -27.57
N ASN J 46 12.76 -40.34 -28.85
CA ASN J 46 11.75 -40.71 -29.83
C ASN J 46 11.86 -42.18 -30.16
N PHE J 47 10.73 -42.81 -30.54
CA PHE J 47 10.67 -44.23 -30.90
C PHE J 47 9.91 -44.30 -32.21
N GLU J 48 10.41 -45.11 -33.15
CA GLU J 48 9.67 -45.32 -34.40
C GLU J 48 9.78 -46.79 -34.85
N GLN J 49 8.63 -47.35 -35.26
CA GLN J 49 8.58 -48.75 -35.65
C GLN J 49 7.72 -48.86 -36.89
N LYS J 50 8.32 -48.62 -38.04
CA LYS J 50 7.61 -48.54 -39.33
C LYS J 50 6.92 -49.88 -39.70
N GLU J 51 7.53 -51.01 -39.33
CA GLU J 51 6.97 -52.34 -39.64
C GLU J 51 6.46 -53.05 -38.39
N SER J 52 5.25 -53.63 -38.51
CA SER J 52 4.49 -54.24 -37.40
C SER J 52 5.35 -54.98 -36.42
N ASN J 53 6.32 -55.74 -36.90
CA ASN J 53 7.10 -56.50 -35.96
C ASN J 53 8.62 -56.32 -36.01
N GLY J 54 9.04 -55.31 -36.77
CA GLY J 54 10.44 -55.04 -37.02
C GLY J 54 11.11 -54.23 -35.93
N PRO J 55 12.35 -53.80 -36.17
CA PRO J 55 13.11 -53.03 -35.19
C PRO J 55 12.48 -51.66 -34.83
N VAL J 56 12.76 -51.22 -33.62
CA VAL J 56 12.35 -49.88 -33.20
C VAL J 56 13.57 -48.95 -33.28
N LYS J 57 13.47 -47.85 -34.03
CA LYS J 57 14.54 -46.83 -33.92
C LYS J 57 14.28 -46.02 -32.63
N VAL J 58 15.33 -45.87 -31.81
CA VAL J 58 15.30 -45.03 -30.60
C VAL J 58 16.32 -43.90 -30.78
N TRP J 59 15.87 -42.64 -30.79
CA TRP J 59 16.83 -41.57 -30.90
C TRP J 59 16.41 -40.33 -30.11
N GLY J 60 17.41 -39.56 -29.68
CA GLY J 60 17.13 -38.26 -29.08
C GLY J 60 18.37 -37.85 -28.32
N SER J 61 18.17 -37.19 -27.17
CA SER J 61 19.30 -36.56 -26.50
C SER J 61 18.94 -36.36 -25.05
N ILE J 62 19.91 -36.59 -24.16
CA ILE J 62 19.75 -36.37 -22.73
C ILE J 62 20.86 -35.40 -22.31
N LYS J 63 20.51 -34.43 -21.47
CA LYS J 63 21.52 -33.51 -20.94
C LYS J 63 21.53 -33.51 -19.43
N GLY J 64 22.49 -32.80 -18.81
CA GLY J 64 22.61 -32.81 -17.34
C GLY J 64 23.29 -34.02 -16.71
N LEU J 65 23.93 -34.84 -17.54
CA LEU J 65 24.57 -36.05 -17.04
C LEU J 65 26.06 -35.81 -16.68
N THR J 66 26.64 -36.66 -15.84
CA THR J 66 28.11 -36.65 -15.69
C THR J 66 28.71 -37.38 -16.89
N GLU J 67 29.79 -36.85 -17.47
CA GLU J 67 30.55 -37.53 -18.53
C GLU J 67 30.71 -39.04 -18.26
N GLY J 68 30.40 -39.84 -19.27
CA GLY J 68 30.63 -41.28 -19.18
C GLY J 68 29.34 -42.02 -19.44
N LEU J 69 29.34 -43.29 -19.06
CA LEU J 69 28.26 -44.21 -19.43
C LEU J 69 27.18 -44.25 -18.38
N HIS J 70 25.93 -44.28 -18.84
CA HIS J 70 24.83 -44.40 -17.88
C HIS J 70 23.85 -45.43 -18.37
N GLY J 71 23.34 -46.23 -17.44
CA GLY J 71 22.38 -47.29 -17.76
C GLY J 71 21.08 -46.67 -18.26
N PHE J 72 20.41 -47.37 -19.20
CA PHE J 72 19.28 -46.82 -19.93
C PHE J 72 18.33 -47.99 -20.08
N HIS J 73 17.19 -47.93 -19.38
CA HIS J 73 16.20 -49.04 -19.34
C HIS J 73 14.75 -48.64 -19.43
N VAL J 74 13.97 -49.50 -20.06
CA VAL J 74 12.52 -49.44 -19.88
C VAL J 74 12.19 -50.19 -18.62
N HIS J 75 11.43 -49.57 -17.74
CA HIS J 75 10.99 -50.21 -16.53
C HIS J 75 9.52 -50.54 -16.62
N GLU J 76 9.06 -51.36 -15.70
CA GLU J 76 7.73 -52.00 -15.89
C GLU J 76 6.52 -51.06 -15.80
N PHE J 77 6.46 -50.21 -14.79
CA PHE J 77 5.28 -49.36 -14.64
C PHE J 77 5.47 -47.92 -15.10
N GLY J 78 4.41 -47.38 -15.71
CA GLY J 78 4.35 -45.99 -16.11
C GLY J 78 3.82 -45.15 -14.95
N ASP J 79 4.30 -45.45 -13.74
CA ASP J 79 3.81 -44.85 -12.52
C ASP J 79 4.92 -43.91 -12.03
N ASN J 80 4.63 -42.59 -12.04
CA ASN J 80 5.61 -41.62 -11.59
C ASN J 80 5.17 -40.99 -10.25
N THR J 81 4.24 -41.61 -9.56
CA THR J 81 3.69 -40.99 -8.34
C THR J 81 4.73 -40.75 -7.24
N ALA J 82 5.72 -41.61 -7.07
CA ALA J 82 6.83 -41.30 -6.12
C ALA J 82 8.10 -41.08 -6.90
N GLY J 83 8.03 -40.32 -7.98
CA GLY J 83 9.22 -40.13 -8.80
C GLY J 83 9.62 -41.41 -9.48
N CYS J 84 10.91 -41.55 -9.76
CA CYS J 84 11.36 -42.63 -10.63
C CYS J 84 11.26 -44.00 -9.94
N THR J 85 11.20 -43.95 -8.62
CA THR J 85 11.08 -45.15 -7.78
C THR J 85 9.86 -45.97 -8.11
N SER J 86 8.73 -45.32 -8.38
CA SER J 86 7.53 -46.10 -8.63
C SER J 86 7.42 -46.72 -10.02
N ALA J 87 8.42 -46.55 -10.89
CA ALA J 87 8.39 -47.24 -12.14
C ALA J 87 8.67 -48.76 -11.99
N GLY J 88 9.05 -49.18 -10.79
CA GLY J 88 9.32 -50.58 -10.45
C GLY J 88 10.57 -51.13 -11.11
N PRO J 89 10.63 -52.46 -11.31
CA PRO J 89 11.82 -53.08 -11.84
C PRO J 89 11.93 -53.01 -13.37
N HIS J 90 13.04 -53.50 -13.93
CA HIS J 90 13.24 -53.54 -15.39
C HIS J 90 12.06 -54.27 -16.04
N PHE J 91 11.65 -53.85 -17.23
CA PHE J 91 10.50 -54.48 -17.90
C PHE J 91 10.94 -55.87 -18.40
N ASN J 92 10.27 -56.93 -17.90
CA ASN J 92 10.73 -58.32 -18.15
C ASN J 92 9.64 -59.35 -18.41
N PRO J 93 8.91 -59.22 -19.53
CA PRO J 93 7.76 -60.13 -19.74
C PRO J 93 8.18 -61.62 -19.87
N ARG J 106 19.27 -60.70 -21.04
CA ARG J 106 18.81 -59.33 -20.87
C ARG J 106 17.37 -59.28 -20.29
N HIS J 107 16.67 -58.18 -20.55
CA HIS J 107 15.23 -58.05 -20.28
C HIS J 107 14.78 -57.27 -21.49
N VAL J 108 13.47 -57.10 -21.66
CA VAL J 108 12.98 -56.38 -22.82
C VAL J 108 13.40 -54.89 -22.75
N GLY J 109 13.26 -54.27 -21.58
CA GLY J 109 13.79 -52.89 -21.35
C GLY J 109 15.23 -52.46 -21.73
N ASP J 110 16.15 -53.43 -21.84
CA ASP J 110 17.60 -53.18 -21.83
C ASP J 110 18.15 -52.50 -23.07
N LEU J 111 18.42 -51.21 -22.99
CA LEU J 111 18.95 -50.50 -24.11
C LEU J 111 20.42 -50.16 -23.92
N GLY J 112 21.02 -50.80 -22.92
CA GLY J 112 22.44 -50.69 -22.67
C GLY J 112 22.79 -49.41 -21.96
N ASN J 113 23.72 -48.68 -22.54
CA ASN J 113 24.30 -47.48 -21.95
C ASN J 113 24.23 -46.36 -22.91
N VAL J 114 23.86 -45.20 -22.39
CA VAL J 114 24.06 -44.01 -23.13
C VAL J 114 25.41 -43.46 -22.67
N THR J 115 25.98 -42.63 -23.53
CA THR J 115 27.29 -42.10 -23.29
C THR J 115 27.21 -40.61 -23.36
N ALA J 116 27.43 -39.98 -22.19
CA ALA J 116 27.47 -38.52 -22.12
C ALA J 116 28.87 -37.98 -22.42
N ASP J 117 28.93 -36.97 -23.28
CA ASP J 117 30.18 -36.34 -23.62
C ASP J 117 30.66 -35.44 -22.46
N LYS J 118 31.70 -34.67 -22.71
CA LYS J 118 32.34 -33.90 -21.65
C LYS J 118 31.45 -32.75 -21.22
N ASP J 119 30.47 -32.40 -22.07
CA ASP J 119 29.46 -31.35 -21.75
C ASP J 119 28.19 -31.93 -21.13
N GLY J 120 28.22 -33.21 -20.76
CA GLY J 120 27.13 -33.92 -20.09
C GLY J 120 25.93 -34.23 -20.98
N VAL J 121 26.11 -34.21 -22.31
CA VAL J 121 25.02 -34.51 -23.27
C VAL J 121 25.27 -35.91 -23.85
N ALA J 122 24.25 -36.76 -23.77
CA ALA J 122 24.30 -38.08 -24.39
C ALA J 122 23.42 -37.99 -25.64
N ASP J 123 24.02 -38.17 -26.81
CA ASP J 123 23.21 -38.32 -28.03
C ASP J 123 22.81 -39.79 -28.22
N VAL J 124 21.53 -40.07 -28.45
CA VAL J 124 21.07 -41.45 -28.51
C VAL J 124 20.65 -41.74 -29.94
N SER J 125 21.17 -42.82 -30.51
CA SER J 125 20.72 -43.28 -31.82
C SER J 125 20.97 -44.76 -31.88
N ILE J 126 19.96 -45.57 -31.57
CA ILE J 126 20.09 -47.03 -31.58
C ILE J 126 18.91 -47.71 -32.24
N GLU J 127 19.04 -49.02 -32.45
CA GLU J 127 17.96 -49.91 -32.91
C GLU J 127 17.87 -51.14 -32.04
N ASP J 128 16.66 -51.48 -31.66
CA ASP J 128 16.47 -52.62 -30.80
C ASP J 128 15.30 -53.36 -31.38
N SER J 129 15.34 -54.68 -31.32
CA SER J 129 14.20 -55.47 -31.81
C SER J 129 13.73 -56.45 -30.77
N VAL J 130 14.08 -56.18 -29.53
CA VAL J 130 13.41 -56.85 -28.44
C VAL J 130 12.20 -56.04 -27.95
N ILE J 131 12.36 -54.71 -27.88
CA ILE J 131 11.24 -53.84 -27.49
C ILE J 131 10.33 -53.76 -28.72
N SER J 132 9.06 -53.44 -28.47
CA SER J 132 8.11 -53.15 -29.53
C SER J 132 7.13 -52.02 -29.14
N LEU J 133 6.53 -51.38 -30.14
CA LEU J 133 5.41 -50.47 -29.88
C LEU J 133 4.03 -51.16 -29.92
N SER J 134 4.03 -52.49 -29.92
CA SER J 134 2.81 -53.28 -29.72
C SER J 134 3.10 -54.71 -29.30
N GLY J 135 2.08 -55.44 -28.88
CA GLY J 135 2.24 -56.86 -28.64
C GLY J 135 2.70 -57.06 -27.23
N ASP J 136 3.31 -58.21 -27.00
CA ASP J 136 3.70 -58.59 -25.65
C ASP J 136 4.82 -57.67 -25.18
N HIS J 137 5.62 -57.18 -26.13
CA HIS J 137 6.84 -56.46 -25.80
C HIS J 137 6.64 -54.95 -25.90
N CYS J 138 5.37 -54.54 -26.01
CA CYS J 138 4.95 -53.12 -26.08
C CYS J 138 5.46 -52.32 -24.88
N ILE J 139 6.11 -51.18 -25.15
CA ILE J 139 6.67 -50.36 -24.06
C ILE J 139 5.89 -49.06 -23.83
N ILE J 140 4.87 -48.81 -24.67
CA ILE J 140 4.00 -47.65 -24.52
C ILE J 140 3.27 -47.76 -23.20
N GLY J 141 3.28 -46.67 -22.43
CA GLY J 141 2.65 -46.72 -21.12
C GLY J 141 3.58 -47.20 -20.02
N ARG J 142 4.81 -47.53 -20.37
CA ARG J 142 5.80 -47.95 -19.34
C ARG J 142 6.80 -46.79 -19.14
N THR J 143 7.84 -46.97 -18.34
CA THR J 143 8.73 -45.82 -18.02
C THR J 143 10.14 -46.01 -18.56
N LEU J 144 10.71 -45.00 -19.20
CA LEU J 144 12.09 -45.03 -19.61
C LEU J 144 12.92 -44.40 -18.48
N VAL J 145 14.02 -45.02 -18.07
CA VAL J 145 14.81 -44.51 -16.94
C VAL J 145 16.27 -44.38 -17.36
N VAL J 146 16.91 -43.24 -17.04
CA VAL J 146 18.36 -43.13 -17.18
C VAL J 146 18.96 -43.20 -15.78
N HIS J 147 19.99 -44.05 -15.62
CA HIS J 147 20.55 -44.36 -14.29
C HIS J 147 21.89 -43.64 -14.03
N GLU J 148 22.23 -43.57 -12.76
CA GLU J 148 23.39 -42.87 -12.28
C GLU J 148 24.69 -43.55 -12.78
N LYS J 149 24.69 -44.88 -12.74
CA LYS J 149 25.89 -45.65 -13.09
C LYS J 149 25.80 -46.42 -14.40
N ALA J 150 26.97 -46.74 -14.97
CA ALA J 150 27.02 -47.59 -16.16
C ALA J 150 26.34 -48.91 -15.88
N ASP J 151 25.70 -49.43 -16.90
CA ASP J 151 25.28 -50.78 -16.88
C ASP J 151 26.48 -51.61 -17.38
N ASP J 152 26.72 -52.76 -16.77
CA ASP J 152 27.76 -53.67 -17.25
C ASP J 152 27.18 -55.06 -17.62
N SER J 169 20.81 -45.45 -8.43
CA SER J 169 20.06 -44.21 -8.44
C SER J 169 19.47 -43.91 -9.82
N ARG J 170 18.19 -43.52 -9.83
CA ARG J 170 17.50 -43.22 -11.09
C ARG J 170 17.55 -41.70 -11.24
N LEU J 171 18.25 -41.21 -12.27
CA LEU J 171 18.45 -39.79 -12.45
C LEU J 171 17.25 -39.10 -13.08
N ALA J 172 16.65 -39.71 -14.10
CA ALA J 172 15.46 -39.11 -14.72
C ALA J 172 14.61 -40.22 -15.33
N CYS J 173 13.35 -39.90 -15.62
CA CYS J 173 12.45 -40.90 -16.21
C CYS J 173 11.27 -40.22 -16.81
N GLY J 174 10.52 -40.96 -17.64
CA GLY J 174 9.28 -40.44 -18.17
C GLY J 174 8.44 -41.60 -18.66
N VAL J 175 7.14 -41.35 -18.77
CA VAL J 175 6.22 -42.34 -19.34
C VAL J 175 6.30 -42.29 -20.84
N ILE J 176 6.39 -43.47 -21.47
CA ILE J 176 6.46 -43.58 -22.90
C ILE J 176 5.03 -43.42 -23.47
N GLY J 177 4.87 -42.42 -24.34
CA GLY J 177 3.54 -42.05 -24.84
C GLY J 177 3.43 -42.18 -26.36
N ILE J 178 2.20 -42.32 -26.83
CA ILE J 178 1.93 -42.36 -28.29
C ILE J 178 2.19 -41.00 -28.89
N ALA J 179 2.94 -40.98 -29.99
CA ALA J 179 3.20 -39.71 -30.68
C ALA J 179 2.55 -39.67 -32.05
N GLN J 180 2.43 -38.46 -32.59
CA GLN J 180 1.92 -38.24 -33.94
C GLN J 180 3.00 -38.67 -34.92
ZN ZN K . -20.12 18.32 -20.50
C1 GOL L . -23.70 10.91 -17.77
O1 GOL L . -22.96 12.10 -17.49
C2 GOL L . -24.12 10.11 -16.54
O2 GOL L . -24.96 10.83 -15.61
C3 GOL L . -24.82 8.85 -17.01
O3 GOL L . -25.37 8.22 -15.84
ZN ZN M . 12.10 -2.83 -11.61
C1 GOL N . 6.59 -9.47 -17.42
O1 GOL N . 6.47 -10.31 -18.57
C2 GOL N . 7.96 -8.79 -17.44
O2 GOL N . 8.42 -8.69 -18.82
C3 GOL N . 7.78 -7.40 -16.88
O3 GOL N . 8.46 -7.13 -15.70
C1 946 O . 0.45 9.56 3.01
O1 946 O . 0.89 10.29 1.99
C2 946 O . 1.29 8.65 3.63
O2 946 O . 2.54 8.50 3.19
C3 946 O . 0.79 7.92 4.70
O3 946 O . -3.37 10.45 4.46
C4 946 O . -0.52 8.09 5.13
C5 946 O . -1.38 9.02 4.52
C6 946 O . -2.82 9.21 4.94
C7 946 O . -3.74 8.13 4.33
C8 946 O . -4.35 5.73 4.51
C9 946 O . -5.54 4.80 4.74
C10 946 O . -6.34 2.51 4.97
C11 946 O . -6.09 1.15 5.00
C12 946 O . -7.14 0.27 5.18
C13 946 O . -8.44 0.71 5.35
C14 946 O . -8.70 2.09 5.34
C15 946 O . -7.64 2.97 5.14
C16 946 O . -7.87 4.34 5.11
C17 946 O . -6.84 5.25 4.90
C18 946 O . -0.86 9.73 3.46
C19 946 O . -5.32 3.42 4.76
N1 946 O . -4.23 7.02 5.21
S1 PS5 P . 1.11 12.71 -16.65
S2 PS5 P . 0.26 12.57 -14.93
S3 PS5 P . -1.52 13.50 -15.24
S4 PS5 P . -2.18 14.22 -13.46
S5 PS5 P . -0.74 13.96 -12.20
ZN ZN Q . 8.03 -6.88 15.13
C1 GOL R . 1.95 -12.52 16.04
O1 GOL R . 3.10 -12.15 16.81
C2 GOL R . 0.78 -13.03 16.86
O2 GOL R . -0.49 -12.42 16.47
C3 GOL R . 0.81 -14.54 16.70
O3 GOL R . -0.30 -15.15 17.39
S1 PS5 S . 15.38 -6.39 36.29
S2 PS5 S . 15.28 -5.45 34.60
S3 PS5 S . 13.26 -5.48 34.68
S4 PS5 S . 12.41 -4.57 33.10
S5 PS5 S . 11.03 -3.86 34.24
ZN ZN T . 14.24 -15.41 53.13
C1 946 U . 2.43 -27.88 34.90
O1 946 U . 1.94 -27.47 36.13
C2 946 U . 1.86 -27.45 33.67
O2 946 U . 0.76 -26.61 33.66
C3 946 U . 2.40 -27.86 32.44
O3 946 U . 5.31 -31.01 34.79
C4 946 U . 3.50 -28.71 32.44
C5 946 U . 4.11 -29.17 33.65
C6 946 U . 5.30 -30.10 33.63
C7 946 U . 5.33 -30.99 32.36
C18 946 U . 3.56 -28.72 34.87
ZN ZN V . 19.34 26.36 0.92
S1 PS5 W . 11.06 25.51 -16.53
S2 PS5 W . 12.93 25.17 -16.89
S3 PS5 W . 13.08 25.41 -18.89
S4 PS5 W . 14.35 23.91 -19.34
S5 PS5 W . 14.66 24.16 -21.21
ZN ZN X . 12.84 35.06 -36.85
ZN ZN Y . -19.81 6.74 38.68
ZN ZN Z . -23.51 21.81 2.20
C1 946 AA . -4.95 11.90 2.03
O1 946 AA . -3.85 12.45 1.57
C2 946 AA . -6.04 11.86 1.24
O2 946 AA . -5.99 12.39 0.05
C3 946 AA . -7.20 11.30 1.67
O3 946 AA . -5.81 11.31 5.88
C4 946 AA . -7.28 10.77 2.92
C5 946 AA . -6.18 10.76 3.71
C6 946 AA . -6.20 10.24 5.07
C7 946 AA . -7.49 9.73 5.67
C8 946 AA . -6.03 8.57 7.09
C9 946 AA . -5.77 7.43 8.05
C10 946 AA . -5.78 5.11 8.64
C11 946 AA . -6.07 3.78 8.32
C12 946 AA . -5.81 2.79 9.23
C13 946 AA . -5.28 3.11 10.47
C14 946 AA . -5.00 4.42 10.79
C15 946 AA . -5.25 5.42 9.87
C16 946 AA . -4.97 6.72 10.19
C17 946 AA . -5.21 7.71 9.28
C18 946 AA . -5.00 11.34 3.28
C19 946 AA . -6.05 6.10 7.71
N1 946 AA . -7.18 8.43 6.19
ZN ZN BA . -13.96 -33.59 -26.68
#